data_5OOQ
#
_entry.id   5OOQ
#
_cell.length_a   77.231
_cell.length_b   151.370
_cell.length_c   133.043
_cell.angle_alpha   90.00
_cell.angle_beta   92.72
_cell.angle_gamma   90.00
#
_symmetry.space_group_name_H-M   'P 1 21 1'
#
loop_
_entity.id
_entity.type
_entity.pdbx_description
1 polymer 'ATP-dependent RNA helicase DOB1'
2 polymer 'Ribosome biogenesis protein NOP53'
3 non-polymer 'SULFATE ION'
4 water water
#
loop_
_entity_poly.entity_id
_entity_poly.type
_entity_poly.pdbx_seq_one_letter_code
_entity_poly.pdbx_strand_id
1 'polypeptide(L)'
;GPDSMLADSFEQEASREVDASKGLTNSETLQVEQDGKVRLSHQVRHQVALPPNYDYTPIAEHKRVNEARTYPFTLDPFQD
TAISCIDRGESVLVSAHTSAGKTVVAEYAIAQSLKNKQRVIYTSPIKALSNQKYRELLAEFGDVGLMTGDITINPDAGCL
VMTTEILRSMLYRGSEVMREVAWVIFDEVHYMRDKERGVVWEETIILLPDKVRYVFLSATIPNAMEFAEWICKIHSQPCH
IVYTNFRPTPLQHYLFPAHGDGIYLVVDEKSTFREENFQKAMASISNQIGDDPNSTDSRGKKGQTYKGGSAKGDAKGDIY
KIVKMIWKKKYNPVIVFSFSKRDCEELALKMSKLDFNSDDEKEALTKIFNNAIALLPETDRELPQIKHILPLLRRGIGIH
HSGLLPILKEVIEILFQEGFLKVLFATETFSIGLNMPAKTVVFTSVRKWDGQQFRWVSGGEYIQMSGRAGRRGLDDRGIV
IMMIDEKMEPQVAKGMVKGQADRLDSAFHLGYNMILNLMRVEGISPEFMLEHSFFQFQNVISVPVMEKKLAELKKDFDGI
EVEDEENVKEYHEIEQAIKGYREDVRQVVTHPANALSFLQPGRLVEISVNGKDNYGWGAVVDFAKRINKRNPSAVYTDHE
SYIVNVVVNTMYIDSPVNLLKPFNPTLPEGIRPAEEGEKSICAVIPITLDSIKSIGNLRLYMPKDIRASGQKETVGKSLR
EVNRRFPDGIPVLDPVKNMKIEDEDFLKLMKKIDVLNTKLSSNPLTNSMRLEELYGKYSRKHDLHEDMKQLKRKISESQA
VIQLDDLRRRKRVLRRLGFCTPNDIIELKGRVACEISSGDELLLTELIFNGNFNELKPEQAAALLSCFAFQERCKEAPRL
KPELAEPLKAMREIAAKIAKIMKDSKIEVVEKDYVESFRHELMEVVYEWCRGATFTQICKMTDVYEGSLIRMFKRLEELV
KELVDVANTIGNSSLKEKMEAVLKLIHRDIVSAGSLYL
;
A,B
2 'polypeptide(L)' GPDSMALFHVDVEGDEILKNKLIKRKQIKKVLKSKEIL C,D
#
# COMPACT_ATOMS: atom_id res chain seq x y z
N MET A 5 -27.29 -7.33 -36.31
CA MET A 5 -26.49 -7.81 -37.43
C MET A 5 -25.05 -8.06 -36.97
N LEU A 6 -24.59 -9.30 -37.09
CA LEU A 6 -23.28 -9.72 -36.62
C LEU A 6 -22.49 -10.35 -37.76
N ALA A 7 -21.18 -10.49 -37.54
CA ALA A 7 -20.27 -11.07 -38.52
C ALA A 7 -18.92 -11.28 -37.84
N ASP A 8 -17.95 -11.76 -38.63
CA ASP A 8 -16.57 -11.96 -38.21
C ASP A 8 -16.49 -12.80 -36.93
N SER A 9 -16.90 -14.07 -37.09
CA SER A 9 -16.98 -15.02 -35.98
C SER A 9 -15.92 -16.11 -36.07
N PHE A 10 -14.64 -15.73 -35.98
CA PHE A 10 -13.54 -16.69 -36.13
C PHE A 10 -13.02 -17.10 -34.76
N GLU A 11 -12.62 -18.38 -34.66
CA GLU A 11 -11.93 -18.91 -33.49
C GLU A 11 -10.49 -19.21 -33.87
N GLN A 12 -9.57 -19.00 -32.91
CA GLN A 12 -8.16 -19.27 -33.16
C GLN A 12 -7.55 -19.92 -31.92
N GLU A 13 -6.71 -20.92 -32.15
CA GLU A 13 -6.14 -21.75 -31.10
C GLU A 13 -4.74 -21.29 -30.74
N ALA A 14 -4.45 -21.28 -29.43
CA ALA A 14 -3.15 -20.90 -28.92
C ALA A 14 -2.64 -22.02 -28.03
N SER A 15 -1.40 -22.46 -28.28
CA SER A 15 -0.80 -23.58 -27.56
C SER A 15 0.46 -23.13 -26.84
N ARG A 16 0.75 -23.81 -25.74
CA ARG A 16 1.93 -23.52 -24.93
C ARG A 16 2.35 -24.81 -24.25
N GLU A 17 3.54 -24.79 -23.66
CA GLU A 17 4.06 -25.93 -22.91
C GLU A 17 4.29 -25.53 -21.47
N VAL A 18 3.96 -26.45 -20.55
CA VAL A 18 4.13 -26.24 -19.13
C VAL A 18 4.92 -27.42 -18.57
N ASP A 19 5.57 -27.18 -17.44
CA ASP A 19 6.29 -28.25 -16.75
C ASP A 19 5.34 -29.42 -16.45
N ALA A 20 5.89 -30.62 -16.47
CA ALA A 20 5.07 -31.80 -16.22
C ALA A 20 4.72 -31.88 -14.73
N SER A 21 3.68 -32.66 -14.43
CA SER A 21 3.24 -32.82 -13.04
C SER A 21 2.51 -34.14 -12.89
N LYS A 22 2.85 -34.89 -11.86
CA LYS A 22 2.07 -36.05 -11.46
C LYS A 22 0.98 -35.68 -10.47
N GLY A 23 0.97 -34.44 -9.99
CA GLY A 23 -0.05 -33.99 -9.06
C GLY A 23 -0.04 -34.82 -7.79
N LEU A 24 -1.18 -35.44 -7.50
CA LEU A 24 -1.28 -36.35 -6.37
C LEU A 24 -1.40 -37.80 -6.80
N THR A 25 -1.52 -38.06 -8.09
CA THR A 25 -1.47 -39.40 -8.62
C THR A 25 -0.04 -39.93 -8.63
N ASN A 26 0.09 -41.25 -8.49
CA ASN A 26 1.40 -41.90 -8.56
C ASN A 26 1.78 -42.16 -10.01
N SER A 27 1.27 -41.34 -10.92
CA SER A 27 1.56 -41.47 -12.34
C SER A 27 1.29 -40.14 -13.01
N GLU A 28 1.96 -39.90 -14.13
CA GLU A 28 1.79 -38.65 -14.86
C GLU A 28 0.39 -38.58 -15.44
N THR A 29 -0.21 -37.38 -15.40
CA THR A 29 -1.60 -37.22 -15.83
C THR A 29 -1.73 -37.17 -17.34
N LEU A 30 -0.85 -36.44 -18.01
CA LEU A 30 -0.92 -36.24 -19.45
C LEU A 30 0.37 -36.71 -20.10
N GLN A 31 0.25 -37.29 -21.30
CA GLN A 31 1.41 -37.79 -22.01
C GLN A 31 2.37 -36.66 -22.32
N VAL A 32 3.61 -36.81 -21.87
CA VAL A 32 4.59 -35.74 -21.98
C VAL A 32 5.17 -35.71 -23.38
N GLU A 33 5.50 -34.50 -23.85
CA GLU A 33 6.07 -34.33 -25.18
C GLU A 33 7.53 -34.78 -25.20
N GLN A 34 8.14 -34.69 -26.38
CA GLN A 34 9.54 -35.06 -26.51
C GLN A 34 10.45 -34.13 -25.72
N ASP A 35 10.04 -32.87 -25.54
CA ASP A 35 10.83 -31.90 -24.81
C ASP A 35 10.81 -32.13 -23.30
N GLY A 36 10.03 -33.09 -22.82
CA GLY A 36 9.90 -33.29 -21.39
C GLY A 36 8.84 -32.42 -20.74
N LYS A 37 8.00 -31.76 -21.54
CA LYS A 37 6.93 -30.91 -21.03
C LYS A 37 5.62 -31.36 -21.68
N VAL A 38 4.52 -30.81 -21.19
CA VAL A 38 3.17 -31.16 -21.65
C VAL A 38 2.62 -30.01 -22.47
N ARG A 39 2.01 -30.34 -23.61
CA ARG A 39 1.44 -29.35 -24.52
C ARG A 39 -0.03 -29.16 -24.19
N LEU A 40 -0.41 -27.92 -23.88
CA LEU A 40 -1.79 -27.54 -23.64
C LEU A 40 -2.28 -26.65 -24.77
N SER A 41 -3.60 -26.46 -24.82
CA SER A 41 -4.18 -25.64 -25.86
C SER A 41 -5.45 -24.98 -25.34
N HIS A 42 -5.71 -23.76 -25.81
CA HIS A 42 -6.92 -23.04 -25.49
C HIS A 42 -7.38 -22.29 -26.73
N GLN A 43 -8.68 -21.97 -26.76
CA GLN A 43 -9.29 -21.32 -27.90
C GLN A 43 -9.69 -19.89 -27.55
N VAL A 44 -9.41 -18.97 -28.46
CA VAL A 44 -9.80 -17.58 -28.30
C VAL A 44 -10.88 -17.28 -29.33
N ARG A 45 -12.04 -16.83 -28.84
CA ARG A 45 -13.20 -16.60 -29.68
C ARG A 45 -13.40 -15.11 -29.89
N HIS A 46 -13.88 -14.74 -31.07
CA HIS A 46 -14.11 -13.34 -31.39
C HIS A 46 -15.37 -13.20 -32.24
N GLN A 47 -16.18 -12.19 -31.91
CA GLN A 47 -17.32 -11.77 -32.72
C GLN A 47 -17.44 -10.27 -32.61
N VAL A 48 -18.22 -9.68 -33.51
CA VAL A 48 -18.44 -8.23 -33.52
C VAL A 48 -19.90 -7.96 -33.83
N ALA A 49 -20.51 -7.08 -33.04
CA ALA A 49 -21.89 -6.66 -33.27
C ALA A 49 -21.88 -5.38 -34.10
N LEU A 50 -22.35 -5.47 -35.34
CA LEU A 50 -22.23 -4.24 -36.12
C LEU A 50 -23.56 -3.50 -36.17
N PRO A 51 -23.52 -2.17 -36.09
CA PRO A 51 -24.73 -1.38 -36.30
C PRO A 51 -25.12 -1.40 -37.77
N PRO A 52 -26.38 -1.09 -38.09
CA PRO A 52 -26.83 -1.24 -39.48
C PRO A 52 -26.07 -0.31 -40.41
N ASN A 53 -25.59 -0.88 -41.53
CA ASN A 53 -24.83 -0.16 -42.55
C ASN A 53 -23.64 0.57 -41.93
N TYR A 54 -22.63 -0.22 -41.58
CA TYR A 54 -21.40 0.28 -40.98
C TYR A 54 -20.21 -0.24 -41.75
N ASP A 55 -19.25 0.65 -42.01
CA ASP A 55 -18.03 0.29 -42.74
C ASP A 55 -17.11 -0.44 -41.77
N TYR A 56 -17.08 -1.77 -41.88
CA TYR A 56 -16.28 -2.60 -40.99
C TYR A 56 -15.24 -3.36 -41.80
N THR A 57 -14.05 -3.47 -41.23
CA THR A 57 -12.96 -4.25 -41.78
C THR A 57 -12.60 -5.33 -40.77
N PRO A 58 -12.50 -6.59 -41.17
CA PRO A 58 -12.32 -7.66 -40.18
C PRO A 58 -11.02 -7.51 -39.41
N ILE A 59 -11.05 -7.97 -38.16
CA ILE A 59 -9.89 -7.93 -37.28
C ILE A 59 -8.86 -8.94 -37.77
N ALA A 60 -7.87 -9.28 -36.94
CA ALA A 60 -6.70 -10.09 -37.28
C ALA A 60 -5.84 -9.44 -38.35
N GLU A 61 -6.04 -8.15 -38.63
CA GLU A 61 -5.17 -7.42 -39.55
C GLU A 61 -4.83 -6.04 -39.03
N HIS A 62 -5.12 -5.75 -37.76
CA HIS A 62 -4.76 -4.47 -37.16
C HIS A 62 -3.29 -4.48 -36.77
N LYS A 63 -2.65 -3.33 -36.92
CA LYS A 63 -1.23 -3.15 -36.61
C LYS A 63 -1.09 -2.24 -35.40
N ARG A 64 -0.25 -2.64 -34.45
CA ARG A 64 -0.02 -1.83 -33.26
C ARG A 64 0.67 -0.52 -33.63
N VAL A 65 0.30 0.54 -32.93
CA VAL A 65 0.88 1.86 -33.19
C VAL A 65 1.58 2.38 -31.94
N THR A 74 5.18 -10.74 -24.82
CA THR A 74 4.64 -11.41 -23.65
C THR A 74 3.11 -11.27 -23.57
N LEU A 75 2.46 -11.33 -24.74
CA LEU A 75 1.03 -11.13 -24.85
C LEU A 75 0.33 -12.38 -25.36
N ASP A 76 -0.84 -12.67 -24.79
CA ASP A 76 -1.70 -13.74 -25.26
C ASP A 76 -2.54 -13.26 -26.44
N PRO A 77 -2.87 -14.15 -27.39
CA PRO A 77 -3.67 -13.71 -28.55
C PRO A 77 -5.03 -13.13 -28.18
N PHE A 78 -5.60 -13.49 -27.02
CA PHE A 78 -6.84 -12.85 -26.62
C PHE A 78 -6.59 -11.40 -26.21
N GLN A 79 -5.40 -11.12 -25.68
CA GLN A 79 -5.04 -9.73 -25.42
C GLN A 79 -4.70 -9.00 -26.71
N ASP A 80 -4.02 -9.67 -27.64
CA ASP A 80 -3.63 -9.03 -28.89
C ASP A 80 -4.86 -8.63 -29.70
N THR A 81 -5.87 -9.49 -29.76
CA THR A 81 -7.09 -9.17 -30.49
C THR A 81 -7.84 -8.03 -29.79
N ALA A 82 -8.02 -8.13 -28.47
CA ALA A 82 -8.70 -7.07 -27.74
C ALA A 82 -7.94 -5.75 -27.85
N ILE A 83 -6.61 -5.80 -27.80
CA ILE A 83 -5.83 -4.58 -27.96
C ILE A 83 -5.95 -4.05 -29.38
N SER A 84 -6.00 -4.95 -30.36
CA SER A 84 -6.17 -4.54 -31.75
C SER A 84 -7.47 -3.77 -31.95
N CYS A 85 -8.53 -4.19 -31.26
CA CYS A 85 -9.80 -3.46 -31.31
C CYS A 85 -9.64 -2.06 -30.72
N ILE A 86 -8.98 -1.95 -29.57
CA ILE A 86 -8.78 -0.65 -28.94
C ILE A 86 -7.94 0.25 -29.84
N ASP A 87 -6.97 -0.33 -30.56
CA ASP A 87 -6.19 0.44 -31.51
C ASP A 87 -7.05 0.96 -32.65
N ARG A 88 -8.07 0.20 -33.05
CA ARG A 88 -8.99 0.63 -34.09
C ARG A 88 -10.08 1.58 -33.58
N GLY A 89 -10.19 1.77 -32.27
CA GLY A 89 -11.16 2.70 -31.74
C GLY A 89 -12.57 2.18 -31.61
N GLU A 90 -12.74 0.87 -31.46
CA GLU A 90 -14.06 0.26 -31.34
C GLU A 90 -14.18 -0.46 -30.00
N SER A 91 -15.37 -0.39 -29.42
CA SER A 91 -15.62 -0.98 -28.11
C SER A 91 -15.38 -2.49 -28.13
N VAL A 92 -15.07 -3.03 -26.96
CA VAL A 92 -14.73 -4.45 -26.84
C VAL A 92 -15.09 -4.95 -25.45
N LEU A 93 -15.75 -6.10 -25.39
CA LEU A 93 -16.02 -6.80 -24.15
C LEU A 93 -15.10 -8.00 -24.08
N VAL A 94 -14.28 -8.06 -23.02
CA VAL A 94 -13.33 -9.16 -22.83
C VAL A 94 -13.87 -10.07 -21.74
N SER A 95 -13.97 -11.36 -22.07
CA SER A 95 -14.47 -12.37 -21.14
C SER A 95 -13.40 -13.43 -20.96
N ALA A 96 -12.86 -13.53 -19.75
CA ALA A 96 -11.85 -14.52 -19.42
C ALA A 96 -11.76 -14.63 -17.90
N HIS A 97 -11.03 -15.63 -17.44
CA HIS A 97 -10.97 -15.93 -16.01
C HIS A 97 -10.23 -14.83 -15.27
N THR A 98 -10.20 -14.97 -13.94
CA THR A 98 -9.72 -13.90 -13.06
C THR A 98 -8.25 -13.58 -13.31
N SER A 99 -7.43 -14.57 -13.64
CA SER A 99 -6.00 -14.37 -13.78
C SER A 99 -5.53 -14.38 -15.23
N ALA A 100 -6.47 -14.38 -16.18
CA ALA A 100 -6.10 -14.58 -17.59
C ALA A 100 -5.30 -13.41 -18.16
N GLY A 101 -5.28 -12.26 -17.49
CA GLY A 101 -4.57 -11.11 -17.98
C GLY A 101 -5.42 -10.05 -18.62
N LYS A 102 -6.64 -9.83 -18.14
CA LYS A 102 -7.51 -8.82 -18.72
C LYS A 102 -7.02 -7.41 -18.42
N THR A 103 -6.35 -7.22 -17.28
CA THR A 103 -5.87 -5.89 -16.92
C THR A 103 -4.88 -5.34 -17.94
N VAL A 104 -4.20 -6.23 -18.68
CA VAL A 104 -3.32 -5.79 -19.76
C VAL A 104 -4.12 -4.98 -20.78
N VAL A 105 -5.37 -5.36 -21.01
CA VAL A 105 -6.21 -4.66 -21.97
C VAL A 105 -6.60 -3.29 -21.42
N ALA A 106 -6.95 -3.22 -20.14
CA ALA A 106 -7.30 -1.93 -19.54
C ALA A 106 -6.12 -0.97 -19.57
N GLU A 107 -4.91 -1.50 -19.34
CA GLU A 107 -3.72 -0.64 -19.37
C GLU A 107 -3.48 -0.07 -20.76
N TYR A 108 -3.69 -0.88 -21.81
CA TYR A 108 -3.52 -0.36 -23.17
C TYR A 108 -4.52 0.76 -23.44
N ALA A 109 -5.79 0.54 -23.09
CA ALA A 109 -6.82 1.57 -23.30
C ALA A 109 -6.53 2.81 -22.47
N ILE A 110 -6.01 2.62 -21.26
CA ILE A 110 -5.67 3.76 -20.42
C ILE A 110 -4.46 4.50 -20.97
N ALA A 111 -3.59 3.79 -21.70
CA ALA A 111 -2.43 4.42 -22.32
C ALA A 111 -2.78 5.08 -23.64
N GLN A 112 -3.57 4.41 -24.48
CA GLN A 112 -3.94 4.96 -25.78
C GLN A 112 -4.69 6.29 -25.62
N SER A 113 -5.39 6.48 -24.51
CA SER A 113 -6.08 7.74 -24.27
C SER A 113 -5.11 8.83 -23.83
N LEU A 114 -4.05 8.46 -23.11
CA LEU A 114 -3.06 9.44 -22.68
C LEU A 114 -2.20 9.91 -23.84
N LYS A 115 -1.78 8.98 -24.71
CA LYS A 115 -0.96 9.34 -25.86
C LYS A 115 -1.72 10.23 -26.84
N ASN A 116 -3.05 10.30 -26.72
CA ASN A 116 -3.88 11.16 -27.54
C ASN A 116 -4.38 12.37 -26.75
N LYS A 117 -3.88 12.56 -25.52
CA LYS A 117 -4.29 13.67 -24.66
C LYS A 117 -5.79 13.64 -24.39
N GLN A 118 -6.33 12.43 -24.26
CA GLN A 118 -7.73 12.22 -23.96
C GLN A 118 -7.87 11.61 -22.58
N ARG A 119 -9.06 11.74 -22.00
CA ARG A 119 -9.34 11.28 -20.65
C ARG A 119 -10.02 9.92 -20.67
N VAL A 120 -9.70 9.10 -19.68
CA VAL A 120 -10.28 7.76 -19.54
C VAL A 120 -10.78 7.60 -18.12
N ILE A 121 -11.94 6.95 -17.97
CA ILE A 121 -12.52 6.69 -16.66
C ILE A 121 -12.47 5.19 -16.38
N TYR A 122 -12.29 4.85 -15.11
CA TYR A 122 -12.22 3.46 -14.65
C TYR A 122 -13.18 3.31 -13.48
N THR A 123 -14.03 2.28 -13.55
CA THR A 123 -15.04 2.03 -12.52
C THR A 123 -14.77 0.70 -11.86
N SER A 124 -14.73 0.70 -10.52
CA SER A 124 -14.52 -0.52 -9.75
C SER A 124 -15.79 -0.90 -9.02
N PRO A 125 -16.13 -2.20 -9.00
CA PRO A 125 -17.42 -2.60 -8.40
C PRO A 125 -17.57 -2.46 -6.90
N ILE A 126 -16.59 -2.93 -6.12
CA ILE A 126 -16.73 -3.03 -4.67
C ILE A 126 -15.70 -2.15 -3.99
N LYS A 127 -16.19 -1.19 -3.20
CA LYS A 127 -15.44 -0.35 -2.28
C LYS A 127 -14.00 -0.01 -2.64
N ALA A 128 -13.09 -0.54 -1.81
CA ALA A 128 -11.67 -0.19 -1.77
C ALA A 128 -10.91 -0.57 -3.02
N LEU A 129 -11.45 -1.47 -3.85
CA LEU A 129 -10.72 -1.90 -5.03
C LEU A 129 -10.36 -0.75 -5.95
N SER A 130 -11.21 0.28 -6.04
CA SER A 130 -10.85 1.47 -6.79
C SER A 130 -9.67 2.20 -6.16
N ASN A 131 -9.69 2.34 -4.84
CA ASN A 131 -8.60 3.02 -4.12
C ASN A 131 -7.27 2.32 -4.31
N GLN A 132 -7.28 0.99 -4.23
CA GLN A 132 -6.05 0.24 -4.50
C GLN A 132 -5.66 0.36 -5.96
N LYS A 133 -6.63 0.35 -6.87
CA LYS A 133 -6.33 0.58 -8.28
C LYS A 133 -5.82 2.00 -8.52
N TYR A 134 -6.35 2.96 -7.75
CA TYR A 134 -5.87 4.34 -7.81
C TYR A 134 -4.36 4.39 -7.54
N ARG A 135 -3.92 3.76 -6.45
CA ARG A 135 -2.50 3.76 -6.12
C ARG A 135 -1.71 2.97 -7.16
N GLU A 136 -2.24 1.83 -7.58
CA GLU A 136 -1.54 0.97 -8.54
C GLU A 136 -1.36 1.67 -9.88
N LEU A 137 -2.33 2.48 -10.30
CA LEU A 137 -2.25 3.15 -11.60
C LEU A 137 -1.28 4.31 -11.60
N LEU A 138 -1.15 5.02 -10.48
CA LEU A 138 -0.20 6.14 -10.42
C LEU A 138 1.21 5.67 -10.72
N ALA A 139 1.63 4.56 -10.14
CA ALA A 139 2.98 4.05 -10.34
C ALA A 139 3.21 3.63 -11.79
N GLU A 140 2.15 3.22 -12.48
CA GLU A 140 2.30 2.76 -13.86
C GLU A 140 2.27 3.89 -14.88
N PHE A 141 1.65 5.03 -14.55
CA PHE A 141 1.50 6.12 -15.50
C PHE A 141 1.71 7.51 -14.91
N GLY A 142 1.36 7.75 -13.67
CA GLY A 142 1.52 9.05 -13.04
C GLY A 142 0.35 10.00 -13.21
N ASP A 143 -0.08 10.22 -14.45
CA ASP A 143 -1.16 11.17 -14.75
C ASP A 143 -2.52 10.51 -14.48
N VAL A 144 -2.76 10.18 -13.22
CA VAL A 144 -3.98 9.50 -12.80
C VAL A 144 -4.56 10.20 -11.57
N GLY A 145 -5.89 10.16 -11.46
CA GLY A 145 -6.58 10.76 -10.34
C GLY A 145 -7.68 9.84 -9.84
N LEU A 146 -8.25 10.19 -8.68
CA LEU A 146 -9.28 9.38 -8.06
C LEU A 146 -10.47 10.23 -7.66
N MET A 147 -11.66 9.72 -7.94
CA MET A 147 -12.92 10.28 -7.48
C MET A 147 -13.77 9.16 -6.88
N THR A 148 -14.29 9.38 -5.69
CA THR A 148 -15.03 8.31 -5.02
C THR A 148 -16.16 8.90 -4.20
N GLY A 149 -17.10 8.03 -3.83
CA GLY A 149 -18.21 8.47 -2.99
C GLY A 149 -17.77 8.93 -1.62
N ASP A 150 -16.79 8.25 -1.03
CA ASP A 150 -16.31 8.63 0.28
C ASP A 150 -15.45 9.88 0.21
N ILE A 151 -14.36 9.82 -0.56
CA ILE A 151 -13.42 10.93 -0.67
C ILE A 151 -13.29 11.34 -2.13
N THR A 152 -12.88 12.59 -2.33
CA THR A 152 -12.63 13.16 -3.64
C THR A 152 -11.24 13.76 -3.66
N ILE A 153 -10.48 13.49 -4.72
CA ILE A 153 -9.05 13.81 -4.69
C ILE A 153 -8.63 14.71 -5.85
N ASN A 154 -8.39 14.13 -7.03
CA ASN A 154 -7.79 14.87 -8.15
C ASN A 154 -8.58 14.66 -9.44
N PRO A 155 -9.56 15.53 -9.72
CA PRO A 155 -10.27 15.43 -11.00
C PRO A 155 -9.44 15.83 -12.21
N ASP A 156 -8.48 16.75 -12.06
CA ASP A 156 -7.82 17.33 -13.23
C ASP A 156 -6.86 16.35 -13.91
N ALA A 157 -6.46 15.28 -13.23
CA ALA A 157 -5.56 14.31 -13.84
C ALA A 157 -6.16 13.76 -15.13
N GLY A 158 -5.28 13.36 -16.04
CA GLY A 158 -5.75 12.84 -17.33
C GLY A 158 -6.68 11.65 -17.17
N CYS A 159 -6.28 10.69 -16.34
CA CYS A 159 -7.09 9.51 -16.06
C CYS A 159 -7.69 9.61 -14.66
N LEU A 160 -8.90 9.05 -14.52
CA LEU A 160 -9.65 9.16 -13.28
C LEU A 160 -10.30 7.81 -12.97
N VAL A 161 -9.91 7.21 -11.84
CA VAL A 161 -10.57 6.04 -11.31
C VAL A 161 -11.74 6.50 -10.44
N MET A 162 -12.94 5.99 -10.73
CA MET A 162 -14.15 6.50 -10.11
C MET A 162 -15.07 5.35 -9.73
N THR A 163 -15.78 5.53 -8.62
CA THR A 163 -16.75 4.54 -8.19
C THR A 163 -17.90 4.43 -9.19
N THR A 164 -18.41 3.22 -9.37
CA THR A 164 -19.53 3.00 -10.28
C THR A 164 -20.79 3.71 -9.81
N GLU A 165 -21.06 3.68 -8.50
CA GLU A 165 -22.26 4.33 -7.98
C GLU A 165 -22.18 5.85 -8.12
N ILE A 166 -20.98 6.42 -7.97
CA ILE A 166 -20.83 7.86 -8.09
C ILE A 166 -21.03 8.31 -9.54
N LEU A 167 -20.77 7.42 -10.49
CA LEU A 167 -20.92 7.78 -11.90
C LEU A 167 -22.39 7.94 -12.29
N ARG A 168 -23.27 7.12 -11.71
CA ARG A 168 -24.70 7.23 -12.01
C ARG A 168 -25.25 8.58 -11.56
N SER A 169 -24.91 8.99 -10.34
CA SER A 169 -25.32 10.32 -9.87
C SER A 169 -24.66 11.43 -10.69
N MET A 170 -23.49 11.15 -11.28
CA MET A 170 -22.79 12.16 -12.05
C MET A 170 -23.36 12.31 -13.45
N LEU A 171 -23.97 11.25 -14.01
CA LEU A 171 -24.53 11.34 -15.35
C LEU A 171 -25.93 11.92 -15.36
N TYR A 172 -26.67 11.84 -14.25
CA TYR A 172 -27.94 12.57 -14.15
C TYR A 172 -27.70 14.07 -14.24
N ARG A 173 -26.68 14.56 -13.55
CA ARG A 173 -26.34 15.98 -13.62
C ARG A 173 -25.73 16.37 -14.96
N GLY A 174 -24.99 15.46 -15.59
CA GLY A 174 -24.33 15.80 -16.83
C GLY A 174 -23.20 16.78 -16.62
N SER A 175 -22.18 16.37 -15.86
CA SER A 175 -21.08 17.25 -15.47
C SER A 175 -20.20 17.69 -16.63
N GLU A 176 -20.49 17.28 -17.86
CA GLU A 176 -19.76 17.68 -19.07
C GLU A 176 -18.29 17.29 -19.03
N VAL A 177 -17.85 16.53 -18.02
CA VAL A 177 -16.49 16.02 -17.99
C VAL A 177 -16.27 15.08 -19.17
N MET A 178 -17.34 14.43 -19.65
CA MET A 178 -17.27 13.55 -20.80
C MET A 178 -16.95 14.27 -22.10
N ARG A 179 -16.80 15.60 -22.07
CA ARG A 179 -16.49 16.34 -23.29
C ARG A 179 -15.20 15.83 -23.91
N GLU A 180 -14.19 15.58 -23.08
CA GLU A 180 -12.89 15.10 -23.53
C GLU A 180 -12.61 13.72 -22.97
N VAL A 181 -13.64 12.88 -22.93
CA VAL A 181 -13.52 11.49 -22.51
C VAL A 181 -13.71 10.59 -23.72
N ALA A 182 -12.75 9.70 -23.94
CA ALA A 182 -12.77 8.81 -25.10
C ALA A 182 -13.07 7.36 -24.75
N TRP A 183 -12.77 6.93 -23.52
CA TRP A 183 -12.96 5.54 -23.13
C TRP A 183 -13.44 5.46 -21.68
N VAL A 184 -14.44 4.62 -21.45
CA VAL A 184 -14.89 4.28 -20.11
C VAL A 184 -14.69 2.79 -19.92
N ILE A 185 -13.92 2.42 -18.91
CA ILE A 185 -13.57 1.03 -18.65
C ILE A 185 -14.38 0.53 -17.47
N PHE A 186 -15.19 -0.50 -17.71
CA PHE A 186 -15.94 -1.17 -16.66
C PHE A 186 -15.21 -2.46 -16.32
N ASP A 187 -14.71 -2.54 -15.09
CA ASP A 187 -14.06 -3.76 -14.62
C ASP A 187 -15.06 -4.64 -13.90
N GLU A 188 -14.98 -5.95 -14.15
CA GLU A 188 -15.90 -6.93 -13.58
C GLU A 188 -17.35 -6.55 -13.88
N VAL A 189 -17.63 -6.43 -15.18
CA VAL A 189 -18.95 -5.99 -15.65
C VAL A 189 -20.05 -6.96 -15.20
N HIS A 190 -19.73 -8.24 -15.09
CA HIS A 190 -20.73 -9.25 -14.77
C HIS A 190 -21.42 -9.01 -13.43
N TYR A 191 -20.94 -8.08 -12.62
CA TYR A 191 -21.68 -7.69 -11.42
C TYR A 191 -22.95 -6.91 -11.75
N MET A 192 -23.22 -6.65 -13.03
CA MET A 192 -24.48 -6.03 -13.44
C MET A 192 -25.68 -6.90 -13.10
N ARG A 193 -25.49 -8.19 -12.90
CA ARG A 193 -26.57 -9.12 -12.61
C ARG A 193 -26.85 -9.27 -11.11
N ASP A 194 -26.16 -8.52 -10.26
CA ASP A 194 -26.42 -8.57 -8.82
C ASP A 194 -27.83 -8.08 -8.54
N LYS A 195 -28.65 -8.94 -7.94
CA LYS A 195 -30.05 -8.60 -7.69
C LYS A 195 -30.20 -7.37 -6.81
N GLU A 196 -29.21 -7.06 -5.98
CA GLU A 196 -29.28 -5.92 -5.08
C GLU A 196 -28.77 -4.63 -5.72
N ARG A 197 -27.54 -4.67 -6.26
CA ARG A 197 -26.90 -3.46 -6.78
C ARG A 197 -26.60 -3.53 -8.27
N GLY A 198 -27.13 -4.54 -8.98
CA GLY A 198 -26.84 -4.68 -10.39
C GLY A 198 -27.51 -3.63 -11.25
N VAL A 199 -28.68 -3.14 -10.83
CA VAL A 199 -29.42 -2.15 -11.61
C VAL A 199 -28.58 -0.92 -11.89
N VAL A 200 -27.62 -0.61 -11.00
CA VAL A 200 -26.80 0.58 -11.17
C VAL A 200 -25.96 0.49 -12.44
N TRP A 201 -25.31 -0.66 -12.65
CA TRP A 201 -24.43 -0.83 -13.79
C TRP A 201 -25.19 -0.64 -15.10
N GLU A 202 -26.35 -1.29 -15.21
CA GLU A 202 -27.20 -1.08 -16.38
C GLU A 202 -27.57 0.39 -16.54
N GLU A 203 -27.95 1.05 -15.44
CA GLU A 203 -28.29 2.47 -15.49
C GLU A 203 -27.15 3.30 -16.07
N THR A 204 -25.95 3.16 -15.50
CA THR A 204 -24.80 3.95 -15.98
C THR A 204 -24.45 3.61 -17.41
N ILE A 205 -24.49 2.32 -17.77
CA ILE A 205 -24.12 1.92 -19.13
C ILE A 205 -25.16 2.42 -20.13
N ILE A 206 -26.42 2.54 -19.71
CA ILE A 206 -27.44 3.10 -20.59
C ILE A 206 -27.16 4.58 -20.85
N LEU A 207 -26.85 5.32 -19.80
CA LEU A 207 -26.68 6.76 -19.83
C LEU A 207 -25.34 7.20 -20.42
N LEU A 208 -24.54 6.29 -20.95
CA LEU A 208 -23.25 6.66 -21.50
C LEU A 208 -23.43 7.44 -22.81
N PRO A 209 -22.51 8.34 -23.12
CA PRO A 209 -22.59 9.05 -24.40
C PRO A 209 -22.24 8.15 -25.56
N ASP A 210 -22.99 8.31 -26.65
CA ASP A 210 -22.75 7.48 -27.84
C ASP A 210 -21.37 7.73 -28.44
N LYS A 211 -20.81 8.92 -28.22
CA LYS A 211 -19.51 9.25 -28.78
C LYS A 211 -18.36 8.57 -28.05
N VAL A 212 -18.56 8.16 -26.80
CA VAL A 212 -17.50 7.53 -26.02
C VAL A 212 -17.41 6.06 -26.36
N ARG A 213 -16.19 5.53 -26.31
CA ARG A 213 -15.95 4.10 -26.45
C ARG A 213 -15.84 3.45 -25.07
N TYR A 214 -15.93 2.12 -25.04
CA TYR A 214 -15.96 1.38 -23.79
C TYR A 214 -15.07 0.15 -23.89
N VAL A 215 -14.52 -0.25 -22.75
CA VAL A 215 -13.80 -1.51 -22.60
C VAL A 215 -14.45 -2.24 -21.43
N PHE A 216 -15.10 -3.37 -21.72
CA PHE A 216 -15.79 -4.15 -20.70
C PHE A 216 -14.94 -5.36 -20.33
N LEU A 217 -14.54 -5.45 -19.07
CA LEU A 217 -13.80 -6.58 -18.56
C LEU A 217 -14.77 -7.42 -17.71
N SER A 218 -15.06 -8.63 -18.19
CA SER A 218 -15.99 -9.53 -17.51
C SER A 218 -15.36 -10.90 -17.35
N ALA A 219 -15.87 -11.65 -16.37
CA ALA A 219 -15.45 -13.03 -16.20
C ALA A 219 -16.00 -13.88 -17.35
N THR A 220 -15.75 -15.19 -17.26
CA THR A 220 -16.26 -16.11 -18.26
C THR A 220 -17.78 -16.14 -18.20
N ILE A 221 -18.43 -15.71 -19.28
CA ILE A 221 -19.88 -15.78 -19.40
C ILE A 221 -20.23 -16.30 -20.79
N PRO A 222 -21.28 -17.11 -20.93
CA PRO A 222 -21.61 -17.65 -22.25
C PRO A 222 -22.31 -16.64 -23.15
N ASN A 223 -23.18 -15.82 -22.56
CA ASN A 223 -23.99 -14.86 -23.31
C ASN A 223 -23.27 -13.54 -23.54
N ALA A 224 -21.97 -13.60 -23.85
CA ALA A 224 -21.22 -12.37 -24.11
C ALA A 224 -21.77 -11.62 -25.31
N MET A 225 -22.32 -12.35 -26.29
CA MET A 225 -22.81 -11.69 -27.50
C MET A 225 -24.07 -10.88 -27.21
N GLU A 226 -24.96 -11.39 -26.35
CA GLU A 226 -26.15 -10.63 -25.97
C GLU A 226 -25.79 -9.26 -25.44
N PHE A 227 -24.71 -9.18 -24.64
CA PHE A 227 -24.28 -7.89 -24.11
C PHE A 227 -23.73 -7.00 -25.22
N ALA A 228 -22.95 -7.56 -26.15
CA ALA A 228 -22.37 -6.76 -27.21
C ALA A 228 -23.44 -6.22 -28.14
N GLU A 229 -24.43 -7.05 -28.49
CA GLU A 229 -25.54 -6.59 -29.31
C GLU A 229 -26.28 -5.45 -28.61
N TRP A 230 -26.50 -5.58 -27.30
CA TRP A 230 -27.18 -4.55 -26.53
C TRP A 230 -26.41 -3.23 -26.59
N ILE A 231 -25.09 -3.29 -26.37
CA ILE A 231 -24.24 -2.12 -26.57
C ILE A 231 -24.39 -1.59 -27.99
N CYS A 232 -24.43 -2.50 -28.98
CA CYS A 232 -24.46 -2.07 -30.38
C CYS A 232 -25.76 -1.34 -30.72
N LYS A 233 -26.88 -1.79 -30.16
CA LYS A 233 -28.16 -1.16 -30.49
C LYS A 233 -28.34 0.17 -29.77
N ILE A 234 -27.93 0.25 -28.50
CA ILE A 234 -28.13 1.48 -27.73
C ILE A 234 -27.26 2.59 -28.28
N HIS A 235 -25.95 2.38 -28.29
CA HIS A 235 -24.98 3.45 -28.50
C HIS A 235 -24.51 3.53 -29.94
N SER A 236 -25.15 2.81 -30.86
CA SER A 236 -24.95 2.96 -32.30
C SER A 236 -23.48 2.87 -32.69
N GLN A 237 -22.78 1.91 -32.09
CA GLN A 237 -21.37 1.69 -32.37
C GLN A 237 -21.10 0.20 -32.44
N PRO A 238 -20.07 -0.21 -33.18
CA PRO A 238 -19.70 -1.63 -33.16
C PRO A 238 -19.13 -2.01 -31.80
N CYS A 239 -19.29 -3.28 -31.46
CA CYS A 239 -18.86 -3.80 -30.17
C CYS A 239 -18.36 -5.23 -30.36
N HIS A 240 -17.09 -5.46 -30.04
CA HIS A 240 -16.48 -6.77 -30.16
C HIS A 240 -16.65 -7.56 -28.87
N ILE A 241 -16.49 -8.89 -28.99
CA ILE A 241 -16.31 -9.76 -27.84
C ILE A 241 -15.05 -10.58 -28.07
N VAL A 242 -14.29 -10.80 -26.99
CA VAL A 242 -13.16 -11.70 -26.99
C VAL A 242 -13.33 -12.62 -25.79
N TYR A 243 -13.53 -13.90 -26.05
CA TYR A 243 -13.79 -14.90 -25.01
C TYR A 243 -12.72 -15.98 -25.08
N THR A 244 -12.30 -16.44 -23.91
CA THR A 244 -11.40 -17.58 -23.82
C THR A 244 -11.48 -18.18 -22.44
N ASN A 245 -11.77 -19.48 -22.36
CA ASN A 245 -11.78 -20.25 -21.12
C ASN A 245 -10.38 -20.47 -20.57
N PHE A 246 -9.42 -19.73 -21.11
CA PHE A 246 -8.02 -19.94 -20.79
C PHE A 246 -7.76 -19.78 -19.30
N ARG A 247 -7.23 -20.84 -18.70
CA ARG A 247 -6.83 -20.81 -17.30
C ARG A 247 -5.31 -20.71 -17.25
N PRO A 248 -4.74 -19.62 -16.75
CA PRO A 248 -3.27 -19.47 -16.83
C PRO A 248 -2.52 -20.54 -16.06
N THR A 249 -2.86 -20.73 -14.78
CA THR A 249 -2.30 -21.82 -14.00
C THR A 249 -3.18 -23.04 -14.21
N PRO A 250 -2.69 -24.09 -14.88
CA PRO A 250 -3.55 -25.25 -15.13
C PRO A 250 -4.04 -25.87 -13.83
N LEU A 251 -5.26 -26.39 -13.88
CA LEU A 251 -5.94 -26.92 -12.71
C LEU A 251 -6.07 -28.44 -12.78
N GLN A 252 -6.06 -29.07 -11.61
CA GLN A 252 -6.33 -30.49 -11.48
C GLN A 252 -7.43 -30.66 -10.43
N HIS A 253 -8.45 -31.45 -10.77
CA HIS A 253 -9.63 -31.62 -9.93
C HIS A 253 -9.65 -33.04 -9.38
N TYR A 254 -9.79 -33.14 -8.05
CA TYR A 254 -9.82 -34.43 -7.37
C TYR A 254 -11.12 -34.58 -6.60
N LEU A 255 -11.53 -35.84 -6.43
CA LEU A 255 -12.64 -36.20 -5.56
C LEU A 255 -12.10 -36.97 -4.36
N PHE A 256 -12.56 -36.61 -3.16
CA PHE A 256 -12.20 -37.31 -1.94
C PHE A 256 -13.47 -37.93 -1.35
N PRO A 257 -13.76 -39.20 -1.64
CA PRO A 257 -14.87 -39.87 -0.96
C PRO A 257 -14.63 -39.91 0.54
N ALA A 258 -15.65 -39.53 1.30
CA ALA A 258 -15.51 -39.36 2.73
C ALA A 258 -15.27 -40.70 3.42
N HIS A 259 -14.64 -40.63 4.60
CA HIS A 259 -14.30 -41.77 5.44
C HIS A 259 -13.39 -42.78 4.74
N GLY A 260 -12.83 -42.43 3.59
CA GLY A 260 -11.89 -43.28 2.88
C GLY A 260 -10.48 -42.73 2.89
N ASP A 261 -9.59 -43.50 2.25
CA ASP A 261 -8.19 -43.11 2.08
C ASP A 261 -7.85 -42.84 0.63
N GLY A 262 -8.84 -42.74 -0.25
CA GLY A 262 -8.61 -42.59 -1.67
C GLY A 262 -8.66 -41.14 -2.14
N ILE A 263 -7.95 -40.89 -3.24
CA ILE A 263 -7.96 -39.60 -3.93
C ILE A 263 -7.93 -39.89 -5.42
N TYR A 264 -8.88 -39.32 -6.16
CA TYR A 264 -9.11 -39.71 -7.55
C TYR A 264 -9.20 -38.47 -8.43
N LEU A 265 -8.40 -38.46 -9.49
CA LEU A 265 -8.40 -37.37 -10.47
C LEU A 265 -9.59 -37.57 -11.41
N VAL A 266 -10.55 -36.64 -11.36
CA VAL A 266 -11.80 -36.78 -12.11
C VAL A 266 -11.72 -36.01 -13.42
N VAL A 267 -10.96 -34.91 -13.43
CA VAL A 267 -10.76 -34.12 -14.63
C VAL A 267 -9.44 -33.39 -14.51
N ASP A 268 -8.68 -33.37 -15.61
CA ASP A 268 -7.28 -33.00 -15.64
C ASP A 268 -7.06 -31.61 -16.27
N GLU A 269 -5.82 -31.34 -16.69
CA GLU A 269 -5.46 -30.02 -17.20
C GLU A 269 -6.17 -29.70 -18.52
N LYS A 270 -6.44 -30.71 -19.34
CA LYS A 270 -7.14 -30.51 -20.60
C LYS A 270 -8.66 -30.55 -20.45
N SER A 271 -9.16 -30.46 -19.22
CA SER A 271 -10.59 -30.48 -18.92
C SER A 271 -11.27 -31.76 -19.41
N THR A 272 -10.49 -32.84 -19.57
CA THR A 272 -11.04 -34.13 -19.95
C THR A 272 -11.50 -34.88 -18.71
N PHE A 273 -12.72 -35.44 -18.77
CA PHE A 273 -13.31 -36.13 -17.64
C PHE A 273 -12.81 -37.58 -17.62
N ARG A 274 -12.12 -37.96 -16.54
CA ARG A 274 -11.55 -39.30 -16.41
C ARG A 274 -12.63 -40.23 -15.89
N GLU A 275 -13.22 -41.01 -16.79
CA GLU A 275 -14.39 -41.81 -16.44
C GLU A 275 -14.04 -42.90 -15.43
N GLU A 276 -12.96 -43.65 -15.69
CA GLU A 276 -12.64 -44.80 -14.85
C GLU A 276 -12.31 -44.39 -13.42
N ASN A 277 -11.54 -43.31 -13.26
CA ASN A 277 -11.23 -42.82 -11.92
C ASN A 277 -12.49 -42.40 -11.17
N PHE A 278 -13.52 -41.95 -11.88
CA PHE A 278 -14.76 -41.53 -11.24
C PHE A 278 -15.49 -42.74 -10.64
N GLN A 279 -15.77 -43.74 -11.47
CA GLN A 279 -16.49 -44.92 -10.98
C GLN A 279 -15.71 -45.63 -9.88
N LYS A 280 -14.38 -45.56 -9.92
CA LYS A 280 -13.58 -46.01 -8.79
C LYS A 280 -13.88 -45.18 -7.55
N ALA A 281 -13.90 -43.85 -7.69
CA ALA A 281 -14.17 -42.97 -6.56
C ALA A 281 -15.55 -43.25 -5.95
N MET A 282 -16.55 -43.47 -6.80
CA MET A 282 -17.90 -43.73 -6.30
C MET A 282 -17.98 -45.10 -5.63
N ALA A 283 -17.16 -46.06 -6.09
CA ALA A 283 -17.17 -47.39 -5.50
C ALA A 283 -16.73 -47.37 -4.04
N SER A 284 -15.89 -46.41 -3.65
CA SER A 284 -15.34 -46.38 -2.31
C SER A 284 -16.33 -45.81 -1.28
N ILE A 285 -17.44 -45.23 -1.74
CA ILE A 285 -18.38 -44.61 -0.80
C ILE A 285 -19.11 -45.69 -0.02
N SER A 286 -19.10 -45.56 1.31
CA SER A 286 -19.80 -46.51 2.17
C SER A 286 -20.72 -45.79 3.16
N GLY A 317 -11.15 -35.23 11.41
CA GLY A 317 -11.03 -36.55 10.82
C GLY A 317 -10.65 -36.53 9.35
N ASP A 318 -11.66 -36.41 8.48
CA ASP A 318 -11.42 -36.38 7.05
C ASP A 318 -10.64 -35.13 6.65
N ILE A 319 -11.07 -33.97 7.14
CA ILE A 319 -10.37 -32.73 6.84
C ILE A 319 -8.95 -32.78 7.40
N TYR A 320 -8.80 -33.33 8.61
CA TYR A 320 -7.48 -33.50 9.21
C TYR A 320 -6.54 -34.29 8.30
N LYS A 321 -7.04 -35.35 7.67
CA LYS A 321 -6.20 -36.15 6.79
C LYS A 321 -5.74 -35.37 5.57
N ILE A 322 -6.63 -34.53 5.02
CA ILE A 322 -6.31 -33.86 3.75
C ILE A 322 -5.29 -32.75 3.96
N VAL A 323 -5.43 -31.98 5.04
CA VAL A 323 -4.46 -30.93 5.32
C VAL A 323 -3.10 -31.53 5.65
N LYS A 324 -3.08 -32.57 6.49
CA LYS A 324 -1.82 -33.24 6.81
C LYS A 324 -1.17 -33.83 5.56
N MET A 325 -1.98 -34.29 4.61
CA MET A 325 -1.45 -34.75 3.33
C MET A 325 -0.79 -33.61 2.57
N ILE A 326 -1.54 -32.52 2.37
CA ILE A 326 -1.05 -31.38 1.62
C ILE A 326 0.17 -30.76 2.31
N TRP A 327 0.22 -30.79 3.64
CA TRP A 327 1.38 -30.29 4.35
C TRP A 327 2.61 -31.15 4.05
N LYS A 328 2.48 -32.47 4.15
CA LYS A 328 3.62 -33.35 3.93
C LYS A 328 4.06 -33.35 2.47
N LYS A 329 3.12 -33.17 1.54
CA LYS A 329 3.46 -33.08 0.12
C LYS A 329 3.85 -31.68 -0.31
N LYS A 330 3.86 -30.72 0.61
CA LYS A 330 4.28 -29.34 0.33
C LYS A 330 3.43 -28.71 -0.77
N TYR A 331 2.11 -28.85 -0.65
CA TYR A 331 1.18 -28.23 -1.58
C TYR A 331 0.36 -27.12 -0.92
N ASN A 332 0.98 -26.37 -0.01
CA ASN A 332 0.29 -25.30 0.69
C ASN A 332 0.70 -23.97 0.07
N PRO A 333 -0.06 -22.89 0.31
CA PRO A 333 -1.23 -22.72 1.20
C PRO A 333 -2.48 -23.41 0.66
N VAL A 334 -3.45 -23.61 1.56
CA VAL A 334 -4.72 -24.26 1.23
C VAL A 334 -5.87 -23.44 1.79
N ILE A 335 -6.96 -23.42 1.05
CA ILE A 335 -8.20 -22.80 1.48
C ILE A 335 -9.26 -23.90 1.53
N VAL A 336 -9.76 -24.19 2.73
CA VAL A 336 -10.83 -25.16 2.92
C VAL A 336 -12.12 -24.37 3.08
N PHE A 337 -12.91 -24.34 2.01
CA PHE A 337 -14.14 -23.55 1.98
C PHE A 337 -15.26 -24.27 2.73
N SER A 338 -15.84 -23.58 3.72
CA SER A 338 -17.09 -23.97 4.32
C SER A 338 -18.14 -22.91 3.99
N PHE A 339 -19.40 -23.32 3.94
CA PHE A 339 -20.46 -22.39 3.55
C PHE A 339 -21.09 -21.68 4.72
N SER A 340 -20.90 -22.18 5.94
CA SER A 340 -21.40 -21.54 7.14
C SER A 340 -20.25 -20.95 7.95
N LYS A 341 -20.52 -19.82 8.60
CA LYS A 341 -19.50 -19.19 9.45
C LYS A 341 -19.13 -20.09 10.61
N ARG A 342 -20.10 -20.83 11.16
CA ARG A 342 -19.81 -21.72 12.28
C ARG A 342 -19.05 -22.96 11.81
N ASP A 343 -19.29 -23.42 10.58
CA ASP A 343 -18.56 -24.57 10.07
C ASP A 343 -17.07 -24.27 9.94
N CYS A 344 -16.73 -23.03 9.56
CA CYS A 344 -15.33 -22.64 9.50
C CYS A 344 -14.67 -22.71 10.87
N GLU A 345 -15.27 -22.05 11.85
CA GLU A 345 -14.67 -22.00 13.18
C GLU A 345 -14.60 -23.39 13.82
N GLU A 346 -15.63 -24.21 13.62
CA GLU A 346 -15.61 -25.56 14.17
C GLU A 346 -14.51 -26.41 13.53
N LEU A 347 -14.38 -26.33 12.20
CA LEU A 347 -13.37 -27.12 11.50
C LEU A 347 -11.97 -26.74 11.98
N ALA A 348 -11.67 -25.45 12.07
CA ALA A 348 -10.37 -25.02 12.57
C ALA A 348 -10.13 -25.49 14.00
N LEU A 349 -11.19 -25.55 14.81
CA LEU A 349 -11.05 -26.10 16.16
C LEU A 349 -10.65 -27.57 16.11
N LYS A 350 -11.09 -28.30 15.09
CA LYS A 350 -10.68 -29.70 14.92
C LYS A 350 -9.22 -29.83 14.54
N MET A 351 -8.58 -28.73 14.12
CA MET A 351 -7.16 -28.68 13.81
C MET A 351 -6.30 -28.37 15.04
N SER A 352 -6.78 -28.69 16.23
CA SER A 352 -6.09 -28.28 17.46
C SER A 352 -4.70 -28.91 17.57
N LYS A 353 -4.49 -30.06 16.93
CA LYS A 353 -3.25 -30.80 17.14
C LYS A 353 -2.06 -30.14 16.43
N LEU A 354 -2.25 -29.75 15.16
CA LEU A 354 -1.13 -29.41 14.29
C LEU A 354 -0.65 -27.97 14.50
N ASP A 355 0.64 -27.78 14.21
CA ASP A 355 1.29 -26.48 14.19
C ASP A 355 2.14 -26.44 12.92
N PHE A 356 2.07 -25.35 12.17
CA PHE A 356 2.73 -25.24 10.88
C PHE A 356 3.85 -24.21 10.85
N ASN A 357 4.10 -23.51 11.95
CA ASN A 357 5.02 -22.38 11.95
C ASN A 357 6.10 -22.59 13.01
N SER A 358 7.34 -22.23 12.66
CA SER A 358 8.43 -22.22 13.61
C SER A 358 8.31 -21.01 14.53
N ASP A 359 8.99 -21.11 15.69
CA ASP A 359 8.86 -20.07 16.70
C ASP A 359 9.33 -18.71 16.20
N ASP A 360 10.31 -18.70 15.29
CA ASP A 360 10.68 -17.44 14.64
C ASP A 360 9.50 -16.86 13.87
N GLU A 361 8.76 -17.72 13.15
CA GLU A 361 7.58 -17.26 12.42
C GLU A 361 6.44 -16.94 13.38
N LYS A 362 6.30 -17.72 14.45
CA LYS A 362 5.25 -17.46 15.43
C LYS A 362 5.47 -16.10 16.10
N GLU A 363 6.73 -15.79 16.44
CA GLU A 363 7.03 -14.46 16.97
C GLU A 363 6.85 -13.38 15.92
N ALA A 364 7.13 -13.71 14.66
CA ALA A 364 7.02 -12.72 13.58
C ALA A 364 5.57 -12.29 13.38
N LEU A 365 4.67 -13.23 13.08
CA LEU A 365 3.29 -12.88 12.81
C LEU A 365 2.60 -12.29 14.03
N THR A 366 2.98 -12.73 15.23
CA THR A 366 2.40 -12.14 16.44
C THR A 366 2.73 -10.66 16.55
N LYS A 367 3.92 -10.27 16.11
CA LYS A 367 4.27 -8.86 16.09
C LYS A 367 3.39 -8.09 15.09
N ILE A 368 3.16 -8.68 13.92
CA ILE A 368 2.26 -8.06 12.95
C ILE A 368 0.84 -8.01 13.49
N PHE A 369 0.42 -9.06 14.19
CA PHE A 369 -0.91 -9.09 14.77
C PHE A 369 -1.08 -8.00 15.83
N ASN A 370 -0.11 -7.89 16.74
CA ASN A 370 -0.22 -6.89 17.80
C ASN A 370 -0.20 -5.47 17.25
N ASN A 371 0.64 -5.21 16.25
CA ASN A 371 0.72 -3.87 15.67
C ASN A 371 -0.62 -3.45 15.06
N ALA A 372 -1.32 -4.39 14.42
CA ALA A 372 -2.63 -4.08 13.84
C ALA A 372 -3.69 -3.86 14.91
N ILE A 373 -3.63 -4.62 16.01
CA ILE A 373 -4.57 -4.43 17.11
C ILE A 373 -4.42 -3.04 17.73
N ALA A 374 -3.23 -2.45 17.64
CA ALA A 374 -3.01 -1.12 18.20
C ALA A 374 -3.98 -0.08 17.65
N LEU A 375 -4.46 -0.26 16.42
CA LEU A 375 -5.42 0.69 15.85
C LEU A 375 -6.75 0.71 16.61
N LEU A 376 -7.05 -0.34 17.37
CA LEU A 376 -8.25 -0.35 18.20
C LEU A 376 -8.02 0.41 19.50
N PRO A 377 -9.10 0.87 20.13
CA PRO A 377 -8.96 1.43 21.49
C PRO A 377 -8.46 0.36 22.44
N GLU A 378 -7.75 0.79 23.48
CA GLU A 378 -7.19 -0.14 24.46
C GLU A 378 -8.28 -0.96 25.14
N THR A 379 -9.51 -0.43 25.21
CA THR A 379 -10.61 -1.17 25.81
C THR A 379 -11.03 -2.37 24.96
N ASP A 380 -10.96 -2.26 23.64
CA ASP A 380 -11.39 -3.36 22.77
C ASP A 380 -10.27 -4.31 22.38
N ARG A 381 -9.04 -4.08 22.85
CA ARG A 381 -7.96 -4.96 22.42
C ARG A 381 -8.01 -6.32 23.10
N GLU A 382 -8.71 -6.42 24.25
CA GLU A 382 -8.91 -7.69 24.94
C GLU A 382 -10.24 -8.35 24.57
N LEU A 383 -10.72 -8.16 23.34
CA LEU A 383 -12.00 -8.74 22.97
C LEU A 383 -11.86 -10.25 22.78
N PRO A 384 -12.92 -11.00 23.09
CA PRO A 384 -12.79 -12.48 23.05
C PRO A 384 -12.51 -13.03 21.66
N GLN A 385 -13.12 -12.45 20.62
CA GLN A 385 -12.83 -12.91 19.27
C GLN A 385 -11.38 -12.66 18.89
N ILE A 386 -10.77 -11.60 19.44
CA ILE A 386 -9.38 -11.29 19.12
C ILE A 386 -8.44 -12.28 19.81
N LYS A 387 -8.64 -12.49 21.12
CA LYS A 387 -7.72 -13.34 21.86
C LYS A 387 -7.82 -14.80 21.43
N HIS A 388 -9.02 -15.28 21.11
CA HIS A 388 -9.18 -16.69 20.78
C HIS A 388 -8.63 -17.05 19.41
N ILE A 389 -8.46 -16.09 18.52
CA ILE A 389 -7.98 -16.40 17.17
C ILE A 389 -6.46 -16.42 17.10
N LEU A 390 -5.77 -15.71 17.98
CA LEU A 390 -4.31 -15.63 17.93
C LEU A 390 -3.64 -16.99 18.03
N PRO A 391 -4.01 -17.89 18.96
CA PRO A 391 -3.34 -19.21 19.00
C PRO A 391 -3.44 -19.96 17.69
N LEU A 392 -4.58 -19.88 17.01
CA LEU A 392 -4.73 -20.53 15.71
C LEU A 392 -3.76 -19.93 14.69
N LEU A 393 -3.62 -18.60 14.72
CA LEU A 393 -2.73 -17.93 13.78
C LEU A 393 -1.27 -18.31 14.03
N ARG A 394 -0.87 -18.37 15.31
CA ARG A 394 0.50 -18.74 15.63
C ARG A 394 0.83 -20.15 15.11
N ARG A 395 -0.13 -21.06 15.17
CA ARG A 395 0.05 -22.40 14.66
C ARG A 395 -0.09 -22.48 13.13
N GLY A 396 -0.40 -21.38 12.47
CA GLY A 396 -0.46 -21.34 11.02
C GLY A 396 -1.80 -21.68 10.41
N ILE A 397 -2.89 -21.54 11.15
CA ILE A 397 -4.24 -21.83 10.64
C ILE A 397 -5.08 -20.58 10.82
N GLY A 398 -5.79 -20.19 9.76
CA GLY A 398 -6.55 -18.95 9.75
C GLY A 398 -8.02 -19.19 9.47
N ILE A 399 -8.84 -18.26 9.96
CA ILE A 399 -10.28 -18.25 9.71
C ILE A 399 -10.62 -16.94 9.01
N HIS A 400 -11.55 -17.01 8.05
CA HIS A 400 -11.87 -15.84 7.21
C HIS A 400 -13.35 -15.90 6.85
N HIS A 401 -14.16 -15.12 7.57
CA HIS A 401 -15.59 -15.07 7.28
C HIS A 401 -16.12 -13.69 7.63
N SER A 402 -17.32 -13.39 7.12
CA SER A 402 -17.91 -12.06 7.25
C SER A 402 -18.17 -11.66 8.70
N GLY A 403 -18.20 -12.62 9.61
CA GLY A 403 -18.43 -12.32 11.02
C GLY A 403 -17.24 -11.75 11.75
N LEU A 404 -16.05 -11.79 11.15
CA LEU A 404 -14.85 -11.29 11.80
C LEU A 404 -14.89 -9.77 11.92
N LEU A 405 -14.21 -9.25 12.94
CA LEU A 405 -14.06 -7.82 13.09
C LEU A 405 -13.32 -7.26 11.88
N PRO A 406 -13.62 -6.02 11.46
CA PRO A 406 -12.96 -5.47 10.28
C PRO A 406 -11.46 -5.43 10.40
N ILE A 407 -10.93 -5.22 11.60
CA ILE A 407 -9.48 -5.26 11.78
C ILE A 407 -8.95 -6.69 11.61
N LEU A 408 -9.65 -7.68 12.18
CA LEU A 408 -9.16 -9.04 12.15
C LEU A 408 -9.13 -9.61 10.74
N LYS A 409 -10.22 -9.41 9.99
CA LYS A 409 -10.28 -9.90 8.62
C LYS A 409 -9.12 -9.36 7.79
N GLU A 410 -8.76 -8.09 7.99
CA GLU A 410 -7.67 -7.49 7.23
C GLU A 410 -6.33 -8.12 7.62
N VAL A 411 -6.11 -8.37 8.91
CA VAL A 411 -4.86 -8.98 9.35
C VAL A 411 -4.74 -10.41 8.83
N ILE A 412 -5.83 -11.17 8.91
CA ILE A 412 -5.79 -12.56 8.48
C ILE A 412 -5.48 -12.65 6.99
N GLU A 413 -6.01 -11.70 6.21
CA GLU A 413 -5.74 -11.66 4.78
C GLU A 413 -4.26 -11.41 4.50
N ILE A 414 -3.64 -10.51 5.27
CA ILE A 414 -2.23 -10.20 5.05
C ILE A 414 -1.35 -11.35 5.51
N LEU A 415 -1.58 -11.85 6.73
CA LEU A 415 -0.79 -12.97 7.25
C LEU A 415 -0.86 -14.18 6.31
N PHE A 416 -1.96 -14.35 5.60
CA PHE A 416 -2.05 -15.43 4.62
C PHE A 416 -1.19 -15.13 3.39
N GLN A 417 -1.14 -13.85 3.00
CA GLN A 417 -0.29 -13.45 1.88
C GLN A 417 1.18 -13.68 2.21
N GLU A 418 1.58 -13.38 3.45
CA GLU A 418 2.96 -13.57 3.89
C GLU A 418 3.35 -15.04 4.00
N GLY A 419 2.44 -15.97 3.71
CA GLY A 419 2.74 -17.37 3.87
C GLY A 419 2.86 -17.80 5.32
N PHE A 420 2.38 -16.98 6.25
CA PHE A 420 2.37 -17.35 7.66
C PHE A 420 1.23 -18.30 7.98
N LEU A 421 0.10 -18.16 7.29
CA LEU A 421 -1.04 -19.06 7.45
C LEU A 421 -0.97 -20.12 6.36
N LYS A 422 -0.87 -21.38 6.76
CA LYS A 422 -0.70 -22.47 5.82
C LYS A 422 -2.03 -23.07 5.36
N VAL A 423 -3.04 -23.07 6.22
CA VAL A 423 -4.38 -23.51 5.87
C VAL A 423 -5.37 -22.43 6.31
N LEU A 424 -6.29 -22.07 5.42
CA LEU A 424 -7.26 -21.01 5.67
C LEU A 424 -8.66 -21.59 5.58
N PHE A 425 -9.43 -21.46 6.66
CA PHE A 425 -10.82 -21.89 6.70
C PHE A 425 -11.69 -20.68 6.35
N ALA A 426 -12.31 -20.73 5.17
CA ALA A 426 -12.95 -19.55 4.60
C ALA A 426 -14.34 -19.91 4.07
N THR A 427 -15.08 -18.88 3.67
CA THR A 427 -16.42 -19.00 3.12
C THR A 427 -16.41 -18.59 1.65
N GLU A 428 -17.50 -18.90 0.96
CA GLU A 428 -17.59 -18.58 -0.48
C GLU A 428 -17.52 -17.08 -0.73
N THR A 429 -18.21 -16.30 0.09
CA THR A 429 -18.19 -14.84 -0.09
C THR A 429 -16.81 -14.30 0.24
N PHE A 430 -16.25 -13.54 -0.70
CA PHE A 430 -14.91 -12.95 -0.53
C PHE A 430 -14.95 -11.45 -0.75
N GLY A 433 -13.30 -10.95 -4.52
CA GLY A 433 -12.53 -9.93 -5.21
C GLY A 433 -11.15 -9.70 -4.60
N LEU A 434 -10.92 -10.33 -3.45
CA LEU A 434 -9.64 -10.22 -2.78
C LEU A 434 -8.56 -10.98 -3.56
N ASN A 435 -7.30 -10.63 -3.30
CA ASN A 435 -6.19 -11.34 -3.89
C ASN A 435 -5.66 -12.33 -2.85
N MET A 436 -6.38 -13.44 -2.71
CA MET A 436 -6.03 -14.52 -1.79
C MET A 436 -5.86 -15.83 -2.55
N PRO A 437 -4.81 -15.95 -3.37
CA PRO A 437 -4.60 -17.20 -4.10
C PRO A 437 -3.82 -18.21 -3.27
N ALA A 438 -4.25 -19.46 -3.36
CA ALA A 438 -3.53 -20.60 -2.81
C ALA A 438 -3.37 -21.62 -3.91
N LYS A 439 -2.43 -22.55 -3.72
CA LYS A 439 -2.18 -23.53 -4.76
C LYS A 439 -3.07 -24.75 -4.66
N THR A 440 -3.73 -24.96 -3.53
CA THR A 440 -4.70 -26.03 -3.38
C THR A 440 -5.94 -25.47 -2.68
N VAL A 441 -7.11 -25.84 -3.20
CA VAL A 441 -8.39 -25.42 -2.64
C VAL A 441 -9.24 -26.66 -2.37
N VAL A 442 -9.87 -26.70 -1.20
CA VAL A 442 -10.63 -27.87 -0.77
C VAL A 442 -12.04 -27.43 -0.38
N PHE A 443 -13.03 -28.24 -0.77
CA PHE A 443 -14.43 -27.99 -0.47
C PHE A 443 -14.89 -28.98 0.60
N THR A 444 -15.48 -28.47 1.67
CA THR A 444 -15.95 -29.34 2.75
C THR A 444 -17.01 -30.32 2.26
N SER A 445 -17.96 -29.85 1.45
CA SER A 445 -19.04 -30.67 0.94
C SER A 445 -19.19 -30.45 -0.56
N VAL A 446 -19.89 -31.40 -1.19
CA VAL A 446 -20.22 -31.29 -2.61
C VAL A 446 -21.56 -30.60 -2.82
N ARG A 447 -22.19 -30.14 -1.75
CA ARG A 447 -23.49 -29.49 -1.80
C ARG A 447 -23.42 -28.15 -1.09
N LYS A 448 -24.18 -27.18 -1.58
CA LYS A 448 -24.29 -25.88 -0.94
C LYS A 448 -25.68 -25.72 -0.35
N TRP A 449 -25.75 -25.02 0.77
CA TRP A 449 -27.01 -24.85 1.50
C TRP A 449 -27.84 -23.74 0.88
N ASP A 450 -29.02 -24.10 0.39
CA ASP A 450 -29.98 -23.13 -0.12
C ASP A 450 -30.75 -22.54 1.06
N GLY A 451 -31.68 -21.62 0.76
CA GLY A 451 -32.44 -20.99 1.83
C GLY A 451 -33.13 -21.98 2.75
N GLN A 452 -33.69 -23.06 2.19
CA GLN A 452 -34.36 -24.07 2.98
C GLN A 452 -33.93 -25.50 2.65
N GLN A 453 -32.91 -25.69 1.83
CA GLN A 453 -32.56 -27.04 1.39
C GLN A 453 -31.06 -27.11 1.10
N PHE A 454 -30.54 -28.34 1.03
CA PHE A 454 -29.17 -28.61 0.61
C PHE A 454 -29.18 -28.95 -0.88
N ARG A 455 -28.64 -28.06 -1.69
CA ARG A 455 -28.64 -28.21 -3.14
C ARG A 455 -27.24 -28.52 -3.64
N TRP A 456 -27.18 -29.23 -4.77
CA TRP A 456 -25.89 -29.53 -5.40
C TRP A 456 -25.22 -28.25 -5.85
N VAL A 457 -23.90 -28.18 -5.66
CA VAL A 457 -23.13 -27.06 -6.18
C VAL A 457 -23.34 -26.94 -7.68
N SER A 458 -23.56 -25.71 -8.15
CA SER A 458 -23.81 -25.50 -9.57
C SER A 458 -22.50 -25.46 -10.34
N GLY A 459 -22.62 -25.67 -11.66
CA GLY A 459 -21.46 -25.53 -12.53
C GLY A 459 -20.74 -24.21 -12.34
N GLY A 460 -21.50 -23.11 -12.37
CA GLY A 460 -20.90 -21.80 -12.16
C GLY A 460 -20.15 -21.68 -10.85
N GLU A 461 -20.81 -22.06 -9.75
CA GLU A 461 -20.19 -21.93 -8.42
C GLU A 461 -18.88 -22.71 -8.34
N TYR A 462 -18.82 -23.87 -8.99
CA TYR A 462 -17.56 -24.61 -9.03
C TYR A 462 -16.50 -23.84 -9.80
N ILE A 463 -16.88 -23.26 -10.94
CA ILE A 463 -15.95 -22.46 -11.73
C ILE A 463 -15.42 -21.29 -10.91
N GLN A 464 -16.31 -20.57 -10.22
CA GLN A 464 -15.91 -19.39 -9.47
C GLN A 464 -15.03 -19.70 -8.27
N MET A 465 -15.11 -20.90 -7.73
CA MET A 465 -14.32 -21.28 -6.56
C MET A 465 -13.08 -22.06 -6.92
N SER A 466 -13.12 -22.92 -7.95
CA SER A 466 -11.91 -23.57 -8.41
C SER A 466 -10.88 -22.57 -8.89
N GLY A 467 -11.33 -21.40 -9.38
CA GLY A 467 -10.42 -20.36 -9.80
C GLY A 467 -9.54 -19.82 -8.70
N ARG A 468 -9.94 -19.99 -7.43
CA ARG A 468 -9.10 -19.56 -6.31
C ARG A 468 -7.86 -20.44 -6.14
N ALA A 469 -7.65 -21.41 -7.02
CA ALA A 469 -6.49 -22.28 -6.97
C ALA A 469 -5.45 -21.85 -8.00
N GLY A 470 -4.18 -22.05 -7.64
CA GLY A 470 -3.09 -21.70 -8.53
C GLY A 470 -2.62 -20.26 -8.38
N ARG A 471 -1.32 -20.04 -8.49
CA ARG A 471 -0.73 -18.71 -8.38
C ARG A 471 0.20 -18.49 -9.56
N ARG A 472 0.07 -17.33 -10.22
CA ARG A 472 0.85 -17.05 -11.41
C ARG A 472 2.34 -17.10 -11.09
N GLY A 473 3.09 -17.86 -11.88
CA GLY A 473 4.52 -17.97 -11.68
C GLY A 473 4.94 -18.92 -10.58
N LEU A 474 4.41 -18.71 -9.37
CA LEU A 474 4.82 -19.53 -8.23
C LEU A 474 4.52 -21.01 -8.46
N ASP A 475 3.30 -21.32 -8.87
CA ASP A 475 2.81 -22.70 -8.92
C ASP A 475 2.69 -23.19 -10.35
N ASP A 476 3.17 -24.40 -10.60
CA ASP A 476 3.02 -25.01 -11.91
C ASP A 476 1.60 -25.48 -12.17
N ARG A 477 0.87 -25.86 -11.12
CA ARG A 477 -0.50 -26.35 -11.25
C ARG A 477 -1.31 -25.88 -10.05
N GLY A 478 -2.62 -25.89 -10.21
CA GLY A 478 -3.54 -25.62 -9.12
C GLY A 478 -4.39 -26.83 -8.80
N ILE A 479 -4.49 -27.19 -7.53
CA ILE A 479 -5.21 -28.38 -7.10
C ILE A 479 -6.51 -27.95 -6.44
N VAL A 480 -7.61 -28.59 -6.85
CA VAL A 480 -8.89 -28.45 -6.16
C VAL A 480 -9.34 -29.84 -5.71
N ILE A 481 -9.75 -29.94 -4.45
CA ILE A 481 -10.18 -31.20 -3.87
C ILE A 481 -11.58 -31.00 -3.32
N MET A 482 -12.48 -31.93 -3.64
CA MET A 482 -13.87 -31.85 -3.20
C MET A 482 -14.21 -33.11 -2.42
N MET A 483 -14.59 -32.95 -1.16
CA MET A 483 -15.04 -34.06 -0.34
C MET A 483 -16.49 -34.38 -0.69
N ILE A 484 -16.72 -35.60 -1.16
CA ILE A 484 -18.04 -36.05 -1.59
C ILE A 484 -18.49 -37.19 -0.68
N ASP A 485 -19.76 -37.15 -0.28
CA ASP A 485 -20.33 -38.12 0.63
C ASP A 485 -21.64 -38.67 0.07
N GLU A 486 -21.65 -38.99 -1.22
CA GLU A 486 -22.85 -39.50 -1.87
C GLU A 486 -22.47 -40.15 -3.19
N LYS A 487 -23.16 -41.24 -3.52
CA LYS A 487 -22.90 -41.99 -4.76
C LYS A 487 -23.52 -41.23 -5.93
N MET A 488 -22.89 -40.10 -6.25
CA MET A 488 -23.41 -39.20 -7.28
C MET A 488 -23.30 -39.82 -8.66
N GLU A 489 -24.29 -39.52 -9.50
CA GLU A 489 -24.33 -40.05 -10.85
C GLU A 489 -23.26 -39.37 -11.72
N PRO A 490 -22.82 -40.04 -12.80
CA PRO A 490 -21.80 -39.42 -13.66
C PRO A 490 -22.26 -38.14 -14.33
N GLN A 491 -23.43 -38.15 -14.97
CA GLN A 491 -23.90 -36.96 -15.66
C GLN A 491 -24.08 -35.78 -14.71
N VAL A 492 -24.39 -36.06 -13.44
CA VAL A 492 -24.46 -34.99 -12.44
C VAL A 492 -23.08 -34.41 -12.18
N ALA A 493 -22.06 -35.28 -12.09
CA ALA A 493 -20.71 -34.81 -11.81
C ALA A 493 -20.17 -33.96 -12.94
N LYS A 494 -20.29 -34.43 -14.19
CA LYS A 494 -19.85 -33.64 -15.33
C LYS A 494 -20.51 -32.27 -15.35
N GLY A 495 -21.81 -32.21 -15.02
CA GLY A 495 -22.49 -30.94 -14.90
C GLY A 495 -21.91 -30.02 -13.83
N MET A 496 -21.17 -30.58 -12.88
CA MET A 496 -20.62 -29.80 -11.77
C MET A 496 -19.18 -29.38 -12.04
N VAL A 497 -18.25 -30.34 -11.91
CA VAL A 497 -16.82 -30.03 -12.03
C VAL A 497 -16.46 -29.56 -13.43
N LYS A 498 -17.24 -29.95 -14.44
CA LYS A 498 -16.98 -29.56 -15.82
C LYS A 498 -18.16 -28.79 -16.40
N GLY A 499 -18.96 -28.16 -15.54
CA GLY A 499 -20.11 -27.41 -15.99
C GLY A 499 -19.71 -26.12 -16.68
N GLN A 500 -20.73 -25.30 -16.96
CA GLN A 500 -20.55 -24.04 -17.66
C GLN A 500 -20.92 -22.89 -16.74
N ALA A 501 -20.34 -21.72 -17.03
CA ALA A 501 -20.52 -20.56 -16.18
C ALA A 501 -21.93 -20.00 -16.29
N ASP A 502 -22.32 -19.24 -15.27
CA ASP A 502 -23.64 -18.64 -15.25
C ASP A 502 -23.77 -17.55 -16.31
N ARG A 503 -24.98 -17.38 -16.83
CA ARG A 503 -25.24 -16.32 -17.79
C ARG A 503 -25.28 -14.96 -17.10
N LEU A 504 -24.99 -13.92 -17.87
CA LEU A 504 -25.11 -12.54 -17.40
C LEU A 504 -26.50 -12.05 -17.75
N ASP A 505 -27.44 -12.24 -16.83
CA ASP A 505 -28.84 -11.88 -17.02
C ASP A 505 -29.12 -10.54 -16.35
N SER A 506 -29.81 -9.66 -17.08
CA SER A 506 -30.11 -8.33 -16.55
C SER A 506 -30.96 -8.43 -15.28
N ALA A 507 -30.66 -7.56 -14.31
CA ALA A 507 -31.45 -7.46 -13.09
C ALA A 507 -32.13 -6.10 -12.98
N PHE A 508 -32.28 -5.39 -14.10
CA PHE A 508 -32.87 -4.07 -14.10
C PHE A 508 -34.29 -4.11 -13.56
N HIS A 509 -34.58 -3.19 -12.64
CA HIS A 509 -35.94 -3.03 -12.12
C HIS A 509 -36.14 -1.58 -11.73
N LEU A 510 -37.41 -1.16 -11.71
CA LEU A 510 -37.74 0.20 -11.37
C LEU A 510 -37.60 0.47 -9.88
N GLY A 511 -37.11 1.65 -9.55
CA GLY A 511 -36.99 2.07 -8.17
C GLY A 511 -37.67 3.40 -7.95
N TYR A 512 -38.24 3.57 -6.76
CA TYR A 512 -38.93 4.81 -6.43
C TYR A 512 -37.97 6.00 -6.42
N ASN A 513 -36.82 5.84 -5.76
CA ASN A 513 -35.82 6.90 -5.79
C ASN A 513 -35.29 7.14 -7.19
N MET A 514 -35.31 6.10 -8.04
CA MET A 514 -34.87 6.27 -9.42
C MET A 514 -35.87 7.09 -10.22
N ILE A 515 -37.16 6.79 -10.08
CA ILE A 515 -38.18 7.51 -10.84
C ILE A 515 -38.24 8.97 -10.41
N LEU A 516 -38.17 9.23 -9.11
CA LEU A 516 -38.21 10.61 -8.63
C LEU A 516 -37.02 11.40 -9.11
N ASN A 517 -35.83 10.78 -9.17
CA ASN A 517 -34.65 11.46 -9.68
C ASN A 517 -34.82 11.84 -11.15
N LEU A 518 -35.44 10.96 -11.94
CA LEU A 518 -35.65 11.25 -13.35
C LEU A 518 -36.66 12.38 -13.57
N MET A 519 -37.54 12.63 -12.60
CA MET A 519 -38.44 13.76 -12.70
C MET A 519 -37.71 15.08 -12.52
N ARG A 520 -36.74 15.13 -11.61
CA ARG A 520 -35.98 16.36 -11.40
C ARG A 520 -35.12 16.70 -12.62
N VAL A 521 -34.53 15.70 -13.25
CA VAL A 521 -33.78 15.92 -14.48
C VAL A 521 -34.75 16.10 -15.63
N GLU A 522 -34.46 17.05 -16.51
CA GLU A 522 -35.34 17.36 -17.63
C GLU A 522 -35.02 16.57 -18.89
N GLY A 523 -33.93 15.80 -18.91
CA GLY A 523 -33.42 15.27 -20.17
C GLY A 523 -33.64 13.80 -20.46
N ILE A 524 -33.99 13.00 -19.45
CA ILE A 524 -34.10 11.56 -19.61
C ILE A 524 -35.45 11.10 -19.07
N SER A 525 -36.06 10.11 -19.76
CA SER A 525 -37.39 9.65 -19.44
C SER A 525 -37.36 8.26 -18.83
N PRO A 526 -38.22 7.97 -17.85
CA PRO A 526 -38.29 6.59 -17.33
C PRO A 526 -38.66 5.57 -18.41
N GLU A 527 -39.58 5.93 -19.31
CA GLU A 527 -39.85 5.07 -20.46
C GLU A 527 -38.59 4.83 -21.27
N PHE A 528 -37.73 5.84 -21.37
CA PHE A 528 -36.50 5.72 -22.16
C PHE A 528 -35.55 4.70 -21.55
N MET A 529 -35.44 4.67 -20.22
CA MET A 529 -34.62 3.66 -19.56
C MET A 529 -35.11 2.25 -19.89
N LEU A 530 -36.41 2.02 -19.71
CA LEU A 530 -36.97 0.69 -19.97
C LEU A 530 -36.72 0.27 -21.41
N GLU A 531 -36.96 1.17 -22.35
CA GLU A 531 -36.75 0.86 -23.76
C GLU A 531 -35.30 0.54 -24.07
N HIS A 532 -34.36 0.98 -23.23
CA HIS A 532 -32.94 0.74 -23.44
C HIS A 532 -32.34 -0.25 -22.45
N SER A 533 -33.07 -0.63 -21.41
CA SER A 533 -32.55 -1.59 -20.44
C SER A 533 -32.16 -2.90 -21.11
N PHE A 534 -31.04 -3.49 -20.63
CA PHE A 534 -30.63 -4.80 -21.13
C PHE A 534 -31.71 -5.83 -20.89
N PHE A 535 -32.55 -5.62 -19.87
CA PHE A 535 -33.72 -6.47 -19.67
C PHE A 535 -34.62 -6.48 -20.89
N GLN A 536 -35.01 -5.28 -21.37
CA GLN A 536 -35.86 -5.19 -22.55
C GLN A 536 -35.20 -5.83 -23.76
N PHE A 537 -33.89 -5.63 -23.92
CA PHE A 537 -33.19 -6.23 -25.05
C PHE A 537 -33.18 -7.76 -24.96
N GLN A 538 -33.22 -8.31 -23.75
CA GLN A 538 -33.26 -9.76 -23.61
C GLN A 538 -34.62 -10.34 -23.91
N ASN A 539 -35.70 -9.55 -23.80
CA ASN A 539 -37.01 -10.06 -24.18
C ASN A 539 -37.21 -10.02 -25.69
N VAL A 540 -36.78 -8.94 -26.35
CA VAL A 540 -36.97 -8.82 -27.79
C VAL A 540 -36.19 -9.89 -28.55
N ILE A 541 -35.14 -10.44 -27.94
CA ILE A 541 -34.44 -11.57 -28.53
C ILE A 541 -35.04 -12.91 -28.08
N SER A 542 -35.91 -12.90 -27.08
CA SER A 542 -36.50 -14.13 -26.59
C SER A 542 -37.70 -14.58 -27.43
N VAL A 543 -38.47 -13.64 -27.98
CA VAL A 543 -39.72 -13.95 -28.65
C VAL A 543 -39.51 -14.69 -29.97
N PRO A 544 -38.38 -14.56 -30.69
CA PRO A 544 -38.21 -15.44 -31.87
C PRO A 544 -37.96 -16.89 -31.52
N VAL A 545 -37.35 -17.15 -30.35
CA VAL A 545 -37.20 -18.53 -29.92
C VAL A 545 -38.49 -19.05 -29.30
N MET A 546 -39.33 -18.16 -28.77
CA MET A 546 -40.65 -18.56 -28.31
C MET A 546 -41.60 -18.79 -29.48
N GLU A 547 -41.50 -17.97 -30.52
CA GLU A 547 -42.33 -18.16 -31.70
C GLU A 547 -42.00 -19.46 -32.42
N LYS A 548 -40.73 -19.88 -32.39
CA LYS A 548 -40.36 -21.17 -32.97
C LYS A 548 -41.02 -22.32 -32.20
N LYS A 549 -41.01 -22.24 -30.87
CA LYS A 549 -41.70 -23.25 -30.06
C LYS A 549 -43.20 -23.24 -30.32
N LEU A 550 -43.77 -22.05 -30.54
CA LEU A 550 -45.21 -21.96 -30.77
C LEU A 550 -45.60 -22.61 -32.09
N ALA A 551 -44.95 -22.22 -33.19
CA ALA A 551 -45.28 -22.79 -34.48
C ALA A 551 -45.00 -24.29 -34.52
N GLU A 552 -43.98 -24.74 -33.81
CA GLU A 552 -43.77 -26.18 -33.64
C GLU A 552 -44.88 -26.80 -32.79
N LEU A 553 -45.32 -26.09 -31.76
CA LEU A 553 -46.36 -26.62 -30.87
C LEU A 553 -47.68 -26.78 -31.62
N LYS A 554 -48.00 -25.87 -32.54
CA LYS A 554 -49.25 -25.97 -33.27
C LYS A 554 -49.18 -27.03 -34.35
N LYS A 555 -47.98 -27.34 -34.84
CA LYS A 555 -47.81 -28.43 -35.80
C LYS A 555 -48.32 -29.74 -35.22
N ASP A 556 -47.99 -30.01 -33.95
CA ASP A 556 -48.54 -31.19 -33.29
C ASP A 556 -50.03 -31.05 -33.04
N PHE A 557 -50.53 -29.82 -32.94
CA PHE A 557 -51.94 -29.59 -32.67
C PHE A 557 -52.79 -29.89 -33.91
N ASP A 558 -52.39 -29.35 -35.07
CA ASP A 558 -53.15 -29.59 -36.29
C ASP A 558 -53.17 -31.07 -36.65
N GLY A 559 -52.07 -31.78 -36.39
CA GLY A 559 -52.02 -33.20 -36.70
C GLY A 559 -52.91 -34.07 -35.84
N ILE A 560 -53.39 -33.55 -34.71
CA ILE A 560 -54.28 -34.27 -33.83
C ILE A 560 -55.72 -33.86 -34.13
N GLU A 561 -56.59 -34.85 -34.27
CA GLU A 561 -58.02 -34.60 -34.46
C GLU A 561 -58.78 -35.83 -33.99
N VAL A 562 -59.71 -35.64 -33.05
CA VAL A 562 -60.44 -36.73 -32.41
C VAL A 562 -61.86 -36.75 -32.95
N GLU A 563 -62.30 -37.92 -33.39
CA GLU A 563 -63.68 -38.09 -33.85
C GLU A 563 -64.63 -38.03 -32.65
N ASP A 564 -65.87 -37.62 -32.94
CA ASP A 564 -66.90 -37.41 -31.91
C ASP A 564 -66.39 -36.47 -30.83
N GLU A 565 -65.85 -35.33 -31.29
CA GLU A 565 -65.19 -34.39 -30.38
C GLU A 565 -66.12 -33.91 -29.28
N GLU A 566 -67.37 -33.60 -29.63
CA GLU A 566 -68.31 -33.05 -28.65
C GLU A 566 -68.52 -34.02 -27.49
N ASN A 567 -68.74 -35.30 -27.79
CA ASN A 567 -68.96 -36.28 -26.74
C ASN A 567 -67.68 -36.52 -25.94
N VAL A 568 -66.54 -36.64 -26.62
CA VAL A 568 -65.27 -36.86 -25.93
C VAL A 568 -64.92 -35.66 -25.06
N LYS A 569 -65.23 -34.45 -25.54
CA LYS A 569 -64.93 -33.26 -24.75
C LYS A 569 -65.78 -33.19 -23.49
N GLU A 570 -67.07 -33.48 -23.59
CA GLU A 570 -67.92 -33.50 -22.40
C GLU A 570 -67.40 -34.51 -21.38
N TYR A 571 -67.07 -35.71 -21.85
CA TYR A 571 -66.51 -36.72 -20.95
C TYR A 571 -65.24 -36.22 -20.29
N HIS A 572 -64.40 -35.52 -21.06
CA HIS A 572 -63.16 -34.98 -20.51
C HIS A 572 -63.46 -33.91 -19.45
N GLU A 573 -64.35 -32.98 -19.77
CA GLU A 573 -64.68 -31.90 -18.82
C GLU A 573 -65.28 -32.47 -17.55
N ILE A 574 -66.13 -33.50 -17.66
CA ILE A 574 -66.74 -34.08 -16.47
C ILE A 574 -65.68 -34.76 -15.61
N GLU A 575 -64.84 -35.59 -16.23
CA GLU A 575 -63.76 -36.24 -15.49
C GLU A 575 -62.84 -35.21 -14.84
N GLN A 576 -62.55 -34.11 -15.56
CA GLN A 576 -61.76 -33.04 -14.97
C GLN A 576 -62.46 -32.45 -13.76
N ALA A 577 -63.76 -32.16 -13.90
CA ALA A 577 -64.55 -31.71 -12.75
C ALA A 577 -64.48 -32.70 -11.60
N ILE A 578 -64.61 -34.00 -11.90
CA ILE A 578 -64.48 -35.01 -10.87
C ILE A 578 -63.07 -34.98 -10.27
N LYS A 579 -62.05 -34.88 -11.12
CA LYS A 579 -60.68 -34.78 -10.63
C LYS A 579 -60.50 -33.60 -9.69
N GLY A 580 -61.16 -32.48 -9.97
CA GLY A 580 -61.04 -31.33 -9.10
C GLY A 580 -61.73 -31.52 -7.76
N TYR A 581 -62.97 -32.01 -7.79
CA TYR A 581 -63.70 -32.21 -6.54
C TYR A 581 -63.04 -33.29 -5.68
N ARG A 582 -62.49 -34.33 -6.30
CA ARG A 582 -61.85 -35.39 -5.52
C ARG A 582 -60.57 -34.88 -4.86
N GLU A 583 -59.80 -34.03 -5.56
CA GLU A 583 -58.66 -33.40 -4.92
C GLU A 583 -59.10 -32.49 -3.78
N ASP A 584 -60.29 -31.89 -3.89
CA ASP A 584 -60.80 -31.04 -2.81
C ASP A 584 -61.12 -31.84 -1.55
N VAL A 585 -61.64 -33.07 -1.72
CA VAL A 585 -61.91 -33.88 -0.53
C VAL A 585 -60.61 -34.35 0.11
N ARG A 586 -59.55 -34.53 -0.69
CA ARG A 586 -58.27 -34.95 -0.12
C ARG A 586 -57.77 -33.94 0.89
N GLN A 587 -57.91 -32.64 0.58
CA GLN A 587 -57.51 -31.61 1.53
C GLN A 587 -58.32 -31.73 2.81
N VAL A 588 -59.60 -32.07 2.69
CA VAL A 588 -60.44 -32.25 3.88
C VAL A 588 -60.06 -33.53 4.62
N VAL A 589 -59.61 -34.55 3.90
CA VAL A 589 -59.20 -35.80 4.55
C VAL A 589 -57.84 -35.63 5.22
N THR A 590 -56.92 -34.93 4.57
CA THR A 590 -55.56 -34.79 5.10
C THR A 590 -55.43 -33.68 6.12
N HIS A 591 -56.48 -32.87 6.32
CA HIS A 591 -56.41 -31.81 7.32
C HIS A 591 -56.19 -32.44 8.70
N PRO A 592 -55.36 -31.81 9.55
CA PRO A 592 -55.02 -32.42 10.85
C PRO A 592 -56.22 -32.81 11.71
N ALA A 593 -57.32 -32.08 11.63
CA ALA A 593 -58.47 -32.36 12.50
C ALA A 593 -58.97 -33.78 12.29
N ASN A 594 -59.08 -34.22 11.04
CA ASN A 594 -59.61 -35.54 10.74
C ASN A 594 -58.51 -36.59 10.61
N ALA A 595 -57.36 -36.23 10.04
CA ALA A 595 -56.33 -37.22 9.73
C ALA A 595 -55.59 -37.68 10.98
N LEU A 596 -55.28 -36.76 11.90
CA LEU A 596 -54.41 -37.09 13.03
C LEU A 596 -54.98 -38.20 13.91
N SER A 597 -56.30 -38.26 14.04
CA SER A 597 -56.90 -39.30 14.87
C SER A 597 -56.64 -40.70 14.33
N PHE A 598 -56.41 -40.82 13.02
CA PHE A 598 -56.22 -42.11 12.37
C PHE A 598 -54.77 -42.39 12.00
N LEU A 599 -53.84 -41.55 12.45
CA LEU A 599 -52.43 -41.71 12.12
C LEU A 599 -51.69 -42.50 13.20
N GLN A 600 -52.21 -43.70 13.48
CA GLN A 600 -51.56 -44.59 14.40
C GLN A 600 -50.29 -45.17 13.77
N PRO A 601 -49.38 -45.72 14.58
CA PRO A 601 -48.22 -46.39 14.01
C PRO A 601 -48.64 -47.58 13.14
N GLY A 602 -47.96 -47.72 12.00
CA GLY A 602 -48.27 -48.78 11.07
C GLY A 602 -49.32 -48.44 10.03
N ARG A 603 -50.00 -47.30 10.16
CA ARG A 603 -51.03 -46.93 9.21
C ARG A 603 -50.46 -46.83 7.81
N LEU A 604 -51.20 -47.36 6.84
CA LEU A 604 -50.78 -47.35 5.44
C LEU A 604 -51.20 -46.05 4.79
N VAL A 605 -50.25 -45.40 4.10
CA VAL A 605 -50.49 -44.13 3.45
C VAL A 605 -49.79 -44.11 2.08
N GLU A 606 -50.41 -43.42 1.13
CA GLU A 606 -49.84 -43.22 -0.20
C GLU A 606 -49.18 -41.85 -0.25
N ILE A 607 -47.90 -41.83 -0.59
CA ILE A 607 -47.06 -40.64 -0.45
C ILE A 607 -46.80 -40.04 -1.83
N SER A 608 -47.15 -38.77 -2.00
CA SER A 608 -46.88 -38.01 -3.22
C SER A 608 -46.45 -36.60 -2.80
N VAL A 609 -45.15 -36.41 -2.60
CA VAL A 609 -44.64 -35.16 -2.05
C VAL A 609 -44.62 -34.10 -3.15
N ASN A 610 -45.19 -32.93 -2.85
CA ASN A 610 -45.21 -31.79 -3.77
C ASN A 610 -45.82 -32.15 -5.12
N GLY A 611 -46.69 -33.17 -5.14
CA GLY A 611 -47.38 -33.57 -6.35
C GLY A 611 -46.49 -34.06 -7.46
N LYS A 612 -45.21 -34.30 -7.16
CA LYS A 612 -44.25 -34.73 -8.18
C LYS A 612 -43.66 -36.10 -7.88
N ASP A 613 -43.10 -36.31 -6.70
CA ASP A 613 -42.42 -37.56 -6.36
C ASP A 613 -43.42 -38.50 -5.70
N ASN A 614 -43.71 -39.62 -6.37
CA ASN A 614 -44.64 -40.63 -5.86
C ASN A 614 -43.84 -41.80 -5.32
N TYR A 615 -43.87 -41.97 -3.99
CA TYR A 615 -43.14 -43.04 -3.32
C TYR A 615 -43.95 -44.30 -3.14
N GLY A 616 -45.21 -44.33 -3.59
CA GLY A 616 -46.04 -45.50 -3.39
C GLY A 616 -46.65 -45.56 -2.01
N TRP A 617 -46.95 -46.78 -1.57
CA TRP A 617 -47.60 -47.00 -0.29
C TRP A 617 -46.56 -47.23 0.81
N GLY A 618 -46.71 -46.51 1.91
CA GLY A 618 -45.81 -46.64 3.04
C GLY A 618 -46.53 -46.81 4.36
N ALA A 619 -45.77 -46.79 5.46
CA ALA A 619 -46.32 -46.99 6.80
C ALA A 619 -45.93 -45.82 7.68
N VAL A 620 -46.91 -45.24 8.38
CA VAL A 620 -46.63 -44.15 9.30
C VAL A 620 -45.86 -44.69 10.49
N VAL A 621 -44.80 -43.99 10.87
CA VAL A 621 -43.98 -44.38 12.02
C VAL A 621 -44.30 -43.54 13.25
N ASP A 622 -44.43 -42.22 13.07
CA ASP A 622 -44.78 -41.31 14.16
C ASP A 622 -45.07 -39.95 13.55
N PHE A 623 -45.56 -39.04 14.40
CA PHE A 623 -45.87 -37.68 13.97
C PHE A 623 -45.79 -36.75 15.18
N ALA A 624 -45.49 -35.49 14.91
CA ALA A 624 -45.34 -34.50 15.96
C ALA A 624 -45.56 -33.11 15.36
N LYS A 625 -45.88 -32.16 16.23
CA LYS A 625 -46.17 -30.81 15.79
C LYS A 625 -44.90 -30.10 15.30
N ARG A 626 -45.08 -29.27 14.28
CA ARG A 626 -43.99 -28.45 13.76
C ARG A 626 -43.85 -27.20 14.62
N ILE A 627 -42.62 -26.86 14.98
CA ILE A 627 -42.38 -25.77 15.91
C ILE A 627 -41.47 -24.68 15.36
N ASN A 628 -40.63 -24.96 14.37
CA ASN A 628 -39.72 -23.98 13.79
C ASN A 628 -38.83 -23.34 14.84
N LYS A 629 -37.72 -24.00 15.17
CA LYS A 629 -36.80 -23.45 16.16
C LYS A 629 -36.26 -22.09 15.74
N ARG A 630 -35.94 -21.94 14.46
CA ARG A 630 -35.51 -20.67 13.91
C ARG A 630 -36.73 -19.84 13.50
N ASN A 631 -36.70 -18.56 13.88
CA ASN A 631 -37.81 -17.64 13.66
C ASN A 631 -39.11 -18.23 14.21
N PRO A 632 -39.25 -18.34 15.53
CA PRO A 632 -40.47 -18.92 16.10
C PRO A 632 -41.69 -18.07 15.79
N SER A 633 -42.86 -18.65 16.08
CA SER A 633 -44.16 -18.05 15.76
C SER A 633 -44.30 -17.73 14.28
N ALA A 634 -43.64 -18.53 13.43
CA ALA A 634 -43.83 -18.41 11.99
C ALA A 634 -45.12 -19.11 11.61
N VAL A 635 -45.84 -18.53 10.65
CA VAL A 635 -47.13 -19.09 10.27
C VAL A 635 -46.92 -20.32 9.40
N TYR A 636 -47.71 -21.35 9.65
CA TYR A 636 -47.64 -22.59 8.90
C TYR A 636 -49.01 -22.88 8.28
N THR A 637 -49.00 -23.46 7.08
CA THR A 637 -50.24 -23.96 6.51
C THR A 637 -50.82 -25.03 7.41
N ASP A 638 -52.15 -25.09 7.48
CA ASP A 638 -52.80 -26.10 8.30
C ASP A 638 -52.30 -27.49 7.95
N HIS A 639 -52.13 -27.76 6.66
CA HIS A 639 -51.64 -29.06 6.22
C HIS A 639 -50.14 -29.21 6.49
N GLU A 640 -49.39 -28.11 6.46
CA GLU A 640 -47.97 -28.14 6.76
C GLU A 640 -47.66 -28.01 8.24
N SER A 641 -48.68 -27.83 9.09
CA SER A 641 -48.47 -27.64 10.51
C SER A 641 -47.89 -28.85 11.21
N TYR A 642 -47.90 -30.02 10.58
CA TYR A 642 -47.45 -31.26 11.21
C TYR A 642 -46.48 -31.98 10.29
N ILE A 643 -45.61 -32.77 10.91
CA ILE A 643 -44.58 -33.54 10.20
C ILE A 643 -44.77 -35.01 10.56
N VAL A 644 -44.85 -35.86 9.53
CA VAL A 644 -45.07 -37.29 9.70
C VAL A 644 -43.86 -38.04 9.20
N ASN A 645 -43.36 -38.96 10.01
CA ASN A 645 -42.29 -39.87 9.60
C ASN A 645 -42.92 -41.13 9.04
N VAL A 646 -42.62 -41.44 7.78
CA VAL A 646 -43.20 -42.59 7.11
C VAL A 646 -42.08 -43.47 6.58
N VAL A 647 -42.28 -44.78 6.64
CA VAL A 647 -41.38 -45.75 6.06
C VAL A 647 -41.80 -45.99 4.61
N VAL A 648 -40.83 -46.05 3.71
CA VAL A 648 -41.09 -46.29 2.29
C VAL A 648 -40.16 -47.39 1.81
N ASN A 649 -40.61 -48.12 0.79
CA ASN A 649 -39.83 -49.21 0.21
C ASN A 649 -39.45 -48.98 -1.24
N THR A 650 -39.59 -47.75 -1.73
CA THR A 650 -39.32 -47.44 -3.13
C THR A 650 -38.26 -46.37 -3.30
N MET A 651 -37.49 -46.09 -2.24
CA MET A 651 -36.40 -45.14 -2.34
C MET A 651 -35.30 -45.67 -3.25
N TYR A 652 -34.80 -44.79 -4.12
CA TYR A 652 -33.65 -45.15 -4.95
C TYR A 652 -32.45 -45.50 -4.07
N ILE A 653 -31.71 -46.53 -4.48
CA ILE A 653 -30.73 -47.15 -3.58
C ILE A 653 -29.58 -46.20 -3.26
N ASP A 654 -29.08 -45.48 -4.27
CA ASP A 654 -27.95 -44.59 -4.09
C ASP A 654 -28.36 -43.18 -3.68
N SER A 655 -29.62 -42.98 -3.30
CA SER A 655 -30.05 -41.66 -2.83
C SER A 655 -29.39 -41.36 -1.49
N PRO A 656 -28.75 -40.21 -1.33
CA PRO A 656 -28.07 -39.92 -0.07
C PRO A 656 -29.05 -39.61 1.06
N VAL A 657 -29.45 -40.64 1.79
CA VAL A 657 -30.42 -40.47 2.88
C VAL A 657 -29.80 -39.89 4.14
N ASN A 658 -28.47 -39.88 4.25
CA ASN A 658 -27.80 -39.37 5.43
C ASN A 658 -28.06 -37.88 5.66
N LEU A 659 -28.61 -37.18 4.67
CA LEU A 659 -28.87 -35.75 4.78
C LEU A 659 -30.20 -35.43 5.44
N LEU A 660 -31.06 -36.42 5.66
CA LEU A 660 -32.40 -36.16 6.15
C LEU A 660 -32.35 -35.64 7.58
N LYS A 661 -33.04 -34.52 7.82
CA LYS A 661 -33.29 -33.92 9.12
C LYS A 661 -34.59 -34.47 9.70
N PRO A 662 -34.69 -34.58 11.02
CA PRO A 662 -35.86 -35.27 11.60
C PRO A 662 -37.18 -34.57 11.34
N PHE A 663 -37.20 -33.24 11.33
CA PHE A 663 -38.44 -32.49 11.16
C PHE A 663 -38.38 -31.51 9.99
N ASN A 664 -37.53 -31.79 9.00
CA ASN A 664 -37.45 -30.95 7.81
C ASN A 664 -38.00 -31.72 6.60
N PRO A 665 -39.24 -31.47 6.18
CA PRO A 665 -39.84 -32.25 5.11
C PRO A 665 -39.36 -31.87 3.71
N THR A 666 -38.53 -30.84 3.57
CA THR A 666 -37.97 -30.47 2.28
C THR A 666 -36.90 -31.48 1.92
N LEU A 667 -37.26 -32.45 1.07
CA LEU A 667 -36.35 -33.52 0.73
C LEU A 667 -35.15 -32.99 -0.06
N PRO A 668 -33.92 -33.23 0.38
CA PRO A 668 -32.77 -32.67 -0.33
C PRO A 668 -32.66 -33.20 -1.75
N GLU A 669 -32.09 -32.38 -2.62
CA GLU A 669 -31.89 -32.76 -4.01
C GLU A 669 -31.12 -34.06 -4.11
N GLY A 670 -31.68 -35.02 -4.84
CA GLY A 670 -31.10 -36.33 -4.99
C GLY A 670 -31.85 -37.43 -4.25
N ILE A 671 -32.66 -37.07 -3.27
CA ILE A 671 -33.54 -38.02 -2.59
C ILE A 671 -34.84 -38.07 -3.39
N ARG A 672 -35.09 -39.23 -4.01
CA ARG A 672 -36.13 -39.34 -5.02
C ARG A 672 -36.66 -40.77 -5.02
N PRO A 673 -37.88 -40.97 -5.51
CA PRO A 673 -38.36 -42.35 -5.71
C PRO A 673 -37.56 -43.04 -6.79
N ALA A 674 -37.35 -44.35 -6.61
CA ALA A 674 -36.58 -45.11 -7.57
C ALA A 674 -37.25 -45.09 -8.93
N GLU A 675 -36.47 -44.75 -9.96
CA GLU A 675 -36.97 -44.79 -11.33
C GLU A 675 -37.15 -46.23 -11.79
N GLU A 676 -37.71 -46.38 -12.99
CA GLU A 676 -37.97 -47.70 -13.53
C GLU A 676 -36.67 -48.46 -13.75
N GLY A 677 -36.61 -49.70 -13.27
CA GLY A 677 -35.42 -50.51 -13.42
C GLY A 677 -34.28 -50.15 -12.48
N GLU A 678 -34.58 -49.54 -11.33
CA GLU A 678 -33.57 -49.16 -10.36
C GLU A 678 -33.85 -49.85 -9.03
N LYS A 679 -32.78 -50.12 -8.29
CA LYS A 679 -32.92 -50.79 -7.00
C LYS A 679 -33.63 -49.90 -5.99
N SER A 680 -34.23 -50.55 -5.00
CA SER A 680 -34.99 -49.87 -3.96
C SER A 680 -34.40 -50.18 -2.60
N ILE A 681 -34.34 -49.17 -1.73
CA ILE A 681 -33.87 -49.32 -0.37
C ILE A 681 -34.93 -48.74 0.57
N CYS A 682 -35.14 -49.42 1.69
CA CYS A 682 -36.10 -48.95 2.69
C CYS A 682 -35.51 -47.78 3.48
N ALA A 683 -36.32 -46.75 3.69
CA ALA A 683 -35.87 -45.56 4.41
C ALA A 683 -37.08 -44.88 5.03
N VAL A 684 -36.80 -43.92 5.91
CA VAL A 684 -37.82 -43.14 6.59
C VAL A 684 -37.64 -41.68 6.18
N ILE A 685 -38.71 -41.07 5.68
CA ILE A 685 -38.68 -39.68 5.24
C ILE A 685 -39.71 -38.86 5.99
N PRO A 686 -39.47 -37.56 6.20
CA PRO A 686 -40.50 -36.69 6.76
C PRO A 686 -41.31 -35.99 5.68
N ILE A 687 -42.62 -35.88 5.94
CA ILE A 687 -43.54 -35.28 4.97
C ILE A 687 -44.54 -34.41 5.72
N THR A 688 -45.02 -33.37 5.03
CA THR A 688 -46.21 -32.68 5.47
C THR A 688 -47.45 -33.44 5.04
N LEU A 689 -48.60 -33.04 5.58
CA LEU A 689 -49.84 -33.76 5.28
C LEU A 689 -50.21 -33.65 3.80
N ASP A 690 -49.86 -32.55 3.15
CA ASP A 690 -50.15 -32.38 1.72
C ASP A 690 -49.50 -33.47 0.87
N SER A 691 -48.52 -34.19 1.41
CA SER A 691 -47.82 -35.21 0.65
C SER A 691 -48.52 -36.57 0.68
N ILE A 692 -49.73 -36.64 1.22
CA ILE A 692 -50.49 -37.88 1.30
C ILE A 692 -51.56 -37.85 0.22
N LYS A 693 -51.52 -38.83 -0.69
CA LYS A 693 -52.50 -38.90 -1.75
C LYS A 693 -53.77 -39.62 -1.29
N SER A 694 -53.61 -40.64 -0.46
CA SER A 694 -54.75 -41.41 0.06
C SER A 694 -54.30 -42.14 1.31
N ILE A 695 -55.26 -42.36 2.21
CA ILE A 695 -55.02 -42.99 3.50
C ILE A 695 -55.60 -44.40 3.46
N GLY A 696 -54.80 -45.38 3.90
CA GLY A 696 -55.20 -46.77 3.80
C GLY A 696 -56.05 -47.26 4.96
N ASN A 697 -56.75 -48.35 4.71
CA ASN A 697 -57.58 -49.03 5.69
C ASN A 697 -56.82 -50.05 6.52
N LEU A 698 -55.61 -50.40 6.12
CA LEU A 698 -54.79 -51.38 6.82
C LEU A 698 -53.76 -50.69 7.71
N ARG A 699 -53.17 -51.48 8.61
CA ARG A 699 -52.17 -50.95 9.53
C ARG A 699 -51.26 -52.09 9.96
N LEU A 700 -49.95 -51.83 9.95
CA LEU A 700 -48.94 -52.84 10.20
C LEU A 700 -48.54 -52.90 11.67
N TYR A 701 -47.83 -53.97 12.02
CA TYR A 701 -47.22 -54.12 13.33
C TYR A 701 -45.82 -53.51 13.29
N MET A 702 -45.58 -52.49 14.10
CA MET A 702 -44.31 -51.79 14.04
C MET A 702 -43.49 -52.05 15.30
N PRO A 703 -42.18 -52.20 15.16
CA PRO A 703 -41.32 -52.38 16.34
C PRO A 703 -41.23 -51.10 17.15
N LYS A 704 -40.86 -51.27 18.42
CA LYS A 704 -40.71 -50.13 19.31
C LYS A 704 -39.64 -49.18 18.80
N ASP A 705 -38.47 -49.72 18.45
CA ASP A 705 -37.36 -48.95 17.90
C ASP A 705 -37.29 -49.25 16.39
N ILE A 706 -37.94 -48.39 15.60
CA ILE A 706 -37.80 -48.50 14.15
C ILE A 706 -36.38 -48.15 13.70
N ARG A 707 -35.67 -47.35 14.50
CA ARG A 707 -34.29 -46.97 14.18
C ARG A 707 -33.30 -48.11 14.37
N ALA A 708 -33.69 -49.22 15.00
CA ALA A 708 -32.77 -50.30 15.27
C ALA A 708 -32.27 -50.94 13.96
N SER A 709 -31.26 -51.80 14.11
CA SER A 709 -30.59 -52.39 12.96
C SER A 709 -31.47 -53.44 12.30
N GLY A 710 -31.61 -53.35 10.98
CA GLY A 710 -32.42 -54.29 10.24
C GLY A 710 -33.91 -54.18 10.45
N GLN A 711 -34.38 -53.11 11.09
CA GLN A 711 -35.81 -52.95 11.31
C GLN A 711 -36.50 -52.38 10.07
N LYS A 712 -35.87 -51.38 9.43
CA LYS A 712 -36.39 -50.88 8.16
C LYS A 712 -36.48 -51.99 7.12
N GLU A 713 -35.60 -52.99 7.21
CA GLU A 713 -35.66 -54.11 6.28
C GLU A 713 -36.88 -54.98 6.53
N THR A 714 -37.18 -55.29 7.80
CA THR A 714 -38.32 -56.14 8.10
C THR A 714 -39.64 -55.44 7.78
N VAL A 715 -39.73 -54.13 8.04
CA VAL A 715 -40.93 -53.40 7.71
C VAL A 715 -41.06 -53.25 6.20
N GLY A 716 -39.93 -52.98 5.51
CA GLY A 716 -39.95 -52.97 4.06
C GLY A 716 -40.37 -54.28 3.45
N LYS A 717 -40.08 -55.39 4.12
CA LYS A 717 -40.56 -56.69 3.66
C LYS A 717 -42.07 -56.80 3.82
N SER A 718 -42.60 -56.31 4.95
CA SER A 718 -44.04 -56.34 5.17
C SER A 718 -44.76 -55.42 4.17
N LEU A 719 -44.17 -54.25 3.89
CA LEU A 719 -44.73 -53.38 2.86
C LEU A 719 -44.77 -54.09 1.51
N ARG A 720 -43.73 -54.86 1.20
CA ARG A 720 -43.73 -55.63 -0.04
C ARG A 720 -44.85 -56.65 -0.05
N GLU A 721 -45.16 -57.23 1.11
CA GLU A 721 -46.23 -58.22 1.19
C GLU A 721 -47.60 -57.57 1.03
N VAL A 722 -47.83 -56.47 1.75
CA VAL A 722 -49.10 -55.76 1.62
C VAL A 722 -49.28 -55.27 0.19
N ASN A 723 -48.19 -54.83 -0.45
CA ASN A 723 -48.24 -54.49 -1.87
C ASN A 723 -48.46 -55.71 -2.75
N ARG A 724 -48.07 -56.90 -2.28
CA ARG A 724 -48.23 -58.12 -3.06
C ARG A 724 -49.62 -58.73 -2.91
N ARG A 725 -50.16 -58.76 -1.68
CA ARG A 725 -51.49 -59.31 -1.49
C ARG A 725 -52.57 -58.44 -2.12
N PHE A 726 -52.31 -57.14 -2.26
CA PHE A 726 -53.21 -56.20 -2.93
C PHE A 726 -52.51 -55.62 -4.15
N PRO A 727 -52.45 -56.38 -5.25
CA PRO A 727 -51.82 -55.83 -6.46
C PRO A 727 -52.60 -54.69 -7.07
N ASP A 728 -53.94 -54.77 -7.06
CA ASP A 728 -54.74 -53.70 -7.65
C ASP A 728 -54.72 -52.43 -6.81
N GLY A 729 -54.47 -52.54 -5.52
CA GLY A 729 -54.35 -51.36 -4.68
C GLY A 729 -54.88 -51.62 -3.29
N ILE A 730 -54.54 -50.70 -2.39
CA ILE A 730 -54.95 -50.77 -0.99
C ILE A 730 -56.30 -50.08 -0.83
N PRO A 731 -57.24 -50.66 -0.07
CA PRO A 731 -58.51 -49.96 0.17
C PRO A 731 -58.30 -48.76 1.09
N VAL A 732 -58.96 -47.65 0.73
CA VAL A 732 -58.84 -46.42 1.49
C VAL A 732 -59.86 -46.43 2.64
N LEU A 733 -59.61 -45.61 3.64
CA LEU A 733 -60.56 -45.44 4.74
C LEU A 733 -61.75 -44.62 4.28
N ASP A 734 -62.95 -45.10 4.56
CA ASP A 734 -64.16 -44.40 4.14
C ASP A 734 -64.30 -43.11 4.94
N PRO A 735 -64.40 -41.95 4.30
CA PRO A 735 -64.43 -40.69 5.06
C PRO A 735 -65.67 -40.52 5.91
N VAL A 736 -66.80 -41.08 5.50
CA VAL A 736 -68.06 -40.91 6.23
C VAL A 736 -68.33 -42.08 7.17
N LYS A 737 -68.27 -43.31 6.66
CA LYS A 737 -68.56 -44.47 7.48
C LYS A 737 -67.42 -44.78 8.44
N ASN A 738 -66.19 -44.78 7.93
CA ASN A 738 -65.03 -45.21 8.71
C ASN A 738 -64.39 -44.06 9.49
N MET A 739 -64.12 -42.94 8.82
CA MET A 739 -63.47 -41.82 9.49
C MET A 739 -64.44 -40.87 10.17
N LYS A 740 -65.74 -41.07 9.99
CA LYS A 740 -66.78 -40.35 10.74
C LYS A 740 -66.66 -38.83 10.54
N ILE A 741 -66.45 -38.41 9.30
CA ILE A 741 -66.47 -36.99 8.95
C ILE A 741 -67.92 -36.64 8.63
N GLU A 742 -68.55 -35.84 9.49
CA GLU A 742 -69.98 -35.58 9.42
C GLU A 742 -70.31 -34.13 9.11
N ASP A 743 -69.31 -33.29 8.85
CA ASP A 743 -69.57 -31.89 8.57
C ASP A 743 -70.52 -31.74 7.38
N GLU A 744 -71.48 -30.81 7.50
CA GLU A 744 -72.55 -30.72 6.51
C GLU A 744 -72.01 -30.26 5.17
N ASP A 745 -71.09 -29.29 5.18
CA ASP A 745 -70.47 -28.83 3.94
C ASP A 745 -69.68 -29.97 3.29
N PHE A 746 -69.04 -30.81 4.11
CA PHE A 746 -68.33 -31.97 3.58
C PHE A 746 -69.29 -32.94 2.89
N LEU A 747 -70.49 -33.12 3.46
CA LEU A 747 -71.46 -34.02 2.86
C LEU A 747 -71.95 -33.49 1.53
N LYS A 748 -72.10 -32.16 1.40
CA LYS A 748 -72.51 -31.58 0.13
C LYS A 748 -71.43 -31.76 -0.93
N LEU A 749 -70.16 -31.78 -0.54
CA LEU A 749 -69.09 -32.01 -1.50
C LEU A 749 -69.14 -33.44 -2.04
N MET A 750 -69.34 -34.42 -1.16
CA MET A 750 -69.44 -35.81 -1.60
C MET A 750 -70.61 -35.99 -2.56
N LYS A 751 -71.76 -35.38 -2.24
CA LYS A 751 -72.91 -35.48 -3.13
C LYS A 751 -72.62 -34.84 -4.49
N LYS A 752 -71.83 -33.77 -4.50
CA LYS A 752 -71.44 -33.15 -5.77
C LYS A 752 -70.60 -34.12 -6.61
N ILE A 753 -69.85 -35.01 -5.98
CA ILE A 753 -69.05 -35.98 -6.72
C ILE A 753 -69.94 -37.09 -7.27
N ASP A 754 -70.83 -37.63 -6.43
CA ASP A 754 -71.72 -38.70 -6.87
C ASP A 754 -72.55 -38.30 -8.08
N VAL A 755 -72.97 -37.04 -8.16
CA VAL A 755 -73.77 -36.57 -9.28
C VAL A 755 -72.99 -36.69 -10.58
N LEU A 756 -71.72 -36.28 -10.57
CA LEU A 756 -70.93 -36.32 -11.79
C LEU A 756 -70.62 -37.73 -12.25
N ASN A 757 -70.53 -38.69 -11.32
CA ASN A 757 -70.25 -40.06 -11.70
C ASN A 757 -71.45 -40.69 -12.40
N THR A 758 -72.63 -40.60 -11.78
CA THR A 758 -73.83 -41.08 -12.46
C THR A 758 -74.11 -40.27 -13.72
N LYS A 759 -73.71 -39.00 -13.74
CA LYS A 759 -73.73 -38.23 -14.98
C LYS A 759 -72.73 -38.80 -15.97
N LEU A 760 -71.56 -39.22 -15.48
CA LEU A 760 -70.56 -39.83 -16.36
C LEU A 760 -71.00 -41.19 -16.84
N SER A 761 -71.64 -41.99 -15.97
CA SER A 761 -72.08 -43.32 -16.33
C SER A 761 -73.21 -43.31 -17.36
N SER A 762 -73.85 -42.17 -17.58
CA SER A 762 -74.91 -42.05 -18.57
C SER A 762 -74.44 -41.40 -19.86
N ASN A 763 -73.13 -41.25 -20.05
CA ASN A 763 -72.59 -40.69 -21.28
C ASN A 763 -72.48 -41.78 -22.33
N PRO A 764 -72.72 -41.45 -23.61
CA PRO A 764 -72.58 -42.49 -24.66
C PRO A 764 -71.20 -43.10 -24.75
N LEU A 765 -70.15 -42.38 -24.38
CA LEU A 765 -68.78 -42.86 -24.56
C LEU A 765 -68.33 -43.84 -23.47
N THR A 766 -69.06 -43.94 -22.36
CA THR A 766 -68.61 -44.82 -21.27
C THR A 766 -68.57 -46.29 -21.69
N ASN A 767 -69.46 -46.70 -22.59
CA ASN A 767 -69.53 -48.09 -23.03
C ASN A 767 -68.86 -48.27 -24.39
N SER A 768 -67.65 -47.75 -24.55
CA SER A 768 -66.94 -47.81 -25.82
C SER A 768 -65.61 -48.53 -25.65
N MET A 769 -65.19 -49.24 -26.70
CA MET A 769 -63.90 -49.93 -26.66
C MET A 769 -62.76 -48.96 -26.93
N ARG A 770 -62.98 -48.00 -27.82
CA ARG A 770 -61.99 -46.99 -28.16
C ARG A 770 -61.98 -45.83 -27.17
N LEU A 771 -62.62 -45.98 -26.01
CA LEU A 771 -62.68 -44.90 -25.04
C LEU A 771 -61.29 -44.45 -24.62
N GLU A 772 -60.48 -45.38 -24.11
CA GLU A 772 -59.12 -45.05 -23.72
C GLU A 772 -58.33 -44.47 -24.90
N GLU A 773 -58.55 -45.02 -26.10
CA GLU A 773 -57.85 -44.53 -27.28
C GLU A 773 -58.33 -43.13 -27.68
N LEU A 774 -59.65 -42.96 -27.80
CA LEU A 774 -60.19 -41.69 -28.26
C LEU A 774 -60.05 -40.58 -27.22
N TYR A 775 -59.89 -40.95 -25.95
CA TYR A 775 -59.73 -39.96 -24.88
C TYR A 775 -58.30 -39.45 -24.82
N GLY A 776 -57.32 -40.34 -24.97
CA GLY A 776 -55.93 -39.91 -24.97
C GLY A 776 -55.61 -38.94 -26.10
N LYS A 777 -56.18 -39.19 -27.29
CA LYS A 777 -55.96 -38.29 -28.41
C LYS A 777 -56.48 -36.89 -28.10
N TYR A 778 -57.59 -36.79 -27.37
CA TYR A 778 -58.12 -35.49 -27.00
C TYR A 778 -57.34 -34.88 -25.85
N SER A 779 -57.09 -35.65 -24.79
CA SER A 779 -56.38 -35.12 -23.63
C SER A 779 -54.99 -34.64 -23.98
N ARG A 780 -54.35 -35.27 -24.98
CA ARG A 780 -53.07 -34.77 -25.48
C ARG A 780 -53.23 -33.43 -26.18
N LYS A 781 -54.37 -33.20 -26.84
CA LYS A 781 -54.61 -31.92 -27.47
C LYS A 781 -54.96 -30.84 -26.46
N HIS A 782 -55.78 -31.17 -25.47
CA HIS A 782 -56.16 -30.18 -24.45
C HIS A 782 -54.93 -29.69 -23.69
N ASP A 783 -54.03 -30.60 -23.33
CA ASP A 783 -52.77 -30.19 -22.73
C ASP A 783 -51.97 -29.29 -23.68
N LEU A 784 -51.93 -29.67 -24.96
CA LEU A 784 -51.27 -28.83 -25.96
C LEU A 784 -51.93 -27.47 -26.07
N HIS A 785 -53.27 -27.45 -26.15
CA HIS A 785 -53.98 -26.19 -26.29
C HIS A 785 -53.73 -25.28 -25.09
N GLU A 786 -53.71 -25.84 -23.88
CA GLU A 786 -53.38 -25.03 -22.71
C GLU A 786 -51.93 -24.60 -22.74
N ASP A 787 -51.04 -25.41 -23.31
CA ASP A 787 -49.65 -25.00 -23.47
C ASP A 787 -49.52 -23.88 -24.51
N MET A 788 -50.25 -24.00 -25.62
CA MET A 788 -50.20 -22.96 -26.64
C MET A 788 -50.77 -21.65 -26.12
N LYS A 789 -51.90 -21.70 -25.41
CA LYS A 789 -52.50 -20.49 -24.87
C LYS A 789 -51.55 -19.80 -23.90
N GLN A 790 -50.83 -20.57 -23.09
CA GLN A 790 -49.81 -19.99 -22.21
C GLN A 790 -48.74 -19.26 -23.01
N LEU A 791 -48.24 -19.91 -24.07
CA LEU A 791 -47.18 -19.29 -24.87
C LEU A 791 -47.70 -18.10 -25.66
N LYS A 792 -48.96 -18.15 -26.12
CA LYS A 792 -49.52 -17.01 -26.83
C LYS A 792 -49.52 -15.76 -25.96
N ARG A 793 -49.83 -15.92 -24.67
CA ARG A 793 -49.78 -14.79 -23.75
C ARG A 793 -48.36 -14.42 -23.39
N LYS A 794 -47.48 -15.42 -23.27
CA LYS A 794 -46.09 -15.17 -22.90
C LYS A 794 -45.40 -14.27 -23.92
N ILE A 795 -45.67 -14.49 -25.22
CA ILE A 795 -45.07 -13.64 -26.24
C ILE A 795 -45.68 -12.24 -26.20
N SER A 796 -46.97 -12.15 -25.89
CA SER A 796 -47.62 -10.86 -25.74
C SER A 796 -46.97 -10.04 -24.62
N GLU A 797 -46.69 -10.69 -23.47
CA GLU A 797 -46.07 -9.98 -22.36
C GLU A 797 -44.69 -9.45 -22.72
N SER A 798 -43.96 -10.18 -23.57
CA SER A 798 -42.64 -9.76 -23.99
C SER A 798 -42.67 -8.90 -25.25
N GLN A 799 -43.79 -8.91 -25.99
CA GLN A 799 -43.92 -8.04 -27.15
C GLN A 799 -43.91 -6.58 -26.74
N ALA A 800 -44.60 -6.25 -25.65
CA ALA A 800 -44.60 -4.89 -25.15
C ALA A 800 -43.33 -4.64 -24.33
N VAL A 801 -43.16 -3.38 -23.91
CA VAL A 801 -42.02 -3.02 -23.08
C VAL A 801 -42.15 -3.64 -21.70
N ILE A 802 -41.02 -4.07 -21.14
CA ILE A 802 -41.04 -4.79 -19.87
C ILE A 802 -41.32 -3.83 -18.73
N GLN A 803 -42.09 -4.28 -17.74
CA GLN A 803 -42.43 -3.48 -16.56
C GLN A 803 -42.96 -2.09 -16.94
N LEU A 804 -43.51 -1.95 -18.14
CA LEU A 804 -44.13 -0.68 -18.51
C LEU A 804 -45.40 -0.45 -17.70
N ASP A 805 -46.11 -1.53 -17.36
CA ASP A 805 -47.22 -1.42 -16.43
C ASP A 805 -46.73 -1.10 -15.02
N ASP A 806 -45.59 -1.69 -14.62
CA ASP A 806 -45.05 -1.44 -13.30
C ASP A 806 -44.65 0.02 -13.12
N LEU A 807 -44.20 0.68 -14.20
CA LEU A 807 -43.87 2.09 -14.11
C LEU A 807 -45.10 2.93 -13.81
N ARG A 808 -46.21 2.64 -14.49
CA ARG A 808 -47.46 3.35 -14.22
C ARG A 808 -47.98 3.06 -12.82
N ARG A 809 -47.70 1.86 -12.30
CA ARG A 809 -48.16 1.51 -10.95
C ARG A 809 -47.34 2.21 -9.87
N ARG A 810 -46.02 2.32 -10.07
CA ARG A 810 -45.18 3.00 -9.08
C ARG A 810 -45.51 4.48 -9.03
N LYS A 811 -45.66 5.12 -10.19
CA LYS A 811 -46.02 6.53 -10.24
C LYS A 811 -47.34 6.79 -9.53
N ARG A 812 -48.29 5.86 -9.63
CA ARG A 812 -49.54 6.01 -8.90
C ARG A 812 -49.31 6.04 -7.39
N VAL A 813 -48.34 5.24 -6.92
CA VAL A 813 -48.02 5.25 -5.49
C VAL A 813 -47.41 6.60 -5.09
N LEU A 814 -46.60 7.18 -5.96
CA LEU A 814 -45.98 8.47 -5.68
C LEU A 814 -47.03 9.57 -5.59
N ARG A 815 -47.95 9.59 -6.55
CA ARG A 815 -49.01 10.60 -6.55
C ARG A 815 -49.91 10.46 -5.33
N ARG A 816 -50.15 9.22 -4.89
CA ARG A 816 -51.06 9.00 -3.77
C ARG A 816 -50.41 9.41 -2.45
N LEU A 817 -49.13 9.10 -2.26
CA LEU A 817 -48.44 9.44 -1.03
C LEU A 817 -48.07 10.92 -0.94
N GLY A 818 -48.26 11.69 -2.00
CA GLY A 818 -47.88 13.09 -2.00
C GLY A 818 -46.46 13.36 -2.38
N PHE A 819 -45.77 12.40 -3.02
CA PHE A 819 -44.40 12.61 -3.44
C PHE A 819 -44.32 13.41 -4.73
N CYS A 820 -45.41 13.45 -5.51
CA CYS A 820 -45.55 14.35 -6.64
C CYS A 820 -47.03 14.63 -6.83
N THR A 821 -47.31 15.73 -7.52
CA THR A 821 -48.70 16.16 -7.74
C THR A 821 -49.44 15.13 -8.59
N PRO A 822 -50.78 15.17 -8.61
CA PRO A 822 -51.53 14.27 -9.50
C PRO A 822 -51.11 14.37 -10.96
N ASN A 823 -50.37 15.40 -11.35
CA ASN A 823 -49.78 15.50 -12.68
C ASN A 823 -48.29 15.18 -12.66
N ASP A 824 -47.84 14.40 -11.66
CA ASP A 824 -46.47 13.89 -11.52
C ASP A 824 -45.43 14.99 -11.61
N ILE A 825 -45.79 16.20 -11.16
CA ILE A 825 -44.80 17.24 -10.90
C ILE A 825 -44.27 17.01 -9.49
N ILE A 826 -42.94 16.97 -9.35
CA ILE A 826 -42.32 16.54 -8.10
C ILE A 826 -42.74 17.44 -6.94
N GLU A 827 -42.91 16.83 -5.78
CA GLU A 827 -43.31 17.50 -4.55
C GLU A 827 -42.15 17.49 -3.57
N LEU A 828 -42.28 18.25 -2.48
CA LEU A 828 -41.23 18.28 -1.48
C LEU A 828 -41.03 16.91 -0.85
N LYS A 829 -42.12 16.23 -0.52
CA LYS A 829 -42.04 14.86 -0.01
C LYS A 829 -41.26 13.96 -0.96
N GLY A 830 -41.38 14.20 -2.26
CA GLY A 830 -40.64 13.43 -3.25
C GLY A 830 -39.19 13.87 -3.35
N ARG A 831 -38.94 15.17 -3.22
CA ARG A 831 -37.58 15.69 -3.30
C ARG A 831 -36.70 15.08 -2.22
N VAL A 832 -37.20 14.99 -0.98
CA VAL A 832 -36.36 14.46 0.10
C VAL A 832 -36.16 12.96 -0.06
N ALA A 833 -37.10 12.26 -0.72
CA ALA A 833 -36.91 10.84 -0.97
C ALA A 833 -35.79 10.57 -1.95
N CYS A 834 -35.43 11.54 -2.79
CA CYS A 834 -34.31 11.36 -3.71
C CYS A 834 -32.98 11.31 -2.97
N GLU A 835 -32.91 11.96 -1.80
CA GLU A 835 -31.68 12.02 -1.03
C GLU A 835 -31.45 10.75 -0.21
N ILE A 836 -32.49 9.95 0.02
CA ILE A 836 -32.39 8.74 0.82
C ILE A 836 -32.06 7.57 -0.09
N SER A 837 -31.00 6.84 0.24
CA SER A 837 -30.62 5.67 -0.55
C SER A 837 -30.16 4.49 0.29
N SER A 838 -29.88 4.66 1.58
CA SER A 838 -29.50 3.57 2.46
C SER A 838 -30.69 2.92 3.15
N GLY A 839 -31.87 3.00 2.54
CA GLY A 839 -33.05 2.43 3.14
C GLY A 839 -34.26 2.71 2.27
N ASP A 840 -35.42 2.26 2.75
CA ASP A 840 -36.68 2.50 2.06
C ASP A 840 -36.96 3.99 1.94
N GLU A 841 -36.82 4.54 0.73
CA GLU A 841 -36.98 5.97 0.53
C GLU A 841 -38.40 6.43 0.83
N LEU A 842 -39.40 5.59 0.56
CA LEU A 842 -40.79 5.99 0.78
C LEU A 842 -41.12 6.07 2.27
N LEU A 843 -40.81 5.00 3.01
CA LEU A 843 -41.21 4.94 4.42
C LEU A 843 -40.42 5.93 5.26
N LEU A 844 -39.11 6.06 5.01
CA LEU A 844 -38.31 7.03 5.74
C LEU A 844 -38.82 8.45 5.51
N THR A 845 -39.25 8.75 4.28
CA THR A 845 -39.80 10.07 4.00
C THR A 845 -41.12 10.29 4.71
N GLU A 846 -42.00 9.28 4.70
CA GLU A 846 -43.28 9.41 5.38
C GLU A 846 -43.08 9.56 6.89
N LEU A 847 -42.06 8.89 7.45
CA LEU A 847 -41.79 9.02 8.87
C LEU A 847 -41.27 10.40 9.23
N ILE A 848 -40.42 10.98 8.38
CA ILE A 848 -39.87 12.30 8.68
C ILE A 848 -40.95 13.37 8.63
N PHE A 849 -41.76 13.36 7.56
CA PHE A 849 -42.78 14.39 7.41
C PHE A 849 -43.90 14.23 8.44
N ASN A 850 -44.15 13.00 8.90
CA ASN A 850 -45.17 12.79 9.92
C ASN A 850 -44.70 13.15 11.31
N GLY A 851 -43.43 13.51 11.48
CA GLY A 851 -42.94 13.90 12.78
C GLY A 851 -42.74 12.76 13.75
N ASN A 852 -42.46 11.55 13.25
CA ASN A 852 -42.27 10.40 14.13
C ASN A 852 -41.00 10.55 14.97
N PHE A 853 -39.96 11.17 14.41
CA PHE A 853 -38.70 11.35 15.13
C PHE A 853 -38.71 12.53 16.09
N ASN A 854 -39.75 13.37 16.05
CA ASN A 854 -39.78 14.56 16.90
C ASN A 854 -39.94 14.18 18.37
N GLU A 855 -40.90 13.31 18.68
CA GLU A 855 -41.20 12.94 20.06
C GLU A 855 -40.21 11.96 20.66
N LEU A 856 -39.23 11.49 19.90
CA LEU A 856 -38.29 10.50 20.39
C LEU A 856 -37.07 11.14 21.04
N LYS A 857 -36.18 10.28 21.54
CA LYS A 857 -34.86 10.62 22.04
C LYS A 857 -33.80 10.15 21.05
N PRO A 858 -32.60 10.74 21.08
CA PRO A 858 -31.56 10.29 20.14
C PRO A 858 -31.24 8.81 20.26
N GLU A 859 -31.26 8.27 21.47
CA GLU A 859 -31.09 6.82 21.65
C GLU A 859 -32.27 6.05 21.07
N GLN A 860 -33.46 6.66 21.07
CA GLN A 860 -34.64 5.99 20.53
C GLN A 860 -34.64 6.03 19.00
N ALA A 861 -34.29 7.18 18.42
CA ALA A 861 -34.28 7.29 16.96
C ALA A 861 -33.23 6.36 16.35
N ALA A 862 -32.07 6.24 17.00
CA ALA A 862 -31.04 5.35 16.52
C ALA A 862 -31.53 3.91 16.44
N ALA A 863 -32.28 3.47 17.47
CA ALA A 863 -32.86 2.13 17.44
C ALA A 863 -33.89 1.99 16.34
N LEU A 864 -34.71 3.03 16.13
CA LEU A 864 -35.68 3.01 15.04
C LEU A 864 -34.99 2.84 13.69
N LEU A 865 -33.99 3.68 13.42
CA LEU A 865 -33.29 3.63 12.14
C LEU A 865 -32.54 2.33 11.95
N SER A 866 -32.22 1.61 13.04
CA SER A 866 -31.59 0.31 12.91
C SER A 866 -32.44 -0.65 12.10
N CYS A 867 -33.76 -0.49 12.15
CA CYS A 867 -34.67 -1.32 11.37
C CYS A 867 -34.54 -1.06 9.86
N PHE A 868 -33.84 0.00 9.46
CA PHE A 868 -33.64 0.32 8.06
C PHE A 868 -32.26 -0.05 7.54
N ALA A 869 -31.35 -0.49 8.41
CA ALA A 869 -29.98 -0.78 8.01
C ALA A 869 -29.57 -2.23 8.22
N PHE A 870 -30.39 -3.04 8.88
CA PHE A 870 -30.06 -4.44 9.14
C PHE A 870 -30.94 -5.31 8.25
N GLN A 871 -30.34 -5.91 7.22
CA GLN A 871 -31.09 -6.71 6.27
C GLN A 871 -30.98 -8.21 6.52
N GLU A 872 -29.84 -8.70 7.00
CA GLU A 872 -29.68 -10.13 7.19
C GLU A 872 -30.56 -10.62 8.33
N ARG A 873 -30.96 -11.89 8.25
CA ARG A 873 -31.79 -12.49 9.29
C ARG A 873 -30.95 -12.93 10.48
N CYS A 874 -31.62 -13.02 11.63
CA CYS A 874 -31.00 -13.48 12.86
C CYS A 874 -32.08 -14.11 13.73
N LYS A 875 -31.68 -14.62 14.88
CA LYS A 875 -32.64 -15.20 15.82
C LYS A 875 -33.58 -14.14 16.36
N GLU A 876 -34.84 -14.53 16.59
CA GLU A 876 -35.84 -13.63 17.13
C GLU A 876 -35.41 -13.05 18.47
N ALA A 877 -35.47 -11.73 18.57
CA ALA A 877 -35.03 -11.01 19.76
C ALA A 877 -36.09 -11.11 20.87
N PRO A 878 -35.69 -10.96 22.13
CA PRO A 878 -36.67 -10.92 23.21
C PRO A 878 -37.64 -9.75 23.03
N ARG A 879 -38.78 -9.85 23.72
CA ARG A 879 -39.82 -8.85 23.59
C ARG A 879 -39.30 -7.47 24.00
N LEU A 880 -39.59 -6.47 23.18
CA LEU A 880 -39.07 -5.13 23.42
C LEU A 880 -39.80 -4.48 24.60
N LYS A 881 -39.04 -3.73 25.38
CA LYS A 881 -39.61 -2.93 26.46
C LYS A 881 -40.51 -1.84 25.88
N PRO A 882 -41.43 -1.29 26.67
CA PRO A 882 -42.32 -0.25 26.13
C PRO A 882 -41.61 1.00 25.65
N GLU A 883 -40.34 1.20 26.03
CA GLU A 883 -39.61 2.37 25.55
C GLU A 883 -39.22 2.21 24.08
N LEU A 884 -39.03 0.98 23.61
CA LEU A 884 -38.68 0.73 22.22
C LEU A 884 -39.82 0.17 21.39
N ALA A 885 -40.85 -0.40 22.03
CA ALA A 885 -41.97 -0.98 21.29
C ALA A 885 -42.93 0.08 20.79
N GLU A 886 -42.99 1.24 21.44
CA GLU A 886 -43.93 2.28 21.01
C GLU A 886 -43.50 2.91 19.69
N PRO A 887 -42.25 3.36 19.50
CA PRO A 887 -41.86 3.87 18.18
C PRO A 887 -41.82 2.80 17.11
N LEU A 888 -41.67 1.52 17.48
CA LEU A 888 -41.73 0.45 16.49
C LEU A 888 -43.15 0.27 15.97
N LYS A 889 -44.12 0.15 16.87
CA LYS A 889 -45.52 0.08 16.46
C LYS A 889 -45.96 1.34 15.73
N ALA A 890 -45.38 2.49 16.08
CA ALA A 890 -45.70 3.74 15.39
C ALA A 890 -45.19 3.73 13.95
N MET A 891 -44.11 2.99 13.68
CA MET A 891 -43.62 2.85 12.32
C MET A 891 -44.33 1.72 11.57
N ARG A 892 -44.65 0.63 12.27
CA ARG A 892 -45.38 -0.46 11.64
C ARG A 892 -46.78 -0.04 11.22
N GLU A 893 -47.37 0.93 11.93
CA GLU A 893 -48.66 1.47 11.51
C GLU A 893 -48.53 2.23 10.20
N ILE A 894 -47.49 3.07 10.09
CA ILE A 894 -47.26 3.80 8.84
C ILE A 894 -46.88 2.84 7.71
N ALA A 895 -46.15 1.77 8.04
CA ALA A 895 -45.76 0.80 7.02
C ALA A 895 -46.98 0.14 6.39
N ALA A 896 -47.98 -0.22 7.21
CA ALA A 896 -49.18 -0.84 6.67
C ALA A 896 -49.95 0.13 5.78
N LYS A 897 -49.95 1.42 6.15
CA LYS A 897 -50.59 2.43 5.31
C LYS A 897 -49.93 2.51 3.93
N ILE A 898 -48.62 2.28 3.86
CA ILE A 898 -47.94 2.27 2.57
C ILE A 898 -48.23 0.98 1.82
N ALA A 899 -48.21 -0.16 2.52
CA ALA A 899 -48.41 -1.45 1.88
C ALA A 899 -49.79 -1.55 1.26
N LYS A 900 -50.82 -1.08 1.97
CA LYS A 900 -52.17 -1.09 1.43
C LYS A 900 -52.26 -0.23 0.17
N ILE A 901 -51.50 0.86 0.10
CA ILE A 901 -51.54 1.71 -1.08
C ILE A 901 -50.84 1.03 -2.25
N MET A 902 -49.75 0.30 -1.98
CA MET A 902 -49.08 -0.43 -3.03
C MET A 902 -49.96 -1.56 -3.57
N LYS A 903 -50.65 -2.27 -2.68
CA LYS A 903 -51.58 -3.30 -3.13
C LYS A 903 -52.75 -2.69 -3.89
N ASP A 904 -53.30 -1.58 -3.40
CA ASP A 904 -54.41 -0.92 -4.09
C ASP A 904 -53.98 -0.37 -5.43
N SER A 905 -52.73 0.07 -5.55
CA SER A 905 -52.19 0.56 -6.82
C SER A 905 -51.83 -0.57 -7.79
N LYS A 906 -52.22 -1.81 -7.46
CA LYS A 906 -52.05 -2.98 -8.32
C LYS A 906 -50.59 -3.45 -8.39
N ILE A 907 -49.83 -3.27 -7.32
CA ILE A 907 -48.48 -3.82 -7.23
C ILE A 907 -48.53 -5.12 -6.46
N GLU A 908 -47.88 -6.16 -6.99
CA GLU A 908 -47.85 -7.46 -6.33
C GLU A 908 -47.09 -7.35 -5.02
N VAL A 909 -47.81 -7.34 -3.90
CA VAL A 909 -47.22 -7.11 -2.58
C VAL A 909 -48.03 -7.88 -1.55
N VAL A 910 -47.32 -8.53 -0.64
CA VAL A 910 -47.93 -9.16 0.53
C VAL A 910 -47.79 -8.19 1.69
N GLU A 911 -48.94 -7.73 2.20
CA GLU A 911 -48.93 -6.70 3.23
C GLU A 911 -48.17 -7.15 4.47
N LYS A 912 -48.42 -8.38 4.93
CA LYS A 912 -47.74 -8.87 6.12
C LYS A 912 -46.23 -8.97 5.90
N ASP A 913 -45.81 -9.40 4.70
CA ASP A 913 -44.38 -9.56 4.44
C ASP A 913 -43.65 -8.22 4.49
N TYR A 914 -44.29 -7.15 4.00
CA TYR A 914 -43.64 -5.86 3.92
C TYR A 914 -43.40 -5.27 5.30
N VAL A 915 -44.38 -5.37 6.19
CA VAL A 915 -44.24 -4.79 7.52
C VAL A 915 -43.13 -5.46 8.31
N GLU A 916 -42.93 -6.76 8.11
CA GLU A 916 -41.92 -7.50 8.85
C GLU A 916 -40.53 -7.38 8.24
N SER A 917 -40.41 -6.81 7.03
CA SER A 917 -39.12 -6.69 6.37
C SER A 917 -38.16 -5.73 7.07
N PHE A 918 -38.65 -4.93 8.01
CA PHE A 918 -37.80 -3.98 8.75
C PHE A 918 -37.41 -4.64 10.06
N ARG A 919 -36.24 -5.27 10.06
CA ARG A 919 -35.79 -6.07 11.19
C ARG A 919 -35.58 -5.23 12.44
N HIS A 920 -36.31 -5.55 13.50
CA HIS A 920 -36.22 -4.86 14.78
C HIS A 920 -35.42 -5.64 15.80
N GLU A 921 -34.80 -6.76 15.40
CA GLU A 921 -34.10 -7.62 16.34
C GLU A 921 -32.89 -6.95 16.97
N LEU A 922 -32.31 -5.95 16.32
CA LEU A 922 -31.16 -5.24 16.85
C LEU A 922 -31.51 -3.91 17.50
N MET A 923 -32.81 -3.63 17.68
CA MET A 923 -33.21 -2.37 18.30
C MET A 923 -32.64 -2.22 19.70
N GLU A 924 -32.73 -3.29 20.50
CA GLU A 924 -32.17 -3.23 21.85
C GLU A 924 -30.65 -3.13 21.83
N VAL A 925 -30.00 -3.72 20.83
CA VAL A 925 -28.56 -3.61 20.70
C VAL A 925 -28.16 -2.16 20.43
N VAL A 926 -28.81 -1.53 19.46
CA VAL A 926 -28.49 -0.14 19.12
C VAL A 926 -28.87 0.80 20.25
N TYR A 927 -29.98 0.52 20.93
CA TYR A 927 -30.41 1.39 22.03
C TYR A 927 -29.37 1.40 23.15
N GLU A 928 -28.97 0.21 23.61
CA GLU A 928 -28.00 0.15 24.70
C GLU A 928 -26.63 0.66 24.27
N TRP A 929 -26.26 0.46 23.00
CA TRP A 929 -24.99 1.00 22.52
C TRP A 929 -24.98 2.52 22.65
N CYS A 930 -26.12 3.16 22.46
CA CYS A 930 -26.20 4.60 22.62
C CYS A 930 -26.19 5.01 24.09
N ARG A 931 -26.74 4.17 24.97
CA ARG A 931 -26.79 4.47 26.39
C ARG A 931 -25.42 4.33 27.07
N GLY A 932 -24.38 3.93 26.33
CA GLY A 932 -23.04 3.81 26.87
C GLY A 932 -22.53 2.41 27.04
N ALA A 933 -23.34 1.38 26.75
CA ALA A 933 -22.88 0.01 26.92
C ALA A 933 -21.65 -0.26 26.06
N THR A 934 -20.76 -1.10 26.59
CA THR A 934 -19.54 -1.44 25.86
C THR A 934 -19.83 -2.47 24.78
N PHE A 935 -18.84 -2.66 23.89
CA PHE A 935 -18.99 -3.64 22.83
C PHE A 935 -19.11 -5.05 23.38
N THR A 936 -18.41 -5.34 24.47
CA THR A 936 -18.50 -6.64 25.10
C THR A 936 -19.90 -6.91 25.63
N GLN A 937 -20.62 -5.86 26.02
CA GLN A 937 -21.98 -6.04 26.56
C GLN A 937 -22.99 -6.34 25.46
N ILE A 938 -22.88 -5.67 24.32
CA ILE A 938 -23.86 -5.89 23.25
C ILE A 938 -23.59 -7.16 22.47
N CYS A 939 -22.35 -7.66 22.47
CA CYS A 939 -22.05 -8.88 21.75
C CYS A 939 -22.67 -10.10 22.42
N LYS A 940 -22.69 -10.10 23.76
CA LYS A 940 -23.37 -11.15 24.51
C LYS A 940 -24.88 -10.95 24.55
N MET A 941 -25.39 -9.97 23.79
CA MET A 941 -26.81 -9.64 23.78
C MET A 941 -27.53 -10.19 22.56
N THR A 942 -26.80 -10.72 21.57
CA THR A 942 -27.42 -11.23 20.36
C THR A 942 -26.57 -12.37 19.81
N ASP A 943 -27.18 -13.13 18.89
CA ASP A 943 -26.47 -14.20 18.20
C ASP A 943 -25.85 -13.71 16.90
N VAL A 944 -25.89 -12.40 16.65
CA VAL A 944 -25.30 -11.83 15.45
C VAL A 944 -23.79 -11.73 15.64
N TYR A 945 -23.04 -12.16 14.63
CA TYR A 945 -21.59 -12.15 14.72
C TYR A 945 -21.06 -10.72 14.85
N GLU A 946 -19.85 -10.61 15.39
CA GLU A 946 -19.29 -9.30 15.71
C GLU A 946 -19.15 -8.43 14.47
N GLY A 947 -18.57 -8.99 13.40
CA GLY A 947 -18.40 -8.23 12.18
C GLY A 947 -19.71 -7.70 11.61
N SER A 948 -20.76 -8.52 11.67
CA SER A 948 -22.06 -8.08 11.18
C SER A 948 -22.56 -6.87 11.95
N LEU A 949 -22.36 -6.86 13.27
CA LEU A 949 -22.73 -5.69 14.07
C LEU A 949 -21.98 -4.45 13.59
N ILE A 950 -20.68 -4.59 13.32
CA ILE A 950 -19.90 -3.44 12.83
C ILE A 950 -20.42 -2.97 11.49
N ARG A 951 -20.76 -3.91 10.60
CA ARG A 951 -21.23 -3.52 9.27
C ARG A 951 -22.54 -2.75 9.35
N MET A 952 -23.47 -3.18 10.21
CA MET A 952 -24.76 -2.51 10.30
C MET A 952 -24.66 -1.17 11.02
N PHE A 953 -23.79 -1.07 12.05
CA PHE A 953 -23.55 0.22 12.68
C PHE A 953 -23.01 1.23 11.67
N LYS A 954 -22.01 0.81 10.89
CA LYS A 954 -21.47 1.69 9.84
C LYS A 954 -22.53 1.95 8.78
N ARG A 955 -23.33 0.95 8.44
CA ARG A 955 -24.45 1.18 7.52
C ARG A 955 -25.49 2.10 8.13
N LEU A 956 -25.69 2.03 9.44
CA LEU A 956 -26.57 2.98 10.11
C LEU A 956 -25.97 4.37 10.10
N GLU A 957 -24.64 4.46 10.24
CA GLU A 957 -23.96 5.75 10.15
C GLU A 957 -24.22 6.41 8.79
N GLU A 958 -24.07 5.63 7.70
CA GLU A 958 -24.30 6.19 6.38
C GLU A 958 -25.73 6.70 6.23
N LEU A 959 -26.70 5.96 6.78
CA LEU A 959 -28.10 6.39 6.67
C LEU A 959 -28.34 7.67 7.45
N VAL A 960 -27.82 7.75 8.69
CA VAL A 960 -28.04 8.94 9.51
C VAL A 960 -27.40 10.16 8.86
N LYS A 961 -26.23 9.97 8.24
CA LYS A 961 -25.58 11.07 7.53
C LYS A 961 -26.45 11.59 6.39
N GLU A 962 -27.19 10.71 5.73
CA GLU A 962 -28.09 11.16 4.67
C GLU A 962 -29.25 11.96 5.24
N LEU A 963 -29.81 11.54 6.38
CA LEU A 963 -30.88 12.29 7.01
C LEU A 963 -30.41 13.62 7.57
N VAL A 964 -29.12 13.75 7.89
CA VAL A 964 -28.58 15.03 8.30
C VAL A 964 -28.64 16.02 7.15
N ASP A 965 -28.16 15.61 5.97
CA ASP A 965 -28.20 16.48 4.80
C ASP A 965 -29.64 16.77 4.38
N VAL A 966 -30.57 15.87 4.68
CA VAL A 966 -31.98 16.08 4.33
C VAL A 966 -32.58 17.19 5.17
N ALA A 967 -32.21 17.26 6.45
CA ALA A 967 -32.71 18.31 7.33
C ALA A 967 -32.35 19.70 6.84
N ASN A 968 -31.26 19.83 6.06
CA ASN A 968 -30.94 21.12 5.45
C ASN A 968 -31.96 21.50 4.39
N THR A 969 -32.33 20.55 3.53
CA THR A 969 -33.26 20.86 2.44
C THR A 969 -34.68 21.10 2.96
N ILE A 970 -35.14 20.29 3.91
CA ILE A 970 -36.49 20.48 4.45
C ILE A 970 -36.56 21.72 5.34
N GLY A 971 -35.42 22.21 5.81
CA GLY A 971 -35.41 23.37 6.68
C GLY A 971 -35.92 23.10 8.08
N ASN A 972 -35.76 21.87 8.56
CA ASN A 972 -36.18 21.48 9.90
C ASN A 972 -34.92 21.47 10.77
N SER A 973 -34.74 22.53 11.56
CA SER A 973 -33.55 22.63 12.39
C SER A 973 -33.60 21.68 13.58
N SER A 974 -34.80 21.42 14.12
CA SER A 974 -34.93 20.48 15.23
C SER A 974 -34.54 19.06 14.82
N LEU A 975 -34.82 18.69 13.57
CA LEU A 975 -34.44 17.36 13.10
C LEU A 975 -32.94 17.26 12.86
N LYS A 976 -32.32 18.36 12.40
CA LYS A 976 -30.88 18.34 12.16
C LYS A 976 -30.12 18.10 13.46
N GLU A 977 -30.48 18.83 14.52
CA GLU A 977 -29.83 18.64 15.80
C GLU A 977 -30.07 17.24 16.34
N LYS A 978 -31.20 16.63 15.98
CA LYS A 978 -31.53 15.29 16.46
C LYS A 978 -30.62 14.24 15.83
N MET A 979 -30.57 14.22 14.48
CA MET A 979 -29.81 13.20 13.78
C MET A 979 -28.32 13.34 14.04
N GLU A 980 -27.81 14.58 14.14
CA GLU A 980 -26.41 14.78 14.45
C GLU A 980 -26.06 14.22 15.83
N ALA A 981 -26.93 14.42 16.81
CA ALA A 981 -26.71 13.82 18.12
C ALA A 981 -26.76 12.30 18.04
N VAL A 982 -27.56 11.75 17.14
CA VAL A 982 -27.59 10.30 16.95
C VAL A 982 -26.27 9.81 16.38
N LEU A 983 -25.72 10.54 15.40
CA LEU A 983 -24.50 10.10 14.75
C LEU A 983 -23.32 10.09 15.71
N LYS A 984 -23.15 11.18 16.47
CA LYS A 984 -22.08 11.23 17.47
C LYS A 984 -22.28 10.14 18.53
N LEU A 985 -23.52 9.70 18.74
CA LEU A 985 -23.77 8.68 19.75
C LEU A 985 -23.40 7.29 19.24
N ILE A 986 -23.60 7.02 17.95
CA ILE A 986 -23.20 5.73 17.40
C ILE A 986 -21.70 5.69 17.18
N HIS A 987 -21.16 6.74 16.56
CA HIS A 987 -19.76 6.82 16.14
C HIS A 987 -18.88 7.01 17.38
N ARG A 988 -18.55 5.89 18.02
CA ARG A 988 -17.62 5.90 19.13
C ARG A 988 -16.96 4.53 19.22
N ASP A 989 -15.75 4.51 19.79
CA ASP A 989 -15.04 3.29 20.16
C ASP A 989 -14.77 2.44 18.92
N ILE A 990 -15.24 1.19 18.85
CA ILE A 990 -14.81 0.27 17.81
C ILE A 990 -15.38 0.65 16.44
N VAL A 991 -16.63 1.12 16.41
CA VAL A 991 -17.24 1.46 15.12
C VAL A 991 -16.54 2.68 14.50
N SER A 992 -16.01 3.57 15.34
CA SER A 992 -15.27 4.72 14.86
C SER A 992 -13.83 4.39 14.50
N ALA A 993 -13.31 3.25 14.94
CA ALA A 993 -11.94 2.88 14.62
C ALA A 993 -11.76 2.67 13.13
N GLY A 994 -10.54 2.93 12.66
CA GLY A 994 -10.21 2.87 11.26
C GLY A 994 -9.63 1.52 10.85
N SER A 995 -9.22 1.45 9.59
CA SER A 995 -8.66 0.25 8.98
C SER A 995 -7.18 0.46 8.68
N LEU A 996 -6.53 -0.64 8.32
CA LEU A 996 -5.10 -0.61 7.98
C LEU A 996 -4.89 0.05 6.62
N MET B 5 42.07 -1.60 -18.41
CA MET B 5 41.81 -2.13 -19.74
C MET B 5 40.36 -1.91 -20.14
N LEU B 6 40.10 -0.84 -20.89
CA LEU B 6 38.76 -0.45 -21.28
C LEU B 6 38.65 -0.42 -22.80
N ALA B 7 37.44 -0.60 -23.30
CA ALA B 7 37.17 -0.55 -24.73
C ALA B 7 35.71 -0.18 -24.93
N ASP B 8 35.30 -0.12 -26.20
CA ASP B 8 33.92 0.13 -26.60
C ASP B 8 33.38 1.38 -25.91
N SER B 9 33.96 2.51 -26.29
CA SER B 9 33.64 3.78 -25.65
C SER B 9 32.82 4.67 -26.57
N PHE B 10 31.62 4.20 -26.92
CA PHE B 10 30.76 4.92 -27.86
C PHE B 10 29.70 5.71 -27.10
N GLU B 11 29.38 6.89 -27.64
CA GLU B 11 28.29 7.71 -27.13
C GLU B 11 27.14 7.67 -28.13
N GLN B 12 25.92 7.69 -27.61
CA GLN B 12 24.71 7.60 -28.43
C GLN B 12 23.83 8.81 -28.15
N GLU B 13 23.35 9.45 -29.21
CA GLU B 13 22.53 10.65 -29.10
C GLU B 13 21.06 10.29 -29.28
N ALA B 14 20.21 10.86 -28.42
CA ALA B 14 18.78 10.64 -28.46
C ALA B 14 18.06 11.96 -28.49
N SER B 15 17.11 12.11 -29.42
CA SER B 15 16.36 13.34 -29.59
C SER B 15 14.87 13.10 -29.34
N ARG B 16 14.20 14.13 -28.84
CA ARG B 16 12.78 14.04 -28.55
C ARG B 16 12.17 15.44 -28.66
N GLU B 17 10.83 15.47 -28.71
CA GLU B 17 10.09 16.72 -28.77
C GLU B 17 9.12 16.80 -27.59
N VAL B 18 9.02 17.99 -26.99
CA VAL B 18 8.11 18.25 -25.90
C VAL B 18 7.32 19.51 -26.23
N ASP B 19 6.13 19.63 -25.64
CA ASP B 19 5.34 20.85 -25.79
C ASP B 19 6.15 22.07 -25.33
N ALA B 20 5.89 23.19 -25.99
CA ALA B 20 6.59 24.43 -25.66
C ALA B 20 6.12 24.98 -24.32
N SER B 21 6.91 25.88 -23.76
CA SER B 21 6.58 26.49 -22.48
C SER B 21 7.24 27.86 -22.39
N LYS B 22 6.45 28.85 -21.97
CA LYS B 22 6.99 30.17 -21.61
C LYS B 22 7.38 30.26 -20.14
N GLY B 23 7.05 29.25 -19.34
CA GLY B 23 7.41 29.25 -17.93
C GLY B 23 6.82 30.45 -17.21
N LEU B 24 7.70 31.25 -16.61
CA LEU B 24 7.32 32.49 -15.97
C LEU B 24 7.78 33.72 -16.75
N THR B 25 8.53 33.52 -17.82
CA THR B 25 8.90 34.62 -18.69
C THR B 25 7.69 35.05 -19.52
N ASN B 26 7.67 36.33 -19.88
CA ASN B 26 6.60 36.87 -20.73
C ASN B 26 6.89 36.60 -22.20
N SER B 27 7.64 35.54 -22.48
CA SER B 27 7.97 35.15 -23.84
C SER B 27 8.42 33.70 -23.83
N GLU B 28 8.54 33.12 -25.03
CA GLU B 28 8.92 31.73 -25.14
C GLU B 28 10.39 31.53 -24.83
N THR B 29 10.70 30.43 -24.13
CA THR B 29 12.08 30.21 -23.67
C THR B 29 12.97 29.63 -24.78
N LEU B 30 12.45 28.69 -25.55
CA LEU B 30 13.22 27.99 -26.56
C LEU B 30 12.59 28.16 -27.93
N GLN B 31 13.44 28.25 -28.95
CA GLN B 31 12.97 28.42 -30.32
C GLN B 31 12.11 27.23 -30.73
N VAL B 32 10.88 27.50 -31.14
CA VAL B 32 9.91 26.45 -31.43
C VAL B 32 10.16 25.90 -32.83
N GLU B 33 9.94 24.59 -33.00
CA GLU B 33 10.11 23.95 -34.28
C GLU B 33 8.94 24.28 -35.19
N GLN B 34 8.98 23.78 -36.43
CA GLN B 34 7.89 24.00 -37.37
C GLN B 34 6.60 23.33 -36.91
N ASP B 35 6.72 22.20 -36.20
CA ASP B 35 5.55 21.48 -35.72
C ASP B 35 4.89 22.12 -34.51
N GLY B 36 5.45 23.22 -33.99
CA GLY B 36 4.92 23.84 -32.80
C GLY B 36 5.43 23.30 -31.48
N LYS B 37 6.49 22.51 -31.50
CA LYS B 37 7.11 21.98 -30.29
C LYS B 37 8.57 22.41 -30.25
N VAL B 38 9.21 22.16 -29.11
CA VAL B 38 10.64 22.41 -28.92
C VAL B 38 11.36 21.07 -28.95
N ARG B 39 12.45 21.01 -29.70
CA ARG B 39 13.23 19.79 -29.85
C ARG B 39 14.39 19.80 -28.87
N LEU B 40 14.46 18.77 -28.02
CA LEU B 40 15.55 18.60 -27.08
C LEU B 40 16.42 17.41 -27.49
N SER B 41 17.58 17.32 -26.88
CA SER B 41 18.51 16.23 -27.17
C SER B 41 19.35 15.95 -25.94
N HIS B 42 19.68 14.66 -25.77
CA HIS B 42 20.55 14.23 -24.68
C HIS B 42 21.45 13.12 -25.18
N GLN B 43 22.59 12.95 -24.51
CA GLN B 43 23.59 11.96 -24.89
C GLN B 43 23.68 10.89 -23.81
N VAL B 44 23.73 9.63 -24.25
CA VAL B 44 23.93 8.48 -23.37
C VAL B 44 25.31 7.90 -23.66
N ARG B 45 26.12 7.75 -22.62
CA ARG B 45 27.50 7.29 -22.76
C ARG B 45 27.61 5.83 -22.38
N HIS B 46 28.55 5.14 -23.02
CA HIS B 46 28.80 3.73 -22.74
C HIS B 46 30.29 3.44 -22.78
N GLN B 47 30.75 2.69 -21.79
CA GLN B 47 32.10 2.14 -21.76
C GLN B 47 32.03 0.79 -21.08
N VAL B 48 33.08 0.00 -21.25
CA VAL B 48 33.15 -1.32 -20.62
C VAL B 48 34.56 -1.54 -20.10
N ALA B 49 34.66 -2.01 -18.86
CA ALA B 49 35.94 -2.33 -18.26
C ALA B 49 36.21 -3.82 -18.47
N LEU B 50 37.20 -4.13 -19.30
CA LEU B 50 37.40 -5.55 -19.56
C LEU B 50 38.56 -6.10 -18.72
N PRO B 51 38.41 -7.31 -18.20
CA PRO B 51 39.52 -7.97 -17.53
C PRO B 51 40.57 -8.41 -18.54
N PRO B 52 41.81 -8.64 -18.11
CA PRO B 52 42.87 -8.95 -19.08
C PRO B 52 42.58 -10.23 -19.85
N ASN B 53 42.76 -10.17 -21.16
CA ASN B 53 42.52 -11.29 -22.08
C ASN B 53 41.10 -11.83 -21.93
N TYR B 54 40.16 -11.06 -22.47
CA TYR B 54 38.75 -11.42 -22.46
C TYR B 54 38.20 -11.32 -23.88
N ASP B 55 37.41 -12.32 -24.26
CA ASP B 55 36.79 -12.36 -25.59
C ASP B 55 35.49 -11.55 -25.52
N TYR B 56 35.57 -10.29 -25.97
CA TYR B 56 34.50 -9.33 -25.82
C TYR B 56 33.86 -9.00 -27.16
N THR B 57 32.53 -8.81 -27.15
CA THR B 57 31.79 -8.40 -28.32
C THR B 57 31.08 -7.08 -28.06
N PRO B 58 31.24 -6.08 -28.93
CA PRO B 58 30.63 -4.76 -28.70
C PRO B 58 29.10 -4.84 -28.67
N ILE B 59 28.51 -3.85 -28.00
CA ILE B 59 27.06 -3.79 -27.88
C ILE B 59 26.44 -3.64 -29.28
N ALA B 60 25.57 -4.58 -29.64
CA ALA B 60 24.96 -4.59 -30.96
C ALA B 60 23.96 -3.46 -31.15
N PRO B 72 6.51 -2.36 -21.67
CA PRO B 72 5.21 -1.71 -21.48
C PRO B 72 5.17 -0.29 -22.03
N PHE B 73 6.32 0.17 -22.50
CA PHE B 73 6.44 1.51 -23.09
C PHE B 73 7.75 1.56 -23.85
N THR B 74 7.90 2.61 -24.67
CA THR B 74 9.16 2.82 -25.36
C THR B 74 10.29 3.01 -24.36
N LEU B 75 11.48 2.57 -24.74
CA LEU B 75 12.64 2.60 -23.86
C LEU B 75 13.70 3.56 -24.37
N ASP B 76 14.29 4.30 -23.44
CA ASP B 76 15.41 5.17 -23.79
C ASP B 76 16.62 4.33 -24.17
N PRO B 77 17.38 4.73 -25.20
CA PRO B 77 18.61 4.00 -25.53
C PRO B 77 19.52 3.70 -24.35
N PHE B 78 19.47 4.51 -23.27
CA PHE B 78 20.25 4.15 -22.08
C PHE B 78 19.62 2.97 -21.36
N GLN B 79 18.29 2.83 -21.43
CA GLN B 79 17.64 1.63 -20.94
C GLN B 79 17.89 0.45 -21.87
N ASP B 80 17.85 0.70 -23.17
CA ASP B 80 18.05 -0.36 -24.15
C ASP B 80 19.47 -0.93 -24.08
N THR B 81 20.47 -0.05 -23.94
CA THR B 81 21.85 -0.51 -23.83
C THR B 81 22.09 -1.25 -22.52
N ALA B 82 21.65 -0.67 -21.40
CA ALA B 82 21.81 -1.32 -20.11
C ALA B 82 21.12 -2.68 -20.08
N ILE B 83 19.94 -2.78 -20.70
CA ILE B 83 19.23 -4.04 -20.78
C ILE B 83 20.00 -5.03 -21.66
N SER B 84 20.62 -4.53 -22.73
CA SER B 84 21.39 -5.41 -23.61
C SER B 84 22.53 -6.09 -22.84
N CYS B 85 23.14 -5.39 -21.89
CA CYS B 85 24.17 -6.00 -21.06
C CYS B 85 23.59 -7.16 -20.24
N ILE B 86 22.43 -6.93 -19.62
CA ILE B 86 21.79 -8.01 -18.85
C ILE B 86 21.42 -9.17 -19.77
N ASP B 87 20.97 -8.85 -20.99
CA ASP B 87 20.71 -9.89 -21.96
C ASP B 87 21.99 -10.58 -22.40
N ARG B 88 23.10 -9.84 -22.45
CA ARG B 88 24.39 -10.43 -22.81
C ARG B 88 25.06 -11.14 -21.63
N GLY B 89 24.52 -11.00 -20.42
CA GLY B 89 25.06 -11.70 -19.28
C GLY B 89 26.28 -11.03 -18.66
N GLU B 90 26.43 -9.72 -18.83
CA GLU B 90 27.56 -8.98 -18.31
C GLU B 90 27.06 -7.91 -17.35
N SER B 91 27.82 -7.69 -16.29
CA SER B 91 27.44 -6.69 -15.29
C SER B 91 27.39 -5.31 -15.93
N VAL B 92 26.58 -4.43 -15.32
CA VAL B 92 26.35 -3.09 -15.88
C VAL B 92 26.02 -2.15 -14.73
N LEU B 93 26.67 -0.98 -14.74
CA LEU B 93 26.38 0.10 -13.81
C LEU B 93 25.63 1.19 -14.57
N VAL B 94 24.42 1.50 -14.12
CA VAL B 94 23.57 2.52 -14.73
C VAL B 94 23.61 3.76 -13.86
N SER B 95 23.97 4.89 -14.46
CA SER B 95 24.05 6.16 -13.76
C SER B 95 23.12 7.15 -14.43
N ALA B 96 22.11 7.60 -13.71
CA ALA B 96 21.16 8.57 -14.23
C ALA B 96 20.39 9.16 -13.06
N HIS B 97 19.62 10.21 -13.34
CA HIS B 97 18.92 10.94 -12.30
C HIS B 97 17.82 10.07 -11.70
N THR B 98 17.16 10.61 -10.67
CA THR B 98 16.23 9.83 -9.87
C THR B 98 15.06 9.32 -10.69
N SER B 99 14.59 10.10 -11.66
CA SER B 99 13.39 9.77 -12.42
C SER B 99 13.68 9.29 -13.84
N ALA B 100 14.94 9.04 -14.18
CA ALA B 100 15.30 8.76 -15.57
C ALA B 100 14.74 7.44 -16.09
N GLY B 101 14.29 6.55 -15.21
CA GLY B 101 13.77 5.27 -15.63
C GLY B 101 14.71 4.10 -15.45
N LYS B 102 15.53 4.10 -14.40
CA LYS B 102 16.48 3.02 -14.18
C LYS B 102 15.78 1.72 -13.77
N THR B 103 14.65 1.83 -13.07
CA THR B 103 13.94 0.63 -12.62
C THR B 103 13.53 -0.27 -13.77
N VAL B 104 13.34 0.29 -14.96
CA VAL B 104 13.05 -0.53 -16.13
C VAL B 104 14.14 -1.57 -16.35
N VAL B 105 15.39 -1.20 -16.09
CA VAL B 105 16.51 -2.11 -16.26
C VAL B 105 16.51 -3.19 -15.19
N ALA B 106 16.23 -2.81 -13.94
CA ALA B 106 16.22 -3.77 -12.85
C ALA B 106 15.15 -4.85 -13.05
N GLU B 107 13.99 -4.47 -13.60
CA GLU B 107 12.93 -5.45 -13.81
C GLU B 107 13.34 -6.51 -14.81
N TYR B 108 14.05 -6.10 -15.88
CA TYR B 108 14.50 -7.06 -16.88
C TYR B 108 15.43 -8.10 -16.28
N ALA B 109 16.36 -7.68 -15.41
CA ALA B 109 17.27 -8.62 -14.78
C ALA B 109 16.50 -9.65 -13.96
N ILE B 110 15.42 -9.23 -13.30
CA ILE B 110 14.57 -10.18 -12.61
C ILE B 110 13.78 -11.03 -13.60
N ALA B 111 13.50 -10.48 -14.78
CA ALA B 111 12.76 -11.23 -15.79
C ALA B 111 13.68 -12.17 -16.56
N GLN B 112 14.86 -11.69 -16.97
CA GLN B 112 15.79 -12.55 -17.68
C GLN B 112 16.22 -13.74 -16.84
N SER B 113 16.23 -13.59 -15.51
CA SER B 113 16.59 -14.69 -14.63
C SER B 113 15.44 -15.67 -14.41
N LEU B 114 14.18 -15.19 -14.42
CA LEU B 114 13.06 -16.11 -14.26
C LEU B 114 12.93 -17.05 -15.44
N LYS B 115 13.27 -16.60 -16.64
CA LYS B 115 13.29 -17.51 -17.79
C LYS B 115 14.36 -18.58 -17.65
N ASN B 116 15.33 -18.39 -16.76
CA ASN B 116 16.37 -19.39 -16.50
C ASN B 116 16.17 -20.10 -15.17
N LYS B 117 15.05 -19.85 -14.47
CA LYS B 117 14.73 -20.50 -13.20
C LYS B 117 15.84 -20.29 -12.16
N GLN B 118 16.42 -19.10 -12.15
CA GLN B 118 17.47 -18.74 -11.20
C GLN B 118 16.97 -17.64 -10.26
N ARG B 119 17.67 -17.48 -9.14
CA ARG B 119 17.28 -16.57 -8.08
C ARG B 119 18.00 -15.23 -8.20
N VAL B 120 17.31 -14.17 -7.80
CA VAL B 120 17.85 -12.81 -7.82
C VAL B 120 17.66 -12.19 -6.46
N ILE B 121 18.67 -11.44 -6.00
CA ILE B 121 18.60 -10.72 -4.74
C ILE B 121 18.58 -9.23 -5.05
N TYR B 122 17.86 -8.48 -4.22
CA TYR B 122 17.72 -7.03 -4.37
C TYR B 122 18.00 -6.40 -3.03
N THR B 123 18.89 -5.43 -3.00
CA THR B 123 19.28 -4.76 -1.77
C THR B 123 18.88 -3.29 -1.84
N SER B 124 18.19 -2.82 -0.81
CA SER B 124 17.72 -1.46 -0.71
C SER B 124 18.43 -0.70 0.40
N PRO B 125 18.75 0.58 0.19
CA PRO B 125 19.43 1.36 1.23
C PRO B 125 18.60 1.52 2.49
N ILE B 126 17.29 1.74 2.34
CA ILE B 126 16.41 2.04 3.46
C ILE B 126 15.49 0.84 3.64
N LYS B 127 15.52 0.26 4.84
CA LYS B 127 14.61 -0.81 5.22
C LYS B 127 13.17 -0.55 4.76
N ALA B 128 12.62 0.63 5.09
CA ALA B 128 11.23 0.87 4.77
C ALA B 128 11.00 0.93 3.26
N LEU B 129 12.03 1.28 2.50
CA LEU B 129 11.93 1.25 1.05
C LEU B 129 11.76 -0.18 0.54
N SER B 130 12.39 -1.15 1.23
CA SER B 130 12.24 -2.55 0.87
C SER B 130 10.79 -3.01 1.06
N ASN B 131 10.16 -2.60 2.16
CA ASN B 131 8.78 -3.00 2.40
C ASN B 131 7.87 -2.53 1.28
N GLN B 132 8.04 -1.28 0.83
CA GLN B 132 7.29 -0.79 -0.32
C GLN B 132 7.73 -1.50 -1.60
N LYS B 133 9.04 -1.75 -1.74
CA LYS B 133 9.54 -2.46 -2.92
C LYS B 133 9.07 -3.91 -2.94
N TYR B 134 8.90 -4.53 -1.78
CA TYR B 134 8.38 -5.90 -1.70
C TYR B 134 7.06 -6.03 -2.44
N ARG B 135 6.12 -5.13 -2.15
CA ARG B 135 4.79 -5.21 -2.76
C ARG B 135 4.83 -4.95 -4.27
N GLU B 136 5.62 -3.96 -4.70
CA GLU B 136 5.61 -3.59 -6.12
C GLU B 136 6.10 -4.72 -7.01
N LEU B 137 7.12 -5.47 -6.56
CA LEU B 137 7.65 -6.55 -7.38
C LEU B 137 6.78 -7.79 -7.33
N LEU B 138 6.15 -8.06 -6.18
CA LEU B 138 5.30 -9.24 -6.04
C LEU B 138 4.16 -9.25 -7.05
N ALA B 139 3.50 -8.11 -7.23
CA ALA B 139 2.34 -8.07 -8.13
C ALA B 139 2.72 -8.34 -9.58
N GLU B 140 3.95 -8.00 -9.98
CA GLU B 140 4.37 -8.20 -11.36
C GLU B 140 4.93 -9.60 -11.62
N PHE B 141 5.47 -10.26 -10.59
CA PHE B 141 6.12 -11.55 -10.81
C PHE B 141 5.61 -12.62 -9.84
N GLY B 142 5.58 -12.32 -8.55
CA GLY B 142 4.98 -13.24 -7.60
C GLY B 142 5.95 -13.94 -6.66
N ASP B 143 6.99 -14.56 -7.23
CA ASP B 143 7.96 -15.34 -6.46
C ASP B 143 8.99 -14.40 -5.82
N VAL B 144 8.50 -13.63 -4.84
CA VAL B 144 9.34 -12.63 -4.17
C VAL B 144 9.22 -12.82 -2.66
N GLY B 145 10.33 -12.54 -1.96
CA GLY B 145 10.36 -12.62 -0.52
C GLY B 145 11.12 -11.45 0.06
N LEU B 146 11.03 -11.30 1.38
CA LEU B 146 11.67 -10.20 2.07
C LEU B 146 12.43 -10.70 3.29
N MET B 147 13.64 -10.17 3.50
CA MET B 147 14.39 -10.39 4.72
C MET B 147 14.85 -9.02 5.21
N THR B 148 14.55 -8.72 6.47
CA THR B 148 14.82 -7.38 7.00
C THR B 148 15.13 -7.50 8.48
N GLY B 149 15.69 -6.42 9.03
CA GLY B 149 15.97 -6.38 10.45
C GLY B 149 14.70 -6.46 11.28
N ASP B 150 13.62 -5.81 10.83
CA ASP B 150 12.38 -5.82 11.59
C ASP B 150 11.67 -7.16 11.48
N ILE B 151 11.27 -7.55 10.27
CA ILE B 151 10.51 -8.78 10.07
C ILE B 151 11.24 -9.66 9.06
N THR B 152 10.93 -10.96 9.12
CA THR B 152 11.48 -11.96 8.21
C THR B 152 10.30 -12.78 7.67
N ILE B 153 10.01 -12.63 6.39
CA ILE B 153 8.83 -13.23 5.78
C ILE B 153 9.22 -13.90 4.48
N ASN B 154 8.78 -15.16 4.29
CA ASN B 154 9.11 -15.99 3.15
C ASN B 154 10.61 -15.95 2.86
N PRO B 155 11.45 -16.58 3.70
CA PRO B 155 12.90 -16.45 3.46
C PRO B 155 13.39 -17.19 2.23
N ASP B 156 12.79 -18.35 1.93
CA ASP B 156 13.27 -19.24 0.88
C ASP B 156 12.86 -18.80 -0.53
N ALA B 157 11.98 -17.82 -0.66
CA ALA B 157 11.44 -17.43 -1.96
C ALA B 157 12.54 -17.18 -2.99
N GLY B 158 12.21 -17.44 -4.25
CA GLY B 158 13.19 -17.33 -5.33
C GLY B 158 13.84 -15.97 -5.40
N CYS B 159 13.04 -14.91 -5.39
CA CYS B 159 13.55 -13.56 -5.39
C CYS B 159 13.39 -12.98 -4.00
N LEU B 160 14.39 -12.20 -3.57
CA LEU B 160 14.43 -11.74 -2.18
C LEU B 160 14.93 -10.31 -2.15
N VAL B 161 14.09 -9.39 -1.69
CA VAL B 161 14.51 -8.04 -1.37
C VAL B 161 14.97 -8.03 0.08
N MET B 162 16.21 -7.62 0.32
CA MET B 162 16.80 -7.72 1.66
C MET B 162 17.63 -6.48 1.93
N THR B 163 17.67 -6.09 3.21
CA THR B 163 18.47 -4.95 3.63
C THR B 163 19.96 -5.21 3.37
N THR B 164 20.69 -4.14 3.08
CA THR B 164 22.13 -4.27 2.83
C THR B 164 22.85 -4.82 4.04
N GLU B 165 22.45 -4.38 5.24
CA GLU B 165 23.04 -4.92 6.45
C GLU B 165 22.67 -6.39 6.65
N ILE B 166 21.46 -6.79 6.23
CA ILE B 166 21.03 -8.17 6.38
C ILE B 166 21.83 -9.09 5.47
N LEU B 167 22.33 -8.57 4.34
CA LEU B 167 23.13 -9.39 3.45
C LEU B 167 24.58 -9.49 3.92
N ARG B 168 25.05 -8.49 4.68
CA ARG B 168 26.38 -8.57 5.27
C ARG B 168 26.48 -9.72 6.26
N SER B 169 25.49 -9.84 7.15
CA SER B 169 25.48 -10.95 8.10
C SER B 169 25.32 -12.30 7.40
N MET B 170 24.67 -12.31 6.24
CA MET B 170 24.45 -13.57 5.53
C MET B 170 25.67 -14.01 4.74
N LEU B 171 26.50 -13.06 4.30
CA LEU B 171 27.70 -13.40 3.53
C LEU B 171 28.82 -13.90 4.42
N TYR B 172 29.02 -13.28 5.58
CA TYR B 172 30.03 -13.75 6.52
C TYR B 172 29.75 -15.18 6.96
N ARG B 173 28.49 -15.50 7.22
CA ARG B 173 28.12 -16.87 7.55
C ARG B 173 28.27 -17.79 6.35
N GLY B 174 28.05 -17.26 5.15
CA GLY B 174 28.14 -18.03 3.92
C GLY B 174 26.99 -19.01 3.77
N SER B 175 25.77 -18.50 3.69
CA SER B 175 24.60 -19.35 3.59
C SER B 175 24.55 -20.02 2.22
N GLU B 176 23.94 -21.20 2.17
CA GLU B 176 23.79 -21.93 0.91
C GLU B 176 22.61 -21.42 0.08
N VAL B 177 21.92 -20.37 0.52
CA VAL B 177 20.87 -19.77 -0.31
C VAL B 177 21.47 -19.17 -1.57
N MET B 178 22.73 -18.72 -1.51
CA MET B 178 23.46 -18.16 -2.64
C MET B 178 23.79 -19.20 -3.71
N ARG B 179 23.42 -20.47 -3.52
CA ARG B 179 23.78 -21.52 -4.45
C ARG B 179 23.26 -21.25 -5.87
N GLU B 180 22.02 -20.78 -6.00
CA GLU B 180 21.40 -20.57 -7.30
C GLU B 180 21.06 -19.11 -7.55
N VAL B 181 21.95 -18.21 -7.20
CA VAL B 181 21.78 -16.80 -7.50
C VAL B 181 22.46 -16.50 -8.83
N ALA B 182 21.92 -15.54 -9.58
CA ALA B 182 22.48 -15.16 -10.87
C ALA B 182 22.73 -13.67 -10.97
N TRP B 183 21.95 -12.87 -10.25
CA TRP B 183 22.07 -11.42 -10.31
C TRP B 183 21.82 -10.83 -8.92
N VAL B 184 22.65 -9.87 -8.54
CA VAL B 184 22.47 -9.10 -7.32
C VAL B 184 22.28 -7.64 -7.72
N ILE B 185 21.16 -7.06 -7.31
CA ILE B 185 20.79 -5.70 -7.69
C ILE B 185 21.07 -4.79 -6.51
N PHE B 186 21.95 -3.82 -6.71
CA PHE B 186 22.23 -2.79 -5.71
C PHE B 186 21.50 -1.52 -6.12
N ASP B 187 20.51 -1.12 -5.31
CA ASP B 187 19.78 0.11 -5.55
C ASP B 187 20.41 1.26 -4.78
N GLU B 188 20.50 2.41 -5.44
CA GLU B 188 21.12 3.61 -4.87
C GLU B 188 22.54 3.30 -4.39
N VAL B 189 23.35 2.82 -5.33
CA VAL B 189 24.72 2.42 -5.02
C VAL B 189 25.51 3.59 -4.45
N HIS B 190 25.19 4.81 -4.91
CA HIS B 190 25.94 5.99 -4.48
C HIS B 190 25.86 6.23 -2.98
N TYR B 191 25.00 5.50 -2.26
CA TYR B 191 25.04 5.56 -0.80
C TYR B 191 26.25 4.84 -0.22
N MET B 192 27.08 4.25 -1.08
CA MET B 192 28.35 3.68 -0.65
C MET B 192 29.30 4.75 -0.11
N ARG B 193 29.08 6.02 -0.45
CA ARG B 193 29.95 7.11 -0.03
C ARG B 193 29.54 7.70 1.31
N ASP B 194 28.49 7.19 1.95
CA ASP B 194 28.09 7.70 3.24
C ASP B 194 29.20 7.45 4.26
N LYS B 195 29.72 8.54 4.85
CA LYS B 195 30.86 8.42 5.74
C LYS B 195 30.57 7.52 6.94
N GLU B 196 29.30 7.41 7.33
CA GLU B 196 28.93 6.58 8.47
C GLU B 196 28.62 5.14 8.08
N ARG B 197 27.72 4.94 7.12
CA ARG B 197 27.24 3.61 6.78
C ARG B 197 27.57 3.18 5.35
N GLY B 198 28.43 3.93 4.65
CA GLY B 198 28.77 3.56 3.29
C GLY B 198 29.65 2.32 3.21
N VAL B 199 30.49 2.10 4.23
CA VAL B 199 31.44 0.99 4.23
C VAL B 199 30.75 -0.35 4.01
N VAL B 200 29.50 -0.49 4.45
CA VAL B 200 28.84 -1.79 4.35
C VAL B 200 28.56 -2.15 2.89
N TRP B 201 28.34 -1.15 2.03
CA TRP B 201 28.17 -1.45 0.61
C TRP B 201 29.46 -1.99 0.01
N GLU B 202 30.58 -1.34 0.28
CA GLU B 202 31.87 -1.88 -0.14
C GLU B 202 32.07 -3.27 0.43
N GLU B 203 31.78 -3.43 1.72
CA GLU B 203 31.89 -4.74 2.36
C GLU B 203 31.05 -5.77 1.62
N THR B 204 29.76 -5.50 1.44
CA THR B 204 28.87 -6.46 0.81
C THR B 204 29.30 -6.75 -0.63
N ILE B 205 29.73 -5.72 -1.36
CA ILE B 205 30.14 -5.93 -2.75
C ILE B 205 31.44 -6.73 -2.82
N ILE B 206 32.29 -6.63 -1.80
CA ILE B 206 33.54 -7.38 -1.80
C ILE B 206 33.28 -8.88 -1.69
N LEU B 207 32.41 -9.28 -0.75
CA LEU B 207 32.19 -10.70 -0.50
C LEU B 207 31.31 -11.38 -1.54
N LEU B 208 30.94 -10.70 -2.62
CA LEU B 208 30.09 -11.32 -3.62
C LEU B 208 30.88 -12.38 -4.40
N PRO B 209 30.22 -13.43 -4.87
CA PRO B 209 30.92 -14.45 -5.65
C PRO B 209 31.26 -13.94 -7.04
N ASP B 210 32.45 -14.32 -7.51
CA ASP B 210 32.89 -13.88 -8.84
C ASP B 210 31.99 -14.43 -9.94
N LYS B 211 31.32 -15.55 -9.69
CA LYS B 211 30.44 -16.16 -10.69
C LYS B 211 29.12 -15.42 -10.85
N VAL B 212 28.71 -14.63 -9.86
CA VAL B 212 27.43 -13.92 -9.88
C VAL B 212 27.60 -12.59 -10.60
N ARG B 213 26.56 -12.19 -11.33
CA ARG B 213 26.56 -10.92 -12.03
C ARG B 213 25.90 -9.85 -11.15
N TYR B 214 26.10 -8.59 -11.53
CA TYR B 214 25.61 -7.46 -10.75
C TYR B 214 25.04 -6.40 -11.65
N VAL B 215 24.02 -5.71 -11.15
CA VAL B 215 23.45 -4.52 -11.80
C VAL B 215 23.47 -3.41 -10.76
N PHE B 216 24.26 -2.37 -11.00
CA PHE B 216 24.41 -1.26 -10.08
C PHE B 216 23.60 -0.07 -10.57
N LEU B 217 22.63 0.37 -9.76
CA LEU B 217 21.81 1.54 -10.07
C LEU B 217 22.28 2.69 -9.18
N SER B 218 22.85 3.72 -9.80
CA SER B 218 23.37 4.87 -9.08
C SER B 218 22.86 6.15 -9.70
N ALA B 219 22.86 7.21 -8.90
CA ALA B 219 22.55 8.54 -9.40
C ALA B 219 23.66 9.04 -10.32
N THR B 220 23.51 10.29 -10.77
CA THR B 220 24.53 10.90 -11.61
C THR B 220 25.82 11.07 -10.82
N ILE B 221 26.88 10.39 -11.27
CA ILE B 221 28.22 10.53 -10.69
C ILE B 221 29.22 10.61 -11.84
N PRO B 222 30.29 11.42 -11.70
CA PRO B 222 31.25 11.55 -12.80
C PRO B 222 32.19 10.36 -12.92
N ASN B 223 32.60 9.80 -11.78
CA ASN B 223 33.58 8.71 -11.73
C ASN B 223 32.94 7.33 -11.90
N ALA B 224 32.00 7.19 -12.83
CA ALA B 224 31.34 5.90 -13.03
C ALA B 224 32.33 4.82 -13.46
N MET B 225 33.40 5.19 -14.17
CA MET B 225 34.35 4.20 -14.64
C MET B 225 35.18 3.62 -13.49
N GLU B 226 35.55 4.45 -12.52
CA GLU B 226 36.31 3.98 -11.37
C GLU B 226 35.59 2.83 -10.67
N PHE B 227 34.26 2.91 -10.55
CA PHE B 227 33.52 1.82 -9.94
C PHE B 227 33.51 0.59 -10.84
N ALA B 228 33.35 0.77 -12.15
CA ALA B 228 33.30 -0.35 -13.06
C ALA B 228 34.64 -1.07 -13.14
N GLU B 229 35.74 -0.31 -13.21
CA GLU B 229 37.07 -0.91 -13.18
C GLU B 229 37.28 -1.69 -11.89
N TRP B 230 36.83 -1.12 -10.77
CA TRP B 230 36.95 -1.78 -9.47
C TRP B 230 36.24 -3.13 -9.47
N ILE B 231 35.00 -3.15 -9.95
CA ILE B 231 34.29 -4.42 -10.14
C ILE B 231 35.08 -5.34 -11.07
N CYS B 232 35.64 -4.77 -12.13
CA CYS B 232 36.32 -5.58 -13.14
C CYS B 232 37.56 -6.26 -12.59
N LYS B 233 38.32 -5.56 -11.74
CA LYS B 233 39.56 -6.13 -11.21
C LYS B 233 39.29 -7.15 -10.11
N ILE B 234 38.33 -6.86 -9.24
CA ILE B 234 38.05 -7.76 -8.11
C ILE B 234 37.47 -9.08 -8.61
N HIS B 235 36.34 -9.00 -9.31
CA HIS B 235 35.53 -10.17 -9.60
C HIS B 235 35.83 -10.78 -10.96
N SER B 236 36.89 -10.32 -11.62
CA SER B 236 37.42 -10.94 -12.84
C SER B 236 36.33 -11.10 -13.91
N GLN B 237 35.52 -10.07 -14.06
CA GLN B 237 34.44 -10.07 -15.04
C GLN B 237 34.34 -8.71 -15.69
N PRO B 238 33.83 -8.64 -16.92
CA PRO B 238 33.60 -7.33 -17.54
C PRO B 238 32.46 -6.60 -16.84
N CYS B 239 32.52 -5.27 -16.90
CA CYS B 239 31.54 -4.41 -16.26
C CYS B 239 31.33 -3.18 -17.12
N HIS B 240 30.09 -2.98 -17.57
CA HIS B 240 29.74 -1.85 -18.42
C HIS B 240 29.30 -0.66 -17.58
N ILE B 241 29.33 0.52 -18.20
CA ILE B 241 28.68 1.70 -17.67
C ILE B 241 27.76 2.27 -18.73
N VAL B 242 26.62 2.79 -18.30
CA VAL B 242 25.72 3.57 -19.14
C VAL B 242 25.35 4.82 -18.36
N TYR B 243 25.79 5.97 -18.85
CA TYR B 243 25.59 7.24 -18.16
C TYR B 243 24.78 8.19 -19.03
N THR B 244 23.85 8.90 -18.38
CA THR B 244 23.11 9.97 -19.04
C THR B 244 22.51 10.86 -17.97
N ASN B 245 22.80 12.15 -18.03
CA ASN B 245 22.18 13.14 -17.16
C ASN B 245 20.79 13.54 -17.65
N PHE B 246 20.20 12.72 -18.51
CA PHE B 246 18.88 12.94 -19.06
C PHE B 246 17.86 13.21 -17.97
N ARG B 247 17.19 14.35 -18.06
CA ARG B 247 16.13 14.70 -17.14
C ARG B 247 14.80 14.50 -17.83
N PRO B 248 13.96 13.55 -17.38
CA PRO B 248 12.72 13.26 -18.13
C PRO B 248 11.78 14.44 -18.18
N THR B 249 11.46 15.04 -17.03
CA THR B 249 10.69 16.26 -17.00
C THR B 249 11.64 17.43 -17.13
N PRO B 250 11.64 18.16 -18.26
CA PRO B 250 12.59 19.26 -18.42
C PRO B 250 12.44 20.30 -17.31
N LEU B 251 13.56 20.87 -16.91
CA LEU B 251 13.61 21.79 -15.78
C LEU B 251 13.90 23.22 -16.25
N GLN B 252 13.38 24.17 -15.50
CA GLN B 252 13.69 25.59 -15.68
C GLN B 252 14.11 26.15 -14.33
N HIS B 253 15.25 26.84 -14.30
CA HIS B 253 15.82 27.34 -13.06
C HIS B 253 15.75 28.87 -13.04
N TYR B 254 15.22 29.41 -11.95
CA TYR B 254 15.05 30.85 -11.79
C TYR B 254 15.81 31.35 -10.58
N LEU B 255 16.20 32.62 -10.63
CA LEU B 255 16.74 33.34 -9.48
C LEU B 255 15.75 34.42 -9.07
N PHE B 256 15.49 34.51 -7.76
CA PHE B 256 14.65 35.55 -7.20
C PHE B 256 15.48 36.44 -6.29
N PRO B 257 15.97 37.58 -6.79
CA PRO B 257 16.63 38.55 -5.89
C PRO B 257 15.66 39.01 -4.81
N ALA B 258 16.13 38.97 -3.57
CA ALA B 258 15.28 39.26 -2.42
C ALA B 258 14.86 40.72 -2.41
N HIS B 259 13.73 40.98 -1.76
CA HIS B 259 13.12 42.31 -1.63
C HIS B 259 12.80 42.95 -2.97
N GLY B 260 12.84 42.19 -4.07
CA GLY B 260 12.47 42.70 -5.37
C GLY B 260 11.19 42.06 -5.89
N ASP B 261 10.79 42.51 -7.08
CA ASP B 261 9.63 41.98 -7.77
C ASP B 261 9.99 41.24 -9.05
N GLY B 262 11.28 40.96 -9.26
CA GLY B 262 11.74 40.33 -10.48
C GLY B 262 11.90 38.83 -10.36
N ILE B 263 11.80 38.15 -11.50
CA ILE B 263 12.04 36.72 -11.60
C ILE B 263 12.77 36.49 -12.93
N TYR B 264 13.90 35.79 -12.87
CA TYR B 264 14.81 35.72 -14.00
C TYR B 264 15.20 34.28 -14.28
N LEU B 265 15.05 33.87 -15.54
CA LEU B 265 15.44 32.53 -15.98
C LEU B 265 16.95 32.52 -16.21
N VAL B 266 17.67 31.74 -15.41
CA VAL B 266 19.14 31.76 -15.43
C VAL B 266 19.69 30.63 -16.29
N VAL B 267 18.96 29.52 -16.37
CA VAL B 267 19.37 28.39 -17.19
C VAL B 267 18.11 27.60 -17.56
N ASP B 268 18.02 27.19 -18.81
CA ASP B 268 16.80 26.69 -19.41
C ASP B 268 16.83 25.16 -19.59
N GLU B 269 15.94 24.66 -20.45
CA GLU B 269 15.80 23.23 -20.64
C GLU B 269 17.04 22.62 -21.30
N LYS B 270 17.72 23.38 -22.16
CA LYS B 270 18.92 22.91 -22.83
C LYS B 270 20.19 23.18 -22.03
N SER B 271 20.05 23.53 -20.75
CA SER B 271 21.15 23.78 -19.83
C SER B 271 22.08 24.89 -20.31
N THR B 272 21.60 25.80 -21.16
CA THR B 272 22.39 26.94 -21.58
C THR B 272 22.24 28.07 -20.58
N PHE B 273 23.36 28.67 -20.18
CA PHE B 273 23.36 29.72 -19.18
C PHE B 273 23.04 31.06 -19.85
N ARG B 274 21.94 31.68 -19.43
CA ARG B 274 21.47 32.93 -20.01
C ARG B 274 22.20 34.09 -19.34
N GLU B 275 23.21 34.63 -20.03
CA GLU B 275 24.09 35.63 -19.42
C GLU B 275 23.34 36.92 -19.11
N GLU B 276 22.56 37.42 -20.08
CA GLU B 276 21.94 38.73 -19.91
C GLU B 276 20.92 38.72 -18.77
N ASN B 277 20.12 37.66 -18.67
CA ASN B 277 19.15 37.58 -17.58
C ASN B 277 19.83 37.57 -16.23
N PHE B 278 21.06 37.05 -16.15
CA PHE B 278 21.77 37.02 -14.88
C PHE B 278 22.18 38.43 -14.44
N GLN B 279 22.92 39.14 -15.30
CA GLN B 279 23.39 40.47 -14.93
C GLN B 279 22.23 41.43 -14.67
N LYS B 280 21.11 41.25 -15.37
CA LYS B 280 19.90 41.99 -15.02
C LYS B 280 19.45 41.64 -13.60
N ALA B 281 19.38 40.35 -13.29
CA ALA B 281 18.97 39.92 -11.95
C ALA B 281 19.95 40.43 -10.90
N MET B 282 21.25 40.38 -11.20
CA MET B 282 22.23 40.79 -10.21
C MET B 282 22.22 42.30 -10.00
N ALA B 283 21.88 43.08 -11.04
CA ALA B 283 21.81 44.53 -10.90
C ALA B 283 20.71 44.95 -9.93
N SER B 284 19.66 44.13 -9.80
CA SER B 284 18.50 44.47 -8.99
C SER B 284 18.72 44.31 -7.49
N ILE B 285 19.87 43.77 -7.07
CA ILE B 285 20.11 43.54 -5.65
C ILE B 285 20.24 44.88 -4.93
N SER B 286 19.64 44.96 -3.74
CA SER B 286 19.64 46.20 -2.97
C SER B 286 20.61 46.06 -1.80
N LYS B 316 3.20 40.22 1.92
CA LYS B 316 4.04 40.49 3.09
C LYS B 316 5.50 40.16 2.80
N GLY B 317 5.97 39.04 3.31
CA GLY B 317 7.35 38.64 3.12
C GLY B 317 7.64 38.23 1.69
N ASP B 318 8.91 37.94 1.43
CA ASP B 318 9.34 37.54 0.09
C ASP B 318 8.74 36.20 -0.30
N ILE B 319 8.78 35.22 0.61
CA ILE B 319 8.22 33.90 0.31
C ILE B 319 6.72 34.01 0.02
N TYR B 320 6.03 34.85 0.79
CA TYR B 320 4.60 35.07 0.56
C TYR B 320 4.35 35.51 -0.89
N LYS B 321 5.19 36.42 -1.40
CA LYS B 321 5.02 36.87 -2.77
C LYS B 321 5.22 35.74 -3.76
N ILE B 322 6.17 34.85 -3.49
CA ILE B 322 6.49 33.78 -4.44
C ILE B 322 5.40 32.72 -4.41
N VAL B 323 4.89 32.39 -3.22
CA VAL B 323 3.81 31.41 -3.12
C VAL B 323 2.55 31.94 -3.80
N LYS B 324 2.19 33.20 -3.51
CA LYS B 324 1.01 33.79 -4.13
C LYS B 324 1.15 33.88 -5.65
N MET B 325 2.37 34.12 -6.14
CA MET B 325 2.61 34.12 -7.57
C MET B 325 2.42 32.72 -8.16
N ILE B 326 3.14 31.74 -7.61
CA ILE B 326 3.08 30.37 -8.12
C ILE B 326 1.67 29.82 -7.99
N TRP B 327 0.93 30.24 -6.95
CA TRP B 327 -0.47 29.86 -6.81
C TRP B 327 -1.31 30.41 -7.95
N LYS B 328 -1.17 31.70 -8.23
CA LYS B 328 -1.97 32.34 -9.28
C LYS B 328 -1.59 31.85 -10.67
N LYS B 329 -0.33 31.44 -10.87
CA LYS B 329 0.11 30.93 -12.16
C LYS B 329 -0.20 29.45 -12.35
N LYS B 330 -0.86 28.81 -11.38
CA LYS B 330 -1.28 27.42 -11.47
C LYS B 330 -0.10 26.47 -11.68
N TYR B 331 0.94 26.67 -10.86
CA TYR B 331 2.13 25.82 -10.85
C TYR B 331 2.18 25.07 -9.52
N ASN B 332 1.37 24.02 -9.41
CA ASN B 332 1.29 23.29 -8.15
C ASN B 332 1.57 21.80 -8.31
N PRO B 333 2.00 21.12 -7.23
CA PRO B 333 2.34 21.62 -5.88
C PRO B 333 3.76 22.20 -5.83
N VAL B 334 4.09 22.90 -4.75
CA VAL B 334 5.38 23.54 -4.59
C VAL B 334 5.99 23.14 -3.25
N ILE B 335 7.31 22.96 -3.24
CA ILE B 335 8.08 22.65 -2.03
C ILE B 335 9.08 23.78 -1.81
N VAL B 336 8.96 24.47 -0.68
CA VAL B 336 9.89 25.53 -0.29
C VAL B 336 10.85 24.95 0.73
N PHE B 337 12.08 24.66 0.28
CA PHE B 337 13.08 24.01 1.12
C PHE B 337 13.73 25.02 2.06
N SER B 338 13.70 24.71 3.35
CA SER B 338 14.52 25.38 4.34
C SER B 338 15.50 24.38 4.94
N PHE B 339 16.65 24.88 5.40
CA PHE B 339 17.69 23.99 5.90
C PHE B 339 17.62 23.76 7.41
N SER B 340 16.93 24.61 8.15
CA SER B 340 16.76 24.43 9.59
C SER B 340 15.30 24.11 9.90
N LYS B 341 15.11 23.28 10.94
CA LYS B 341 13.75 22.93 11.36
C LYS B 341 12.97 24.14 11.83
N ARG B 342 13.66 25.16 12.36
CA ARG B 342 12.96 26.33 12.86
C ARG B 342 12.58 27.29 11.74
N ASP B 343 13.42 27.41 10.70
CA ASP B 343 13.06 28.22 9.55
C ASP B 343 11.83 27.67 8.86
N CYS B 344 11.67 26.34 8.83
CA CYS B 344 10.47 25.74 8.25
C CYS B 344 9.23 26.16 9.03
N GLU B 345 9.23 25.94 10.34
CA GLU B 345 8.07 26.26 11.15
C GLU B 345 7.79 27.76 11.16
N GLU B 346 8.85 28.58 11.21
CA GLU B 346 8.66 30.03 11.17
C GLU B 346 8.09 30.47 9.82
N LEU B 347 8.62 29.94 8.72
CA LEU B 347 8.16 30.35 7.40
C LEU B 347 6.68 30.04 7.21
N ALA B 348 6.26 28.82 7.54
CA ALA B 348 4.86 28.45 7.42
C ALA B 348 3.99 29.30 8.32
N LEU B 349 4.49 29.67 9.50
CA LEU B 349 3.74 30.56 10.38
C LEU B 349 3.52 31.92 9.74
N LYS B 350 4.46 32.40 8.93
CA LYS B 350 4.30 33.66 8.22
C LYS B 350 3.26 33.58 7.11
N MET B 351 2.84 32.37 6.71
CA MET B 351 1.81 32.18 5.71
C MET B 351 0.40 32.15 6.31
N SER B 352 0.19 32.81 7.45
CA SER B 352 -1.09 32.72 8.15
C SER B 352 -2.25 33.28 7.33
N LYS B 353 -1.98 34.17 6.38
CA LYS B 353 -3.06 34.84 5.68
C LYS B 353 -3.75 33.93 4.67
N LEU B 354 -2.97 33.20 3.88
CA LEU B 354 -3.50 32.54 2.68
C LEU B 354 -4.18 31.23 3.02
N ASP B 355 -5.17 30.87 2.19
CA ASP B 355 -5.86 29.59 2.26
C ASP B 355 -6.01 29.05 0.84
N PHE B 356 -5.73 27.76 0.67
CA PHE B 356 -5.74 27.14 -0.65
C PHE B 356 -6.82 26.10 -0.84
N ASN B 357 -7.64 25.82 0.16
CA ASN B 357 -8.55 24.68 0.12
C ASN B 357 -10.00 25.10 0.34
N SER B 358 -10.90 24.47 -0.41
CA SER B 358 -12.32 24.61 -0.20
C SER B 358 -12.76 23.81 1.03
N ASP B 359 -13.93 24.18 1.57
CA ASP B 359 -14.37 23.59 2.83
C ASP B 359 -14.62 22.09 2.69
N ASP B 360 -15.03 21.63 1.51
CA ASP B 360 -15.14 20.19 1.28
C ASP B 360 -13.80 19.49 1.45
N GLU B 361 -12.73 20.10 0.95
CA GLU B 361 -11.40 19.52 1.10
C GLU B 361 -10.91 19.63 2.54
N LYS B 362 -11.25 20.72 3.22
CA LYS B 362 -10.84 20.89 4.61
C LYS B 362 -11.47 19.83 5.50
N GLU B 363 -12.76 19.53 5.28
CA GLU B 363 -13.39 18.43 6.00
C GLU B 363 -12.81 17.08 5.60
N ALA B 364 -12.39 16.94 4.33
CA ALA B 364 -11.82 15.68 3.87
C ALA B 364 -10.50 15.38 4.59
N LEU B 365 -9.55 16.30 4.48
CA LEU B 365 -8.24 16.08 5.09
C LEU B 365 -8.33 15.93 6.61
N THR B 366 -9.28 16.63 7.23
CA THR B 366 -9.47 16.47 8.67
C THR B 366 -9.88 15.05 9.03
N LYS B 367 -10.67 14.41 8.16
CA LYS B 367 -11.03 13.01 8.39
C LYS B 367 -9.82 12.10 8.29
N ILE B 368 -8.97 12.30 7.27
CA ILE B 368 -7.75 11.51 7.14
C ILE B 368 -6.81 11.78 8.31
N PHE B 369 -6.72 13.04 8.74
CA PHE B 369 -5.89 13.39 9.88
C PHE B 369 -6.39 12.70 11.15
N ASN B 370 -7.71 12.74 11.38
CA ASN B 370 -8.28 12.09 12.55
C ASN B 370 -8.09 10.57 12.47
N ASN B 371 -8.28 9.99 11.29
CA ASN B 371 -8.06 8.55 11.13
C ASN B 371 -6.62 8.18 11.44
N ALA B 372 -5.67 9.04 11.05
CA ALA B 372 -4.28 8.79 11.40
C ALA B 372 -4.05 8.97 12.89
N ILE B 373 -4.74 9.94 13.50
CA ILE B 373 -4.67 10.09 14.95
C ILE B 373 -5.28 8.89 15.64
N ALA B 374 -6.29 8.28 15.02
CA ALA B 374 -6.87 7.06 15.58
C ALA B 374 -5.83 5.94 15.65
N LEU B 375 -4.88 5.92 14.70
CA LEU B 375 -3.82 4.93 14.71
C LEU B 375 -2.88 5.10 15.90
N LEU B 376 -2.91 6.26 16.55
CA LEU B 376 -2.16 6.49 17.77
C LEU B 376 -2.87 5.84 18.95
N PRO B 377 -2.17 5.63 20.06
CA PRO B 377 -2.83 5.08 21.26
C PRO B 377 -3.98 5.92 21.80
N GLU B 378 -4.24 7.08 21.17
CA GLU B 378 -5.33 7.99 21.54
C GLU B 378 -5.13 8.64 22.90
N THR B 379 -4.41 7.97 23.81
CA THR B 379 -4.12 8.59 25.09
C THR B 379 -3.16 9.77 24.92
N ASP B 380 -2.22 9.65 23.99
CA ASP B 380 -1.25 10.70 23.67
C ASP B 380 -1.70 11.56 22.50
N ARG B 381 -2.94 11.37 22.02
CA ARG B 381 -3.41 12.03 20.81
C ARG B 381 -3.60 13.54 20.98
N GLU B 382 -3.65 14.04 22.22
CA GLU B 382 -3.78 15.47 22.47
C GLU B 382 -2.43 16.17 22.56
N LEU B 383 -1.44 15.72 21.80
CA LEU B 383 -0.12 16.30 21.86
C LEU B 383 -0.10 17.68 21.19
N PRO B 384 0.72 18.60 21.69
CA PRO B 384 0.71 19.97 21.14
C PRO B 384 1.17 20.04 19.70
N GLN B 385 2.18 19.25 19.32
CA GLN B 385 2.63 19.23 17.93
C GLN B 385 1.53 18.74 16.99
N ILE B 386 0.67 17.84 17.48
CA ILE B 386 -0.43 17.33 16.67
C ILE B 386 -1.51 18.40 16.51
N LYS B 387 -1.90 19.03 17.62
CA LYS B 387 -2.99 20.00 17.57
C LYS B 387 -2.60 21.24 16.78
N HIS B 388 -1.36 21.71 16.91
CA HIS B 388 -0.94 22.93 16.23
C HIS B 388 -0.73 22.72 14.73
N ILE B 389 -0.53 21.48 14.30
CA ILE B 389 -0.26 21.23 12.88
C ILE B 389 -1.54 21.10 12.07
N LEU B 390 -2.65 20.70 12.69
CA LEU B 390 -3.90 20.52 11.96
C LEU B 390 -4.39 21.79 11.28
N PRO B 391 -4.41 22.97 11.94
CA PRO B 391 -4.90 24.17 11.24
C PRO B 391 -4.13 24.50 9.96
N LEU B 392 -2.81 24.35 9.97
CA LEU B 392 -2.03 24.63 8.77
C LEU B 392 -2.37 23.65 7.66
N LEU B 393 -2.54 22.36 7.99
CA LEU B 393 -2.87 21.37 6.98
C LEU B 393 -4.23 21.63 6.35
N ARG B 394 -5.22 22.01 7.16
CA ARG B 394 -6.55 22.30 6.62
C ARG B 394 -6.50 23.45 5.62
N ARG B 395 -5.65 24.44 5.88
CA ARG B 395 -5.47 25.57 4.96
C ARG B 395 -4.61 25.22 3.76
N GLY B 396 -4.11 23.99 3.68
CA GLY B 396 -3.32 23.57 2.54
C GLY B 396 -1.84 23.82 2.66
N ILE B 397 -1.32 23.98 3.87
CA ILE B 397 0.09 24.25 4.12
C ILE B 397 0.64 23.17 5.03
N GLY B 398 1.74 22.54 4.62
CA GLY B 398 2.33 21.46 5.37
C GLY B 398 3.78 21.74 5.68
N ILE B 399 4.25 21.17 6.78
CA ILE B 399 5.66 21.19 7.17
C ILE B 399 6.16 19.76 7.24
N HIS B 400 7.40 19.54 6.84
CA HIS B 400 7.93 18.19 6.69
C HIS B 400 9.42 18.22 7.05
N HIS B 401 9.73 17.82 8.28
CA HIS B 401 11.12 17.76 8.72
C HIS B 401 11.26 16.65 9.75
N SER B 402 12.51 16.26 10.01
CA SER B 402 12.79 15.10 10.85
C SER B 402 12.28 15.26 12.27
N GLY B 403 11.95 16.48 12.70
CA GLY B 403 11.44 16.69 14.04
C GLY B 403 10.00 16.26 14.26
N LEU B 404 9.25 16.01 13.19
CA LEU B 404 7.87 15.58 13.34
C LEU B 404 7.80 14.16 13.88
N LEU B 405 6.72 13.87 14.60
CA LEU B 405 6.45 12.52 15.05
C LEU B 405 6.24 11.59 13.85
N PRO B 406 6.58 10.30 13.99
CA PRO B 406 6.45 9.39 12.85
C PRO B 406 5.04 9.32 12.27
N ILE B 407 4.00 9.47 13.10
CA ILE B 407 2.64 9.49 12.58
C ILE B 407 2.42 10.74 11.74
N LEU B 408 2.89 11.90 12.22
CA LEU B 408 2.64 13.15 11.52
C LEU B 408 3.38 13.20 10.19
N LYS B 409 4.66 12.81 10.19
CA LYS B 409 5.42 12.81 8.95
C LYS B 409 4.77 11.92 7.89
N GLU B 410 4.24 10.76 8.30
CA GLU B 410 3.63 9.85 7.34
C GLU B 410 2.35 10.41 6.74
N VAL B 411 1.47 10.98 7.58
CA VAL B 411 0.22 11.50 7.05
C VAL B 411 0.45 12.72 6.16
N ILE B 412 1.36 13.62 6.57
CA ILE B 412 1.63 14.81 5.77
C ILE B 412 2.22 14.41 4.42
N GLU B 413 3.04 13.36 4.38
CA GLU B 413 3.54 12.88 3.10
C GLU B 413 2.41 12.39 2.21
N ILE B 414 1.43 11.71 2.80
CA ILE B 414 0.30 11.20 2.03
C ILE B 414 -0.60 12.34 1.58
N LEU B 415 -0.97 13.24 2.51
CA LEU B 415 -1.82 14.37 2.16
C LEU B 415 -1.20 15.22 1.06
N PHE B 416 0.12 15.29 1.00
CA PHE B 416 0.78 16.02 -0.08
C PHE B 416 0.73 15.25 -1.39
N GLN B 417 0.83 13.92 -1.33
CA GLN B 417 0.73 13.11 -2.54
C GLN B 417 -0.65 13.24 -3.18
N GLU B 418 -1.70 13.23 -2.36
CA GLU B 418 -3.07 13.39 -2.84
C GLU B 418 -3.38 14.81 -3.30
N GLY B 419 -2.41 15.72 -3.25
CA GLY B 419 -2.61 17.09 -3.67
C GLY B 419 -3.48 17.93 -2.77
N PHE B 420 -3.71 17.53 -1.52
CA PHE B 420 -4.45 18.38 -0.60
C PHE B 420 -3.59 19.50 -0.05
N LEU B 421 -2.28 19.27 0.11
CA LEU B 421 -1.35 20.29 0.55
C LEU B 421 -0.73 20.94 -0.68
N LYS B 422 -0.91 22.26 -0.81
CA LYS B 422 -0.48 22.97 -2.00
C LYS B 422 0.94 23.51 -1.90
N VAL B 423 1.38 23.89 -0.70
CA VAL B 423 2.75 24.32 -0.46
C VAL B 423 3.29 23.56 0.74
N LEU B 424 4.49 23.00 0.61
CA LEU B 424 5.10 22.19 1.65
C LEU B 424 6.42 22.83 2.06
N PHE B 425 6.54 23.13 3.36
CA PHE B 425 7.78 23.67 3.92
C PHE B 425 8.60 22.50 4.43
N ALA B 426 9.71 22.21 3.76
CA ALA B 426 10.43 20.97 3.98
C ALA B 426 11.92 21.22 4.14
N THR B 427 12.63 20.16 4.48
CA THR B 427 14.08 20.13 4.70
C THR B 427 14.72 19.29 3.60
N GLU B 428 16.05 19.36 3.50
CA GLU B 428 16.77 18.61 2.49
C GLU B 428 16.53 17.10 2.65
N THR B 429 16.48 16.63 3.89
CA THR B 429 16.25 15.21 4.14
C THR B 429 14.84 14.82 3.69
N PHE B 430 14.75 13.76 2.90
CA PHE B 430 13.47 13.27 2.39
C PHE B 430 13.28 11.79 2.71
N LEU B 434 10.30 10.59 1.10
CA LEU B 434 9.95 9.42 0.32
C LEU B 434 9.62 9.79 -1.13
N ASN B 435 8.38 9.54 -1.52
CA ASN B 435 7.84 9.90 -2.83
C ASN B 435 7.07 11.21 -2.68
N MET B 436 7.79 12.33 -2.76
CA MET B 436 7.24 13.66 -2.59
C MET B 436 7.34 14.45 -3.88
N PRO B 437 6.47 14.20 -4.86
CA PRO B 437 6.57 14.88 -6.15
C PRO B 437 5.93 16.27 -6.12
N ALA B 438 6.68 17.26 -6.60
CA ALA B 438 6.16 18.60 -6.85
C ALA B 438 6.63 19.08 -8.21
N LYS B 439 5.92 20.06 -8.76
CA LYS B 439 6.29 20.64 -10.04
C LYS B 439 7.16 21.88 -9.90
N THR B 440 7.17 22.51 -8.73
CA THR B 440 8.00 23.67 -8.47
C THR B 440 8.68 23.52 -7.11
N VAL B 441 9.97 23.85 -7.06
CA VAL B 441 10.73 23.84 -5.81
C VAL B 441 11.45 25.18 -5.69
N VAL B 442 11.39 25.77 -4.50
CA VAL B 442 11.97 27.08 -4.25
C VAL B 442 12.87 26.99 -3.03
N PHE B 443 14.03 27.66 -3.09
CA PHE B 443 15.02 27.65 -2.03
C PHE B 443 14.99 28.97 -1.28
N THR B 444 14.91 28.90 0.06
CA THR B 444 14.88 30.11 0.86
C THR B 444 16.16 30.93 0.70
N SER B 445 17.30 30.25 0.70
CA SER B 445 18.59 30.91 0.55
C SER B 445 19.44 30.17 -0.46
N VAL B 446 20.47 30.86 -0.95
CA VAL B 446 21.44 30.24 -1.85
C VAL B 446 22.61 29.65 -1.08
N ARG B 447 22.55 29.66 0.25
CA ARG B 447 23.63 29.17 1.10
C ARG B 447 23.10 28.15 2.09
N LYS B 448 23.94 27.15 2.38
CA LYS B 448 23.65 26.14 3.39
C LYS B 448 24.62 26.28 4.56
N TRP B 449 24.14 25.93 5.75
CA TRP B 449 24.94 26.06 6.97
C TRP B 449 25.93 24.89 7.00
N ASP B 450 27.22 25.20 6.96
CA ASP B 450 28.25 24.15 6.97
C ASP B 450 28.55 23.62 8.36
N GLY B 451 28.41 24.46 9.39
CA GLY B 451 28.70 24.05 10.74
C GLY B 451 29.14 25.24 11.58
N GLN B 452 29.99 26.07 10.99
CA GLN B 452 30.45 27.31 11.63
C GLN B 452 30.31 28.50 10.69
N GLN B 453 29.77 28.31 9.49
CA GLN B 453 29.65 29.35 8.49
C GLN B 453 28.49 29.02 7.57
N PHE B 454 28.06 30.02 6.81
CA PHE B 454 27.08 29.82 5.75
C PHE B 454 27.84 29.63 4.44
N ARG B 455 27.78 28.42 3.89
CA ARG B 455 28.55 28.06 2.70
C ARG B 455 27.63 27.97 1.48
N TRP B 456 28.20 28.25 0.32
CA TRP B 456 27.46 28.18 -0.94
C TRP B 456 27.04 26.75 -1.23
N VAL B 457 25.80 26.61 -1.73
CA VAL B 457 25.31 25.30 -2.17
C VAL B 457 26.22 24.74 -3.25
N SER B 458 26.56 23.46 -3.13
CA SER B 458 27.44 22.83 -4.10
C SER B 458 26.65 22.38 -5.32
N GLY B 459 27.38 22.15 -6.42
CA GLY B 459 26.76 21.61 -7.62
C GLY B 459 25.91 20.38 -7.35
N GLY B 460 26.48 19.42 -6.62
CA GLY B 460 25.73 18.22 -6.28
C GLY B 460 24.44 18.52 -5.52
N GLU B 461 24.54 19.33 -4.47
CA GLU B 461 23.37 19.65 -3.65
C GLU B 461 22.28 20.30 -4.49
N TYR B 462 22.66 21.17 -5.43
CA TYR B 462 21.68 21.76 -6.33
C TYR B 462 21.05 20.70 -7.23
N ILE B 463 21.87 19.83 -7.80
CA ILE B 463 21.35 18.74 -8.63
C ILE B 463 20.39 17.87 -7.82
N GLN B 464 20.79 17.49 -6.60
CA GLN B 464 19.98 16.60 -5.79
C GLN B 464 18.68 17.24 -5.35
N MET B 465 18.60 18.57 -5.30
CA MET B 465 17.38 19.26 -4.90
C MET B 465 16.56 19.75 -6.08
N SER B 466 17.21 20.22 -7.15
CA SER B 466 16.49 20.59 -8.35
C SER B 466 15.76 19.39 -8.96
N GLY B 467 16.31 18.19 -8.79
CA GLY B 467 15.68 16.98 -9.29
C GLY B 467 14.31 16.71 -8.69
N ARG B 468 14.04 17.23 -7.49
CA ARG B 468 12.75 17.05 -6.84
C ARG B 468 11.64 17.88 -7.49
N ALA B 469 11.94 18.62 -8.55
CA ALA B 469 10.95 19.38 -9.29
C ALA B 469 10.52 18.59 -10.53
N GLY B 470 9.25 18.75 -10.89
CA GLY B 470 8.71 18.08 -12.06
C GLY B 470 8.17 16.70 -11.75
N ARG B 471 7.08 16.33 -12.41
CA ARG B 471 6.43 15.03 -12.23
C ARG B 471 6.18 14.41 -13.59
N ARG B 472 6.55 13.13 -13.73
CA ARG B 472 6.41 12.44 -15.01
C ARG B 472 4.96 12.42 -15.45
N GLY B 473 4.72 12.83 -16.69
CA GLY B 473 3.38 12.85 -17.25
C GLY B 473 2.52 14.02 -16.85
N LEU B 474 2.37 14.25 -15.54
CA LEU B 474 1.48 15.30 -15.05
C LEU B 474 1.92 16.68 -15.56
N ASP B 475 3.20 17.00 -15.40
CA ASP B 475 3.70 18.35 -15.61
C ASP B 475 4.53 18.41 -16.89
N ASP B 476 4.31 19.47 -17.68
CA ASP B 476 5.10 19.66 -18.89
C ASP B 476 6.52 20.09 -18.56
N ARG B 477 6.70 20.82 -17.45
CA ARG B 477 8.01 21.30 -17.04
C ARG B 477 8.10 21.29 -15.52
N GLY B 478 9.34 21.35 -15.04
CA GLY B 478 9.61 21.50 -13.61
C GLY B 478 10.31 22.82 -13.34
N ILE B 479 9.82 23.55 -12.34
CA ILE B 479 10.30 24.89 -12.04
C ILE B 479 11.18 24.84 -10.79
N VAL B 480 12.35 25.46 -10.87
CA VAL B 480 13.21 25.67 -9.71
C VAL B 480 13.44 27.16 -9.54
N ILE B 481 13.22 27.65 -8.33
CA ILE B 481 13.40 29.06 -8.00
C ILE B 481 14.33 29.15 -6.81
N MET B 482 15.34 30.00 -6.90
CA MET B 482 16.32 30.16 -5.82
C MET B 482 16.34 31.63 -5.40
N MET B 483 16.02 31.88 -4.14
CA MET B 483 16.05 33.23 -3.59
C MET B 483 17.49 33.61 -3.27
N ILE B 484 17.99 34.66 -3.91
CA ILE B 484 19.37 35.12 -3.74
C ILE B 484 19.34 36.53 -3.17
N ASP B 485 20.21 36.78 -2.19
CA ASP B 485 20.30 38.07 -1.51
C ASP B 485 21.75 38.55 -1.45
N GLU B 486 22.47 38.42 -2.57
CA GLU B 486 23.87 38.81 -2.61
C GLU B 486 24.29 38.98 -4.06
N LYS B 487 25.18 39.94 -4.30
CA LYS B 487 25.69 40.22 -5.65
C LYS B 487 26.73 39.16 -6.02
N MET B 488 26.25 37.94 -6.23
CA MET B 488 27.11 36.81 -6.52
C MET B 488 27.75 36.95 -7.90
N GLU B 489 28.99 36.47 -8.00
CA GLU B 489 29.74 36.56 -9.25
C GLU B 489 29.19 35.57 -10.28
N PRO B 490 29.40 35.85 -11.57
CA PRO B 490 28.86 34.94 -12.60
C PRO B 490 29.47 33.54 -12.57
N GLN B 491 30.81 33.43 -12.56
CA GLN B 491 31.45 32.12 -12.59
C GLN B 491 31.07 31.28 -11.38
N VAL B 492 30.76 31.92 -10.24
CA VAL B 492 30.29 31.18 -9.08
C VAL B 492 28.93 30.57 -9.36
N ALA B 493 28.05 31.33 -10.02
CA ALA B 493 26.72 30.82 -10.33
C ALA B 493 26.79 29.62 -11.28
N LYS B 494 27.60 29.73 -12.33
CA LYS B 494 27.78 28.61 -13.25
C LYS B 494 28.22 27.35 -12.53
N GLY B 495 29.13 27.48 -11.56
CA GLY B 495 29.53 26.36 -10.74
C GLY B 495 28.41 25.76 -9.90
N MET B 496 27.34 26.52 -9.68
CA MET B 496 26.25 26.06 -8.82
C MET B 496 25.10 25.48 -9.64
N VAL B 497 24.31 26.35 -10.26
CA VAL B 497 23.11 25.90 -10.97
C VAL B 497 23.46 25.02 -12.16
N LYS B 498 24.66 25.15 -12.72
CA LYS B 498 25.09 24.34 -13.85
C LYS B 498 26.35 23.54 -13.52
N GLY B 499 26.58 23.28 -12.23
CA GLY B 499 27.74 22.52 -11.80
C GLY B 499 27.61 21.05 -12.14
N GLN B 500 28.55 20.28 -11.60
CA GLN B 500 28.63 18.84 -11.83
C GLN B 500 28.35 18.09 -10.54
N ALA B 501 27.88 16.86 -10.68
CA ALA B 501 27.48 16.06 -9.54
C ALA B 501 28.69 15.65 -8.71
N ASP B 502 28.42 15.32 -7.45
CA ASP B 502 29.47 14.90 -6.53
C ASP B 502 30.05 13.55 -6.95
N ARG B 503 31.33 13.36 -6.64
CA ARG B 503 31.98 12.09 -6.91
C ARG B 503 31.53 11.01 -5.93
N LEU B 504 31.60 9.77 -6.37
CA LEU B 504 31.34 8.61 -5.52
C LEU B 504 32.69 8.14 -4.99
N ASP B 505 33.10 8.69 -3.85
CA ASP B 505 34.39 8.40 -3.26
C ASP B 505 34.21 7.39 -2.13
N SER B 506 35.08 6.37 -2.10
CA SER B 506 34.98 5.32 -1.11
C SER B 506 35.11 5.87 0.30
N ALA B 507 34.28 5.33 1.22
CA ALA B 507 34.34 5.68 2.63
C ALA B 507 34.73 4.47 3.48
N PHE B 508 35.35 3.46 2.88
CA PHE B 508 35.71 2.24 3.59
C PHE B 508 36.66 2.57 4.74
N HIS B 509 36.36 2.01 5.92
CA HIS B 509 37.24 2.15 7.06
C HIS B 509 37.15 0.89 7.92
N LEU B 510 38.19 0.67 8.71
CA LEU B 510 38.26 -0.49 9.58
C LEU B 510 37.30 -0.34 10.76
N GLY B 511 36.76 -1.46 11.19
CA GLY B 511 35.88 -1.49 12.34
C GLY B 511 36.24 -2.63 13.28
N TYR B 512 36.08 -2.38 14.57
CA TYR B 512 36.39 -3.39 15.57
C TYR B 512 35.48 -4.60 15.44
N ASN B 513 34.17 -4.37 15.35
CA ASN B 513 33.23 -5.46 15.13
C ASN B 513 33.47 -6.13 13.78
N MET B 514 33.98 -5.39 12.80
CA MET B 514 34.24 -5.96 11.49
C MET B 514 35.41 -6.93 11.53
N ILE B 515 36.50 -6.55 12.19
CA ILE B 515 37.69 -7.41 12.26
C ILE B 515 37.37 -8.70 13.01
N LEU B 516 36.63 -8.59 14.11
CA LEU B 516 36.28 -9.78 14.89
C LEU B 516 35.43 -10.76 14.09
N ASN B 517 34.56 -10.25 13.21
CA ASN B 517 33.77 -11.12 12.34
C ASN B 517 34.66 -11.99 11.45
N LEU B 518 35.71 -11.40 10.89
CA LEU B 518 36.60 -12.16 10.03
C LEU B 518 37.45 -13.17 10.80
N MET B 519 37.66 -12.96 12.11
CA MET B 519 38.38 -13.96 12.89
C MET B 519 37.54 -15.21 13.12
N ARG B 520 36.24 -15.03 13.36
CA ARG B 520 35.36 -16.18 13.57
C ARG B 520 35.20 -16.98 12.28
N VAL B 521 35.09 -16.31 11.15
CA VAL B 521 35.01 -16.97 9.85
C VAL B 521 36.41 -17.43 9.44
N GLU B 522 36.49 -18.64 8.88
CA GLU B 522 37.77 -19.20 8.48
C GLU B 522 38.19 -18.84 7.06
N GLY B 523 37.32 -18.18 6.30
CA GLY B 523 37.54 -18.05 4.87
C GLY B 523 38.00 -16.70 4.34
N ILE B 524 37.88 -15.64 5.12
CA ILE B 524 38.18 -14.29 4.66
C ILE B 524 39.12 -13.61 5.65
N SER B 525 40.08 -12.83 5.10
CA SER B 525 41.14 -12.17 5.85
C SER B 525 40.94 -10.66 5.85
N PRO B 526 41.25 -9.98 6.96
CA PRO B 526 41.18 -8.51 6.95
C PRO B 526 42.07 -7.87 5.90
N GLU B 527 43.28 -8.41 5.68
CA GLU B 527 44.12 -7.94 4.59
C GLU B 527 43.39 -8.08 3.25
N PHE B 528 42.59 -9.14 3.09
CA PHE B 528 41.87 -9.33 1.84
C PHE B 528 40.84 -8.24 1.63
N MET B 529 40.16 -7.82 2.70
CA MET B 529 39.23 -6.70 2.62
C MET B 529 39.94 -5.45 2.12
N LEU B 530 41.05 -5.09 2.77
CA LEU B 530 41.80 -3.89 2.42
C LEU B 530 42.29 -3.94 0.98
N GLU B 531 42.86 -5.07 0.57
CA GLU B 531 43.36 -5.22 -0.79
C GLU B 531 42.24 -5.08 -1.82
N HIS B 532 40.99 -5.31 -1.43
CA HIS B 532 39.87 -5.21 -2.34
C HIS B 532 38.96 -4.01 -2.09
N SER B 533 39.14 -3.28 -1.00
CA SER B 533 38.33 -2.11 -0.75
C SER B 533 38.44 -1.13 -1.91
N PHE B 534 37.30 -0.51 -2.26
CA PHE B 534 37.30 0.50 -3.33
C PHE B 534 38.23 1.66 -2.99
N PHE B 535 38.44 1.94 -1.71
CA PHE B 535 39.42 2.93 -1.30
C PHE B 535 40.80 2.58 -1.85
N GLN B 536 41.25 1.34 -1.61
CA GLN B 536 42.55 0.92 -2.10
C GLN B 536 42.65 1.03 -3.62
N PHE B 537 41.56 0.69 -4.32
CA PHE B 537 41.56 0.80 -5.77
C PHE B 537 41.65 2.26 -6.22
N GLN B 538 41.14 3.19 -5.41
CA GLN B 538 41.24 4.60 -5.75
C GLN B 538 42.62 5.17 -5.50
N ASN B 539 43.43 4.51 -4.66
CA ASN B 539 44.79 4.97 -4.42
C ASN B 539 45.72 4.58 -5.57
N VAL B 540 45.61 3.35 -6.07
CA VAL B 540 46.48 2.90 -7.14
C VAL B 540 46.24 3.65 -8.44
N ILE B 541 45.06 4.26 -8.60
CA ILE B 541 44.81 5.12 -9.76
C ILE B 541 45.30 6.55 -9.52
N SER B 542 45.47 6.96 -8.26
CA SER B 542 45.94 8.30 -7.97
C SER B 542 47.44 8.46 -8.22
N VAL B 543 48.23 7.40 -7.99
CA VAL B 543 49.68 7.51 -8.05
C VAL B 543 50.25 7.68 -9.46
N PRO B 544 49.61 7.20 -10.55
CA PRO B 544 50.19 7.50 -11.86
C PRO B 544 50.01 8.94 -12.30
N VAL B 545 48.91 9.59 -11.90
CA VAL B 545 48.79 11.02 -12.12
C VAL B 545 49.51 11.82 -11.04
N MET B 546 49.70 11.23 -9.86
CA MET B 546 50.50 11.88 -8.83
C MET B 546 51.99 11.80 -9.17
N GLU B 547 52.43 10.66 -9.70
CA GLU B 547 53.82 10.57 -10.15
C GLU B 547 54.09 11.48 -11.33
N LYS B 548 53.08 11.69 -12.19
CA LYS B 548 53.23 12.63 -13.29
C LYS B 548 53.45 14.05 -12.78
N LYS B 549 52.71 14.44 -11.75
CA LYS B 549 52.91 15.76 -11.16
C LYS B 549 54.32 15.89 -10.59
N LEU B 550 54.85 14.81 -10.01
CA LEU B 550 56.20 14.86 -9.45
C LEU B 550 57.25 15.04 -10.55
N ALA B 551 57.20 14.20 -11.59
CA ALA B 551 58.17 14.29 -12.67
C ALA B 551 58.08 15.63 -13.40
N GLU B 552 56.88 16.20 -13.50
CA GLU B 552 56.77 17.57 -13.99
C GLU B 552 57.37 18.56 -13.01
N LEU B 553 57.19 18.31 -11.71
CA LEU B 553 57.71 19.20 -10.68
C LEU B 553 59.25 19.19 -10.68
N LYS B 554 59.85 18.03 -10.92
CA LYS B 554 61.31 17.94 -10.92
C LYS B 554 61.93 18.55 -12.16
N LYS B 555 61.21 18.55 -13.29
CA LYS B 555 61.70 19.22 -14.49
C LYS B 555 61.96 20.70 -14.22
N ASP B 556 61.04 21.36 -13.50
CA ASP B 556 61.26 22.74 -13.12
C ASP B 556 62.36 22.87 -12.07
N PHE B 557 62.60 21.81 -11.29
CA PHE B 557 63.64 21.87 -10.26
C PHE B 557 65.02 21.79 -10.89
N ASP B 558 65.24 20.82 -11.78
CA ASP B 558 66.54 20.68 -12.43
C ASP B 558 66.89 21.91 -13.26
N GLY B 559 65.90 22.55 -13.88
CA GLY B 559 66.13 23.74 -14.67
C GLY B 559 66.56 24.96 -13.88
N ILE B 560 66.40 24.93 -12.56
CA ILE B 560 66.82 26.01 -11.68
C ILE B 560 68.21 25.68 -11.13
N GLU B 561 69.09 26.69 -11.13
CA GLU B 561 70.43 26.53 -10.58
C GLU B 561 70.89 27.91 -10.11
N VAL B 562 71.26 28.00 -8.82
CA VAL B 562 71.59 29.26 -8.19
C VAL B 562 73.11 29.33 -8.00
N GLU B 563 73.70 30.41 -8.47
CA GLU B 563 75.12 30.64 -8.26
C GLU B 563 75.38 30.99 -6.80
N ASP B 564 76.59 30.68 -6.33
CA ASP B 564 76.98 30.89 -4.94
C ASP B 564 75.98 30.24 -3.99
N GLU B 565 75.67 28.97 -4.28
CA GLU B 565 74.60 28.27 -3.58
C GLU B 565 74.80 28.26 -2.06
N GLU B 566 76.03 28.02 -1.62
CA GLU B 566 76.29 27.92 -0.18
C GLU B 566 75.92 29.21 0.55
N ASN B 567 76.37 30.35 0.02
CA ASN B 567 76.08 31.62 0.68
C ASN B 567 74.60 31.99 0.55
N VAL B 568 74.00 31.78 -0.63
CA VAL B 568 72.60 32.09 -0.81
C VAL B 568 71.73 31.26 0.12
N LYS B 569 72.10 30.00 0.33
CA LYS B 569 71.37 29.15 1.27
C LYS B 569 71.59 29.65 2.70
N GLU B 570 72.82 30.02 3.03
CA GLU B 570 73.12 30.55 4.37
C GLU B 570 72.26 31.76 4.69
N TYR B 571 72.15 32.70 3.75
CA TYR B 571 71.29 33.87 3.95
C TYR B 571 69.84 33.45 4.11
N HIS B 572 69.39 32.46 3.33
CA HIS B 572 67.99 32.03 3.39
C HIS B 572 67.66 31.40 4.74
N GLU B 573 68.53 30.52 5.23
CA GLU B 573 68.26 29.85 6.50
C GLU B 573 68.11 30.84 7.65
N ILE B 574 68.97 31.87 7.69
CA ILE B 574 68.89 32.84 8.77
C ILE B 574 67.60 33.64 8.67
N GLU B 575 67.26 34.10 7.47
CA GLU B 575 66.02 34.85 7.28
C GLU B 575 64.81 34.00 7.67
N GLN B 576 64.83 32.71 7.35
CA GLN B 576 63.76 31.81 7.77
C GLN B 576 63.68 31.73 9.29
N ALA B 577 64.82 31.57 9.95
CA ALA B 577 64.84 31.57 11.41
C ALA B 577 64.23 32.87 11.96
N ILE B 578 64.60 34.00 11.37
CA ILE B 578 64.02 35.27 11.80
C ILE B 578 62.51 35.27 11.60
N LYS B 579 62.05 34.78 10.44
CA LYS B 579 60.61 34.66 10.22
C LYS B 579 59.95 33.82 11.30
N GLY B 580 60.62 32.75 11.72
CA GLY B 580 60.08 31.92 12.79
C GLY B 580 60.10 32.62 14.13
N TYR B 581 61.25 33.21 14.49
CA TYR B 581 61.37 33.92 15.75
C TYR B 581 60.46 35.14 15.80
N ARG B 582 60.29 35.83 14.66
CA ARG B 582 59.41 36.99 14.63
C ARG B 582 57.95 36.57 14.77
N GLU B 583 57.57 35.45 14.15
CA GLU B 583 56.23 34.91 14.35
C GLU B 583 56.03 34.48 15.80
N ASP B 584 57.10 34.02 16.46
CA ASP B 584 57.01 33.68 17.88
C ASP B 584 56.78 34.91 18.72
N VAL B 585 57.41 36.04 18.36
CA VAL B 585 57.20 37.28 19.09
C VAL B 585 55.80 37.81 18.84
N ARG B 586 55.25 37.59 17.65
CA ARG B 586 53.90 38.06 17.35
C ARG B 586 52.86 37.43 18.27
N GLN B 587 52.98 36.13 18.52
CA GLN B 587 52.04 35.46 19.43
C GLN B 587 52.13 36.02 20.84
N VAL B 588 53.34 36.38 21.27
CA VAL B 588 53.50 36.93 22.61
C VAL B 588 52.90 38.33 22.69
N VAL B 589 52.92 39.08 21.59
CA VAL B 589 52.34 40.42 21.60
C VAL B 589 50.82 40.36 21.54
N THR B 590 50.28 39.44 20.74
CA THR B 590 48.83 39.37 20.52
C THR B 590 48.10 38.59 21.61
N HIS B 591 48.82 37.94 22.51
CA HIS B 591 48.15 37.21 23.60
C HIS B 591 47.33 38.17 24.43
N PRO B 592 46.15 37.76 24.90
CA PRO B 592 45.25 38.71 25.60
C PRO B 592 45.88 39.44 26.76
N ALA B 593 46.84 38.82 27.47
CA ALA B 593 47.42 39.47 28.64
C ALA B 593 48.09 40.79 28.28
N ASN B 594 48.85 40.80 27.18
CA ASN B 594 49.58 42.00 26.76
C ASN B 594 48.81 42.85 25.76
N ALA B 595 48.09 42.20 24.82
CA ALA B 595 47.46 42.94 23.73
C ALA B 595 46.25 43.73 24.20
N LEU B 596 45.44 43.15 25.08
CA LEU B 596 44.16 43.78 25.46
C LEU B 596 44.37 45.15 26.11
N SER B 597 45.48 45.33 26.82
CA SER B 597 45.74 46.60 27.49
C SER B 597 45.87 47.73 26.47
N PHE B 598 46.30 47.43 25.25
CA PHE B 598 46.50 48.43 24.20
C PHE B 598 45.46 48.31 23.08
N LEU B 599 44.31 47.72 23.37
CA LEU B 599 43.23 47.62 22.38
C LEU B 599 42.10 48.60 22.71
N GLN B 600 42.49 49.87 22.81
CA GLN B 600 41.53 50.95 23.03
C GLN B 600 40.78 51.24 21.73
N PRO B 601 39.61 51.85 21.81
CA PRO B 601 38.87 52.21 20.59
C PRO B 601 39.70 53.14 19.71
N GLY B 602 39.63 52.90 18.40
CA GLY B 602 40.39 53.66 17.43
C GLY B 602 41.77 53.13 17.12
N ARG B 603 42.25 52.15 17.89
CA ARG B 603 43.59 51.60 17.68
C ARG B 603 43.75 51.05 16.26
N LEU B 604 44.89 51.34 15.66
CA LEU B 604 45.20 50.87 14.32
C LEU B 604 45.86 49.50 14.40
N VAL B 605 45.37 48.57 13.58
CA VAL B 605 45.87 47.20 13.55
C VAL B 605 45.94 46.73 12.10
N GLU B 606 46.93 45.90 11.81
CA GLU B 606 47.05 45.26 10.51
C GLU B 606 46.41 43.88 10.60
N ILE B 607 45.41 43.64 9.78
CA ILE B 607 44.55 42.46 9.90
C ILE B 607 44.89 41.49 8.78
N SER B 608 45.24 40.26 9.17
CA SER B 608 45.50 39.16 8.23
C SER B 608 44.87 37.92 8.88
N VAL B 609 43.59 37.70 8.58
CA VAL B 609 42.83 36.66 9.26
C VAL B 609 43.18 35.30 8.67
N ASN B 610 43.53 34.35 9.55
CA ASN B 610 43.88 32.99 9.16
C ASN B 610 45.02 32.95 8.14
N GLY B 611 45.87 33.98 8.14
CA GLY B 611 47.03 34.03 7.28
C GLY B 611 46.72 34.04 5.79
N LYS B 612 45.46 34.24 5.43
CA LYS B 612 45.05 34.21 4.03
C LYS B 612 44.49 35.55 3.55
N ASP B 613 43.48 36.08 4.24
CA ASP B 613 42.82 37.31 3.81
C ASP B 613 43.49 38.49 4.48
N ASN B 614 44.16 39.33 3.68
CA ASN B 614 44.86 40.52 4.18
C ASN B 614 43.99 41.74 3.89
N TYR B 615 43.44 42.33 4.94
CA TYR B 615 42.56 43.49 4.81
C TYR B 615 43.29 44.82 4.92
N GLY B 616 44.61 44.80 5.12
CA GLY B 616 45.33 46.04 5.29
C GLY B 616 45.21 46.59 6.70
N TRP B 617 45.36 47.90 6.83
CA TRP B 617 45.32 48.56 8.13
C TRP B 617 43.90 49.05 8.42
N GLY B 618 43.39 48.72 9.60
CA GLY B 618 42.07 49.14 10.01
C GLY B 618 42.04 49.77 11.38
N ALA B 619 40.85 50.03 11.91
CA ALA B 619 40.69 50.68 13.21
C ALA B 619 39.82 49.82 14.12
N VAL B 620 40.33 49.56 15.33
CA VAL B 620 39.59 48.82 16.33
C VAL B 620 38.44 49.67 16.87
N VAL B 621 37.26 49.09 16.98
CA VAL B 621 36.11 49.79 17.56
C VAL B 621 35.84 49.33 18.99
N ASP B 622 35.92 48.03 19.27
CA ASP B 622 35.71 47.50 20.61
C ASP B 622 36.09 46.03 20.60
N PHE B 623 36.06 45.43 21.78
CA PHE B 623 36.40 44.02 21.94
C PHE B 623 35.66 43.47 23.15
N ALA B 624 35.42 42.16 23.13
CA ALA B 624 34.70 41.50 24.21
C ALA B 624 35.09 40.03 24.24
N LYS B 625 34.86 39.41 25.39
CA LYS B 625 35.23 38.01 25.57
C LYS B 625 34.32 37.11 24.74
N ARG B 626 34.90 36.03 24.22
CA ARG B 626 34.14 35.04 23.47
C ARG B 626 33.48 34.05 24.41
N ILE B 627 32.19 33.81 24.20
CA ILE B 627 31.38 32.92 25.04
C ILE B 627 30.73 31.92 24.09
N ASN B 628 31.36 30.76 23.91
CA ASN B 628 30.85 29.73 23.01
C ASN B 628 29.46 29.25 23.43
N ASN B 631 24.43 29.34 25.15
CA ASN B 631 25.61 29.00 24.37
C ASN B 631 26.42 27.90 25.07
N PRO B 632 26.91 26.93 24.29
CA PRO B 632 27.41 25.67 24.87
C PRO B 632 28.63 25.75 25.77
N SER B 633 29.14 26.95 26.07
CA SER B 633 30.18 27.13 27.09
C SER B 633 31.44 26.32 26.78
N ALA B 634 31.76 26.19 25.49
CA ALA B 634 32.96 25.50 25.07
C ALA B 634 34.22 26.34 25.31
N VAL B 635 35.30 25.65 25.65
CA VAL B 635 36.57 26.29 25.99
C VAL B 635 37.28 26.74 24.71
N TYR B 636 37.94 27.89 24.78
CA TYR B 636 38.61 28.51 23.65
C TYR B 636 40.10 28.69 23.90
N THR B 637 40.88 28.59 22.83
CA THR B 637 42.31 28.93 22.89
C THR B 637 42.48 30.37 23.33
N ASP B 638 43.62 30.64 23.98
CA ASP B 638 43.90 31.97 24.50
C ASP B 638 43.77 33.05 23.45
N HIS B 639 44.28 32.81 22.24
CA HIS B 639 44.19 33.83 21.20
C HIS B 639 42.78 33.94 20.63
N GLU B 640 42.02 32.85 20.61
CA GLU B 640 40.64 32.88 20.16
C GLU B 640 39.67 33.23 21.29
N SER B 641 40.17 33.39 22.52
CA SER B 641 39.29 33.66 23.65
C SER B 641 38.60 35.01 23.56
N TYR B 642 39.06 35.91 22.68
CA TYR B 642 38.49 37.24 22.57
C TYR B 642 38.21 37.57 21.11
N ILE B 643 37.23 38.43 20.90
CA ILE B 643 36.81 38.83 19.56
C ILE B 643 36.82 40.36 19.48
N VAL B 644 37.47 40.89 18.45
CA VAL B 644 37.61 42.32 18.24
C VAL B 644 36.88 42.70 16.96
N ASN B 645 36.05 43.73 17.05
CA ASN B 645 35.40 44.31 15.88
C ASN B 645 36.26 45.45 15.35
N VAL B 646 36.66 45.37 14.08
CA VAL B 646 37.54 46.35 13.46
C VAL B 646 36.90 46.89 12.19
N VAL B 647 37.13 48.17 11.92
CA VAL B 647 36.71 48.79 10.66
C VAL B 647 37.82 48.59 9.63
N VAL B 648 37.44 48.27 8.40
CA VAL B 648 38.38 48.07 7.32
C VAL B 648 37.89 48.88 6.12
N ASN B 649 38.84 49.26 5.25
CA ASN B 649 38.52 50.02 4.05
C ASN B 649 38.85 49.26 2.77
N THR B 650 39.11 47.95 2.87
CA THR B 650 39.52 47.16 1.72
C THR B 650 38.57 45.98 1.46
N MET B 651 37.37 46.02 2.03
CA MET B 651 36.39 44.98 1.76
C MET B 651 35.95 45.02 0.30
N TYR B 652 35.87 43.85 -0.32
CA TYR B 652 35.35 43.75 -1.68
C TYR B 652 33.94 44.30 -1.75
N ILE B 653 33.64 45.02 -2.83
CA ILE B 653 32.43 45.85 -2.87
C ILE B 653 31.18 44.98 -2.90
N ASP B 654 31.19 43.90 -3.68
CA ASP B 654 30.03 43.03 -3.79
C ASP B 654 30.06 41.90 -2.77
N SER B 655 30.93 41.98 -1.77
CA SER B 655 30.97 40.99 -0.71
C SER B 655 29.72 41.07 0.16
N PRO B 656 29.02 39.97 0.40
CA PRO B 656 27.78 40.03 1.19
C PRO B 656 28.04 40.23 2.68
N VAL B 657 28.06 41.49 3.12
CA VAL B 657 28.34 41.79 4.52
C VAL B 657 27.14 41.52 5.41
N ASN B 658 25.94 41.38 4.85
CA ASN B 658 24.74 41.16 5.65
C ASN B 658 24.76 39.84 6.41
N LEU B 659 25.70 38.94 6.11
CA LEU B 659 25.74 37.63 6.75
C LEU B 659 26.49 37.62 8.07
N LEU B 660 27.24 38.67 8.39
CA LEU B 660 28.10 38.66 9.56
C LEU B 660 27.30 38.70 10.86
N LYS B 661 27.64 37.79 11.77
CA LYS B 661 27.15 37.81 13.14
C LYS B 661 28.12 38.61 14.01
N PRO B 662 27.64 39.30 15.05
CA PRO B 662 28.52 40.22 15.79
C PRO B 662 29.69 39.55 16.47
N PHE B 663 29.53 38.32 16.98
CA PHE B 663 30.56 37.61 17.72
C PHE B 663 30.94 36.31 17.05
N ASN B 664 30.77 36.22 15.73
CA ASN B 664 31.21 35.05 14.97
C ASN B 664 32.37 35.43 14.06
N PRO B 665 33.62 35.12 14.43
CA PRO B 665 34.76 35.54 13.60
C PRO B 665 34.98 34.69 12.36
N THR B 666 34.20 33.64 12.16
CA THR B 666 34.29 32.84 10.95
C THR B 666 33.61 33.59 9.81
N LEU B 667 34.42 34.24 8.98
CA LEU B 667 33.88 35.06 7.89
C LEU B 667 33.22 34.15 6.86
N PRO B 668 31.96 34.38 6.51
CA PRO B 668 31.28 33.50 5.56
C PRO B 668 31.93 33.53 4.19
N GLU B 669 31.84 32.38 3.49
CA GLU B 669 32.40 32.26 2.15
C GLU B 669 31.87 33.34 1.22
N GLY B 670 32.77 34.05 0.57
CA GLY B 670 32.43 35.14 -0.32
C GLY B 670 32.79 36.50 0.21
N ILE B 671 33.02 36.63 1.51
CA ILE B 671 33.49 37.87 2.11
C ILE B 671 35.02 37.86 2.06
N ARG B 672 35.60 38.78 1.30
CA ARG B 672 37.02 38.71 1.02
C ARG B 672 37.54 40.13 0.87
N PRO B 673 38.85 40.32 1.03
CA PRO B 673 39.43 41.62 0.68
C PRO B 673 39.36 41.86 -0.82
N ALA B 674 39.15 43.13 -1.19
CA ALA B 674 39.06 43.51 -2.58
C ALA B 674 40.33 43.14 -3.33
N GLU B 675 40.19 42.54 -4.50
CA GLU B 675 41.34 42.22 -5.32
C GLU B 675 42.02 43.50 -5.82
N GLU B 676 43.17 43.32 -6.46
CA GLU B 676 43.96 44.48 -6.88
C GLU B 676 43.23 45.35 -7.90
N GLY B 677 42.21 44.84 -8.58
CA GLY B 677 41.51 45.63 -9.57
C GLY B 677 40.02 45.77 -9.31
N GLU B 678 39.61 45.64 -8.05
CA GLU B 678 38.22 45.75 -7.66
C GLU B 678 38.03 46.87 -6.65
N LYS B 679 36.85 47.49 -6.67
CA LYS B 679 36.53 48.57 -5.74
C LYS B 679 36.40 48.04 -4.32
N SER B 680 36.61 48.93 -3.36
CA SER B 680 36.54 48.60 -1.95
C SER B 680 35.44 49.40 -1.26
N ILE B 681 34.97 48.85 -0.14
CA ILE B 681 33.94 49.50 0.68
C ILE B 681 34.29 49.33 2.14
N CYS B 682 34.03 50.36 2.94
CA CYS B 682 34.29 50.28 4.37
C CYS B 682 33.25 49.40 5.06
N ALA B 683 33.71 48.55 5.97
CA ALA B 683 32.84 47.63 6.69
C ALA B 683 33.48 47.27 8.03
N VAL B 684 32.69 46.63 8.88
CA VAL B 684 33.12 46.20 10.21
C VAL B 684 33.07 44.68 10.26
N ILE B 685 34.19 44.06 10.63
CA ILE B 685 34.27 42.61 10.71
C ILE B 685 34.72 42.18 12.10
N PRO B 686 34.30 41.01 12.57
CA PRO B 686 34.84 40.48 13.84
C PRO B 686 36.02 39.56 13.59
N ILE B 687 37.03 39.66 14.46
CA ILE B 687 38.24 38.86 14.35
C ILE B 687 38.67 38.40 15.73
N THR B 688 39.31 37.23 15.78
CA THR B 688 40.05 36.83 16.95
C THR B 688 41.42 37.50 16.96
N LEU B 689 42.09 37.42 18.10
CA LEU B 689 43.40 38.07 18.23
C LEU B 689 44.42 37.47 17.29
N ASP B 690 44.31 36.17 17.00
CA ASP B 690 45.25 35.52 16.09
C ASP B 690 45.26 36.15 14.70
N SER B 691 44.22 36.91 14.35
CA SER B 691 44.10 37.55 13.04
C SER B 691 44.77 38.92 12.97
N ILE B 692 45.53 39.30 14.00
CA ILE B 692 46.18 40.61 14.05
C ILE B 692 47.65 40.42 13.71
N LYS B 693 48.12 41.10 12.66
CA LYS B 693 49.51 40.98 12.23
C LYS B 693 50.41 41.92 13.01
N SER B 694 49.96 43.13 13.32
CA SER B 694 50.76 44.09 14.05
C SER B 694 49.85 45.15 14.66
N ILE B 695 50.30 45.71 15.78
CA ILE B 695 49.54 46.72 16.52
C ILE B 695 50.24 48.05 16.32
N GLY B 696 49.48 49.07 15.92
CA GLY B 696 50.05 50.36 15.64
C GLY B 696 50.11 51.27 16.85
N ASN B 697 50.96 52.29 16.75
CA ASN B 697 51.05 53.31 17.79
C ASN B 697 50.05 54.44 17.58
N LEU B 698 49.38 54.48 16.44
CA LEU B 698 48.42 55.52 16.10
C LEU B 698 47.01 55.05 16.41
N ARG B 699 46.09 56.00 16.52
CA ARG B 699 44.70 55.67 16.76
C ARG B 699 43.81 56.82 16.33
N LEU B 700 42.69 56.49 15.70
CA LEU B 700 41.80 57.48 15.08
C LEU B 700 40.75 57.97 16.07
N TYR B 701 40.09 59.07 15.69
CA TYR B 701 38.92 59.56 16.42
C TYR B 701 37.68 58.93 15.80
N MET B 702 36.97 58.13 16.59
CA MET B 702 35.83 57.39 16.09
C MET B 702 34.52 57.87 16.71
N PRO B 703 33.43 57.88 15.96
CA PRO B 703 32.14 58.24 16.54
C PRO B 703 31.66 57.19 17.53
N LYS B 704 30.75 57.62 18.41
CA LYS B 704 30.23 56.72 19.44
C LYS B 704 29.53 55.51 18.82
N ASP B 705 28.65 55.74 17.86
CA ASP B 705 27.94 54.68 17.18
C ASP B 705 28.54 54.49 15.79
N ILE B 706 29.47 53.54 15.67
CA ILE B 706 29.96 53.18 14.35
C ILE B 706 28.86 52.52 13.54
N ARG B 707 27.88 51.91 14.21
CA ARG B 707 26.73 51.32 13.54
C ARG B 707 25.78 52.37 12.99
N ALA B 708 25.93 53.64 13.38
CA ALA B 708 25.04 54.68 12.91
C ALA B 708 25.21 54.88 11.40
N SER B 709 24.31 55.68 10.82
CA SER B 709 24.30 55.85 9.37
C SER B 709 25.48 56.70 8.93
N GLY B 710 26.23 56.19 7.96
CA GLY B 710 27.37 56.90 7.41
C GLY B 710 28.54 57.06 8.34
N GLN B 711 28.56 56.38 9.49
CA GLN B 711 29.68 56.50 10.40
C GLN B 711 30.83 55.59 10.01
N LYS B 712 30.52 54.33 9.67
CA LYS B 712 31.54 53.43 9.16
C LYS B 712 32.17 53.95 7.87
N GLU B 713 31.40 54.71 7.08
CA GLU B 713 31.94 55.30 5.86
C GLU B 713 32.93 56.41 6.18
N THR B 714 32.61 57.26 7.16
CA THR B 714 33.49 58.38 7.50
C THR B 714 34.81 57.89 8.07
N VAL B 715 34.80 56.81 8.84
CA VAL B 715 36.03 56.26 9.39
C VAL B 715 36.89 55.66 8.29
N GLY B 716 36.26 55.00 7.30
CA GLY B 716 37.00 54.50 6.15
C GLY B 716 37.73 55.59 5.40
N LYS B 717 37.19 56.81 5.40
CA LYS B 717 37.90 57.93 4.78
C LYS B 717 39.16 58.28 5.55
N SER B 718 39.10 58.26 6.88
CA SER B 718 40.28 58.55 7.69
C SER B 718 41.36 57.51 7.50
N LEU B 719 40.97 56.23 7.39
CA LEU B 719 41.94 55.18 7.10
C LEU B 719 42.66 55.43 5.78
N ARG B 720 41.92 55.92 4.77
CA ARG B 720 42.54 56.22 3.48
C ARG B 720 43.61 57.29 3.60
N GLU B 721 43.39 58.28 4.48
CA GLU B 721 44.37 59.35 4.65
C GLU B 721 45.63 58.86 5.35
N VAL B 722 45.44 58.12 6.45
CA VAL B 722 46.59 57.57 7.19
C VAL B 722 47.41 56.66 6.29
N ASN B 723 46.75 55.92 5.40
CA ASN B 723 47.45 55.09 4.43
C ASN B 723 48.26 55.92 3.44
N ARG B 724 47.88 57.18 3.22
CA ARG B 724 48.60 58.05 2.30
C ARG B 724 49.80 58.70 2.97
N ARG B 725 49.63 59.17 4.21
CA ARG B 725 50.73 59.79 4.92
C ARG B 725 51.81 58.78 5.28
N PHE B 726 51.42 57.52 5.44
CA PHE B 726 52.35 56.42 5.68
C PHE B 726 52.24 55.44 4.52
N PRO B 727 52.84 55.76 3.36
CA PRO B 727 52.76 54.81 2.24
C PRO B 727 53.55 53.54 2.49
N ASP B 728 54.72 53.65 3.12
CA ASP B 728 55.55 52.47 3.39
C ASP B 728 54.95 51.60 4.50
N GLY B 729 54.15 52.17 5.37
CA GLY B 729 53.48 51.40 6.40
C GLY B 729 53.30 52.22 7.66
N ILE B 730 52.46 51.70 8.55
CA ILE B 730 52.14 52.34 9.82
C ILE B 730 53.20 51.93 10.83
N PRO B 731 53.70 52.83 11.67
CA PRO B 731 54.69 52.42 12.68
C PRO B 731 54.07 51.52 13.73
N VAL B 732 54.80 50.47 14.08
CA VAL B 732 54.32 49.49 15.05
C VAL B 732 54.68 49.96 16.46
N LEU B 733 53.97 49.42 17.44
CA LEU B 733 54.29 49.66 18.84
C LEU B 733 55.52 48.83 19.24
N ASP B 734 56.45 49.46 19.94
CA ASP B 734 57.62 48.76 20.43
C ASP B 734 57.21 47.86 21.60
N PRO B 735 57.41 46.54 21.51
CA PRO B 735 56.87 45.65 22.55
C PRO B 735 57.48 45.85 23.92
N VAL B 736 58.73 46.31 24.01
CA VAL B 736 59.41 46.48 25.30
C VAL B 736 59.32 47.91 25.81
N LYS B 737 59.61 48.90 24.96
CA LYS B 737 59.62 50.29 25.42
C LYS B 737 58.20 50.80 25.65
N ASN B 738 57.30 50.59 24.70
CA ASN B 738 55.95 51.15 24.80
C ASN B 738 55.00 50.22 25.55
N MET B 739 54.97 48.95 25.18
CA MET B 739 54.07 47.98 25.80
C MET B 739 54.60 47.45 27.12
N LYS B 740 55.85 47.77 27.49
CA LYS B 740 56.41 47.41 28.79
C LYS B 740 56.35 45.91 29.06
N ILE B 741 56.68 45.11 28.05
CA ILE B 741 56.77 43.66 28.20
C ILE B 741 58.18 43.33 28.67
N GLU B 742 58.30 42.92 29.93
CA GLU B 742 59.61 42.71 30.54
C GLU B 742 59.88 41.28 30.97
N ASP B 743 58.96 40.35 30.72
CA ASP B 743 59.17 38.97 31.15
C ASP B 743 60.45 38.40 30.53
N GLU B 744 61.20 37.65 31.33
CA GLU B 744 62.56 37.26 30.97
C GLU B 744 62.59 36.34 29.76
N ASP B 745 61.66 35.40 29.66
CA ASP B 745 61.64 34.50 28.50
C ASP B 745 61.45 35.27 27.20
N PHE B 746 60.60 36.31 27.21
CA PHE B 746 60.41 37.14 26.03
C PHE B 746 61.68 37.91 25.68
N LEU B 747 62.41 38.39 26.70
CA LEU B 747 63.60 39.18 26.44
C LEU B 747 64.70 38.35 25.78
N LYS B 748 64.82 37.08 26.17
CA LYS B 748 65.78 36.20 25.50
C LYS B 748 65.38 35.95 24.06
N LEU B 749 64.08 35.96 23.76
CA LEU B 749 63.61 35.80 22.40
C LEU B 749 64.00 37.00 21.54
N MET B 750 63.81 38.21 22.06
CA MET B 750 64.21 39.41 21.33
C MET B 750 65.70 39.41 21.03
N LYS B 751 66.52 39.04 22.02
CA LYS B 751 67.96 38.96 21.80
C LYS B 751 68.31 37.90 20.77
N LYS B 752 67.54 36.80 20.72
CA LYS B 752 67.78 35.79 19.71
C LYS B 752 67.58 36.34 18.29
N ILE B 753 66.70 37.32 18.14
CA ILE B 753 66.49 37.94 16.83
C ILE B 753 67.65 38.86 16.47
N ASP B 754 68.05 39.72 17.41
CA ASP B 754 69.15 40.64 17.17
C ASP B 754 70.42 39.88 16.78
N VAL B 755 70.65 38.73 17.42
CA VAL B 755 71.83 37.92 17.09
C VAL B 755 71.76 37.45 15.64
N LEU B 756 70.60 36.98 15.21
CA LEU B 756 70.47 36.48 13.84
C LEU B 756 70.55 37.60 12.83
N ASN B 757 70.12 38.81 13.20
CA ASN B 757 70.19 39.95 12.28
C ASN B 757 71.64 40.39 12.06
N THR B 758 72.38 40.60 13.13
CA THR B 758 73.81 40.92 12.99
C THR B 758 74.56 39.76 12.35
N LYS B 759 74.10 38.53 12.55
CA LYS B 759 74.64 37.41 11.80
C LYS B 759 74.32 37.54 10.32
N LEU B 760 73.10 37.98 10.00
CA LEU B 760 72.72 38.17 8.60
C LEU B 760 73.49 39.35 8.00
N SER B 761 73.65 40.43 8.76
CA SER B 761 74.34 41.61 8.27
C SER B 761 75.83 41.36 8.03
N SER B 762 76.38 40.25 8.52
CA SER B 762 77.78 39.92 8.33
C SER B 762 77.99 38.90 7.21
N ASN B 763 76.96 38.63 6.43
CA ASN B 763 77.08 37.74 5.28
C ASN B 763 77.62 38.51 4.08
N PRO B 764 78.46 37.88 3.26
CA PRO B 764 78.98 38.59 2.07
C PRO B 764 77.91 39.09 1.12
N LEU B 765 76.75 38.43 1.08
CA LEU B 765 75.71 38.78 0.12
C LEU B 765 74.87 39.98 0.55
N THR B 766 74.99 40.42 1.80
CA THR B 766 74.15 41.53 2.26
C THR B 766 74.43 42.80 1.47
N ASN B 767 75.69 43.01 1.07
CA ASN B 767 76.07 44.19 0.29
C ASN B 767 76.23 43.83 -1.18
N SER B 768 75.28 43.08 -1.73
CA SER B 768 75.36 42.62 -3.10
C SER B 768 74.15 43.11 -3.89
N MET B 769 74.38 43.35 -5.19
CA MET B 769 73.31 43.80 -6.08
C MET B 769 72.42 42.65 -6.54
N ARG B 770 72.99 41.46 -6.75
CA ARG B 770 72.23 40.31 -7.20
C ARG B 770 71.52 39.57 -6.07
N LEU B 771 71.42 40.16 -4.88
CA LEU B 771 70.80 39.47 -3.75
C LEU B 771 69.35 39.12 -4.04
N GLU B 772 68.54 40.13 -4.38
CA GLU B 772 67.12 39.89 -4.68
C GLU B 772 66.96 38.86 -5.80
N GLU B 773 67.85 38.91 -6.79
CA GLU B 773 67.76 37.96 -7.90
C GLU B 773 68.11 36.54 -7.44
N LEU B 774 69.23 36.38 -6.74
CA LEU B 774 69.67 35.06 -6.33
C LEU B 774 68.77 34.48 -5.23
N TYR B 775 68.33 35.31 -4.29
CA TYR B 775 67.47 34.82 -3.22
C TYR B 775 66.13 34.34 -3.78
N GLY B 776 65.54 35.10 -4.70
CA GLY B 776 64.33 34.65 -5.36
C GLY B 776 64.54 33.39 -6.17
N LYS B 777 65.67 33.33 -6.88
CA LYS B 777 65.99 32.12 -7.66
C LYS B 777 66.14 30.91 -6.75
N TYR B 778 66.70 31.12 -5.55
CA TYR B 778 66.85 30.02 -4.60
C TYR B 778 65.53 29.69 -3.91
N SER B 779 64.81 30.71 -3.44
CA SER B 779 63.58 30.47 -2.71
C SER B 779 62.55 29.75 -3.56
N ARG B 780 62.59 29.95 -4.88
CA ARG B 780 61.74 29.17 -5.77
C ARG B 780 62.17 27.71 -5.80
N LYS B 781 63.48 27.47 -5.92
CA LYS B 781 63.99 26.10 -5.91
C LYS B 781 63.74 25.42 -4.57
N HIS B 782 63.67 26.20 -3.49
CA HIS B 782 63.42 25.62 -2.17
C HIS B 782 61.96 25.28 -1.98
N ASP B 783 61.05 26.15 -2.44
CA ASP B 783 59.63 25.84 -2.38
C ASP B 783 59.32 24.56 -3.15
N LEU B 784 59.90 24.40 -4.34
CA LEU B 784 59.72 23.15 -5.08
C LEU B 784 60.24 21.96 -4.28
N HIS B 785 61.43 22.07 -3.69
CA HIS B 785 62.00 20.96 -2.94
C HIS B 785 61.10 20.55 -1.78
N GLU B 786 60.58 21.53 -1.03
CA GLU B 786 59.63 21.21 0.03
C GLU B 786 58.28 20.79 -0.55
N ASP B 787 57.87 21.37 -1.68
CA ASP B 787 56.63 20.94 -2.32
C ASP B 787 56.77 19.55 -2.90
N MET B 788 57.93 19.26 -3.54
CA MET B 788 58.16 17.94 -4.10
C MET B 788 58.24 16.88 -3.01
N LYS B 789 58.91 17.19 -1.89
CA LYS B 789 58.99 16.25 -0.78
C LYS B 789 57.61 15.91 -0.24
N GLN B 790 56.71 16.88 -0.21
CA GLN B 790 55.32 16.59 0.19
C GLN B 790 54.70 15.55 -0.72
N LEU B 791 54.84 15.73 -2.04
CA LEU B 791 54.28 14.78 -2.99
C LEU B 791 55.03 13.46 -2.99
N LYS B 792 56.35 13.51 -2.77
CA LYS B 792 57.15 12.29 -2.80
C LYS B 792 56.70 11.27 -1.75
N ARG B 793 56.32 11.75 -0.56
CA ARG B 793 55.90 10.81 0.48
C ARG B 793 54.50 10.26 0.19
N LYS B 794 53.60 11.08 -0.37
CA LYS B 794 52.25 10.62 -0.65
C LYS B 794 52.24 9.46 -1.64
N ILE B 795 53.11 9.50 -2.64
CA ILE B 795 53.16 8.45 -3.65
C ILE B 795 53.61 7.12 -3.05
N SER B 796 54.52 7.17 -2.09
CA SER B 796 55.06 5.93 -1.53
C SER B 796 54.06 5.27 -0.59
N GLU B 797 53.42 6.05 0.29
CA GLU B 797 52.46 5.49 1.22
C GLU B 797 51.25 4.91 0.50
N SER B 798 50.88 5.47 -0.65
CA SER B 798 49.74 4.99 -1.40
C SER B 798 50.08 3.84 -2.35
N GLN B 799 51.36 3.61 -2.63
CA GLN B 799 51.76 2.46 -3.44
C GLN B 799 51.39 1.16 -2.73
N ALA B 800 51.60 1.11 -1.42
CA ALA B 800 51.22 -0.03 -0.60
C ALA B 800 49.73 0.04 -0.28
N VAL B 801 49.24 -0.97 0.45
CA VAL B 801 47.85 -0.99 0.86
C VAL B 801 47.59 0.22 1.78
N ILE B 802 46.36 0.73 1.71
CA ILE B 802 46.06 2.03 2.31
C ILE B 802 46.11 2.00 3.83
N GLN B 803 45.14 1.35 4.47
CA GLN B 803 45.05 1.36 5.93
C GLN B 803 45.65 0.11 6.58
N LEU B 804 46.65 -0.51 5.94
CA LEU B 804 47.34 -1.62 6.59
C LEU B 804 47.96 -1.20 7.92
N ASP B 805 48.42 0.05 8.03
CA ASP B 805 48.94 0.52 9.30
C ASP B 805 47.83 0.62 10.34
N ASP B 806 46.65 1.10 9.93
CA ASP B 806 45.53 1.18 10.87
C ASP B 806 45.06 -0.21 11.29
N LEU B 807 45.17 -1.20 10.40
CA LEU B 807 44.78 -2.56 10.76
C LEU B 807 45.69 -3.14 11.83
N ARG B 808 47.00 -2.94 11.71
CA ARG B 808 47.92 -3.40 12.74
C ARG B 808 47.71 -2.67 14.05
N ARG B 809 47.26 -1.41 13.98
CA ARG B 809 47.02 -0.64 15.19
C ARG B 809 45.72 -1.08 15.87
N ARG B 810 44.68 -1.37 15.10
CA ARG B 810 43.43 -1.83 15.68
C ARG B 810 43.58 -3.20 16.33
N LYS B 811 44.30 -4.12 15.67
CA LYS B 811 44.54 -5.44 16.25
C LYS B 811 45.24 -5.32 17.60
N ARG B 812 46.16 -4.37 17.73
CA ARG B 812 46.83 -4.14 19.00
C ARG B 812 45.84 -3.72 20.08
N VAL B 813 44.82 -2.94 19.72
CA VAL B 813 43.82 -2.51 20.69
C VAL B 813 42.99 -3.71 21.17
N LEU B 814 42.68 -4.63 20.26
CA LEU B 814 41.90 -5.81 20.62
C LEU B 814 42.69 -6.73 21.55
N ARG B 815 43.95 -6.99 21.21
CA ARG B 815 44.78 -7.88 22.03
C ARG B 815 45.01 -7.32 23.42
N ARG B 816 45.06 -5.99 23.57
CA ARG B 816 45.30 -5.40 24.87
C ARG B 816 44.08 -5.48 25.78
N LEU B 817 42.89 -5.32 25.22
CA LEU B 817 41.66 -5.32 26.01
C LEU B 817 41.17 -6.72 26.36
N GLY B 818 41.80 -7.76 25.81
CA GLY B 818 41.36 -9.13 26.06
C GLY B 818 40.27 -9.62 25.16
N PHE B 819 40.04 -8.97 24.01
CA PHE B 819 39.02 -9.40 23.07
C PHE B 819 39.48 -10.57 22.20
N CYS B 820 40.80 -10.76 22.08
CA CYS B 820 41.36 -11.95 21.46
C CYS B 820 42.73 -12.22 22.07
N THR B 821 43.18 -13.45 21.94
CA THR B 821 44.44 -13.86 22.53
C THR B 821 45.59 -13.10 21.87
N PRO B 822 46.77 -13.07 22.51
CA PRO B 822 47.94 -12.46 21.84
C PRO B 822 48.28 -13.07 20.50
N ASN B 823 47.75 -14.25 20.18
CA ASN B 823 47.92 -14.88 18.87
C ASN B 823 46.66 -14.78 18.01
N ASP B 824 45.83 -13.76 18.27
CA ASP B 824 44.65 -13.45 17.46
C ASP B 824 43.65 -14.61 17.38
N ILE B 825 43.55 -15.42 18.43
CA ILE B 825 42.43 -16.34 18.57
C ILE B 825 41.31 -15.60 19.29
N ILE B 826 40.11 -15.62 18.69
CA ILE B 826 39.01 -14.83 19.23
C ILE B 826 38.67 -15.32 20.63
N GLU B 827 38.32 -14.38 21.51
CA GLU B 827 37.98 -14.67 22.88
C GLU B 827 36.51 -14.38 23.14
N LEU B 828 36.06 -14.77 24.34
CA LEU B 828 34.66 -14.54 24.71
C LEU B 828 34.35 -13.06 24.73
N LYS B 829 35.24 -12.23 25.29
CA LYS B 829 35.07 -10.79 25.23
C LYS B 829 34.92 -10.31 23.79
N GLY B 830 35.61 -10.95 22.86
CA GLY B 830 35.49 -10.59 21.45
C GLY B 830 34.23 -11.17 20.82
N ARG B 831 33.86 -12.39 21.20
CA ARG B 831 32.66 -13.01 20.67
C ARG B 831 31.43 -12.18 21.02
N VAL B 832 31.32 -11.74 22.28
CA VAL B 832 30.15 -10.97 22.69
C VAL B 832 30.21 -9.56 22.12
N ALA B 833 31.41 -9.02 21.89
CA ALA B 833 31.53 -7.70 21.26
C ALA B 833 31.12 -7.76 19.80
N CYS B 834 31.17 -8.96 19.21
CA CYS B 834 30.77 -9.14 17.83
C CYS B 834 29.27 -8.98 17.65
N GLU B 835 28.49 -9.24 18.70
CA GLU B 835 27.03 -9.14 18.63
C GLU B 835 26.53 -7.71 18.78
N ILE B 836 27.35 -6.81 19.31
CA ILE B 836 26.94 -5.44 19.57
C ILE B 836 27.31 -4.57 18.37
N SER B 837 26.32 -3.84 17.84
CA SER B 837 26.56 -2.95 16.70
C SER B 837 25.84 -1.61 16.78
N SER B 838 24.89 -1.42 17.69
CA SER B 838 24.17 -0.16 17.82
C SER B 838 24.84 0.80 18.79
N GLY B 839 26.15 0.69 18.97
CA GLY B 839 26.88 1.56 19.87
C GLY B 839 28.34 1.15 19.89
N ASP B 840 29.12 1.86 20.71
CA ASP B 840 30.52 1.53 20.86
C ASP B 840 30.67 0.12 21.41
N GLU B 841 31.08 -0.81 20.55
CA GLU B 841 31.17 -2.21 20.94
C GLU B 841 32.24 -2.44 22.00
N LEU B 842 33.31 -1.64 22.00
CA LEU B 842 34.40 -1.83 22.94
C LEU B 842 33.96 -1.46 24.36
N LEU B 843 33.41 -0.25 24.53
CA LEU B 843 33.06 0.21 25.86
C LEU B 843 31.89 -0.60 26.43
N LEU B 844 30.89 -0.89 25.61
CA LEU B 844 29.76 -1.69 26.07
C LEU B 844 30.20 -3.08 26.52
N THR B 845 31.14 -3.67 25.80
CA THR B 845 31.66 -4.98 26.20
C THR B 845 32.51 -4.86 27.47
N GLU B 846 33.40 -3.86 27.53
CA GLU B 846 34.22 -3.67 28.71
C GLU B 846 33.36 -3.31 29.92
N LEU B 847 32.31 -2.54 29.71
CA LEU B 847 31.40 -2.20 30.81
C LEU B 847 30.59 -3.41 31.24
N ILE B 848 30.18 -4.25 30.29
CA ILE B 848 29.36 -5.42 30.61
C ILE B 848 30.14 -6.41 31.47
N PHE B 849 31.38 -6.72 31.07
CA PHE B 849 32.15 -7.72 31.80
C PHE B 849 32.54 -7.24 33.20
N ASN B 850 32.69 -5.93 33.38
CA ASN B 850 33.01 -5.40 34.70
C ASN B 850 31.82 -5.44 35.65
N GLY B 851 30.63 -5.78 35.16
CA GLY B 851 29.46 -5.86 36.01
C GLY B 851 28.93 -4.53 36.49
N ASN B 852 29.18 -3.45 35.72
CA ASN B 852 28.67 -2.15 36.12
C ASN B 852 27.15 -2.07 36.00
N PHE B 853 26.58 -2.77 35.02
CA PHE B 853 25.13 -2.73 34.80
C PHE B 853 24.37 -3.65 35.75
N ASN B 854 25.05 -4.53 36.47
CA ASN B 854 24.35 -5.49 37.33
C ASN B 854 23.73 -4.81 38.55
N GLU B 855 24.50 -3.98 39.25
CA GLU B 855 24.05 -3.37 40.48
C GLU B 855 23.09 -2.21 40.25
N LEU B 856 22.83 -1.83 39.01
CA LEU B 856 21.98 -0.69 38.70
C LEU B 856 20.55 -1.17 38.45
N LYS B 857 19.58 -0.41 38.99
CA LYS B 857 18.19 -0.70 38.74
C LYS B 857 17.88 -0.51 37.26
N PRO B 858 16.83 -1.15 36.75
CA PRO B 858 16.49 -0.99 35.32
C PRO B 858 16.24 0.45 34.90
N GLU B 859 15.67 1.27 35.79
CA GLU B 859 15.48 2.69 35.47
C GLU B 859 16.81 3.42 35.35
N GLN B 860 17.84 2.98 36.07
CA GLN B 860 19.15 3.63 36.01
C GLN B 860 19.93 3.21 34.77
N ALA B 861 19.91 1.93 34.43
CA ALA B 861 20.70 1.44 33.29
C ALA B 861 20.23 2.04 31.98
N ALA B 862 18.91 2.18 31.81
CA ALA B 862 18.37 2.71 30.55
C ALA B 862 18.91 4.11 30.27
N ALA B 863 19.01 4.96 31.28
CA ALA B 863 19.57 6.29 31.09
C ALA B 863 21.03 6.23 30.69
N LEU B 864 21.80 5.31 31.30
CA LEU B 864 23.20 5.13 30.92
C LEU B 864 23.32 4.73 29.45
N LEU B 865 22.57 3.71 29.03
CA LEU B 865 22.64 3.25 27.64
C LEU B 865 22.15 4.29 26.66
N SER B 866 21.34 5.26 27.11
CA SER B 866 20.90 6.33 26.23
C SER B 866 22.09 7.14 25.69
N CYS B 867 23.17 7.21 26.45
CA CYS B 867 24.38 7.90 26.00
C CYS B 867 25.06 7.20 24.82
N PHE B 868 24.64 5.99 24.48
CA PHE B 868 25.22 5.24 23.38
C PHE B 868 24.39 5.30 22.10
N ALA B 869 23.19 5.87 22.15
CA ALA B 869 22.29 5.88 21.01
C ALA B 869 21.93 7.26 20.49
N PHE B 870 22.33 8.32 21.18
CA PHE B 870 21.98 9.69 20.80
C PHE B 870 23.23 10.37 20.24
N GLN B 871 23.23 10.61 18.93
CA GLN B 871 24.37 11.21 18.24
C GLN B 871 24.22 12.71 18.03
N GLU B 872 23.00 13.21 17.90
CA GLU B 872 22.78 14.62 17.64
C GLU B 872 23.20 15.47 18.84
N ARG B 873 23.54 16.72 18.55
CA ARG B 873 23.86 17.68 19.61
C ARG B 873 22.56 18.19 20.23
N CYS B 874 22.67 18.68 21.45
CA CYS B 874 21.51 19.23 22.15
C CYS B 874 21.96 20.33 23.08
N LYS B 875 20.99 20.97 23.73
CA LYS B 875 21.29 21.99 24.73
C LYS B 875 22.00 21.36 25.91
N GLU B 876 22.89 22.14 26.53
CA GLU B 876 23.61 21.66 27.71
C GLU B 876 22.60 21.16 28.74
N ALA B 877 22.81 19.95 29.21
CA ALA B 877 21.82 19.32 30.07
C ALA B 877 21.87 19.93 31.46
N PRO B 878 20.76 19.88 32.20
CA PRO B 878 20.78 20.33 33.60
C PRO B 878 21.69 19.43 34.42
N ARG B 879 22.07 19.94 35.60
CA ARG B 879 22.96 19.21 36.48
C ARG B 879 22.35 17.85 36.82
N LEU B 880 23.16 16.80 36.69
CA LEU B 880 22.66 15.45 36.90
C LEU B 880 22.43 15.18 38.38
N LYS B 881 21.35 14.45 38.67
CA LYS B 881 21.09 14.03 40.03
C LYS B 881 22.17 13.04 40.48
N PRO B 882 22.35 12.87 41.79
CA PRO B 882 23.40 11.95 42.26
C PRO B 882 23.19 10.51 41.84
N GLU B 883 21.94 10.10 41.61
CA GLU B 883 21.67 8.70 41.29
C GLU B 883 22.15 8.33 39.89
N LEU B 884 22.23 9.31 38.97
CA LEU B 884 22.64 9.04 37.61
C LEU B 884 24.05 9.50 37.27
N ALA B 885 24.64 10.39 38.06
CA ALA B 885 25.98 10.89 37.75
C ALA B 885 27.08 9.88 38.10
N GLU B 886 26.82 9.00 39.07
CA GLU B 886 27.85 8.03 39.46
C GLU B 886 28.06 6.95 38.39
N PRO B 887 27.02 6.29 37.86
CA PRO B 887 27.27 5.31 36.79
C PRO B 887 27.85 5.94 35.53
N LEU B 888 27.51 7.20 35.25
CA LEU B 888 28.09 7.88 34.09
C LEU B 888 29.58 8.10 34.28
N LYS B 889 29.97 8.66 35.43
CA LYS B 889 31.40 8.82 35.73
C LYS B 889 32.10 7.47 35.82
N ALA B 890 31.39 6.43 36.27
CA ALA B 890 31.98 5.09 36.29
C ALA B 890 32.17 4.54 34.88
N MET B 891 31.33 4.98 33.93
CA MET B 891 31.51 4.58 32.55
C MET B 891 32.51 5.49 31.83
N ARG B 892 32.51 6.78 32.18
CA ARG B 892 33.52 7.67 31.63
C ARG B 892 34.91 7.32 32.10
N GLU B 893 35.02 6.71 33.29
CA GLU B 893 36.31 6.21 33.75
C GLU B 893 36.79 5.06 32.87
N ILE B 894 35.90 4.13 32.54
CA ILE B 894 36.25 3.05 31.64
C ILE B 894 36.55 3.60 30.25
N ALA B 895 35.82 4.64 29.85
CA ALA B 895 36.07 5.28 28.55
C ALA B 895 37.47 5.89 28.49
N ALA B 896 37.88 6.56 29.57
CA ALA B 896 39.19 7.19 29.58
C ALA B 896 40.32 6.17 29.52
N LYS B 897 40.14 5.02 30.18
CA LYS B 897 41.14 3.97 30.09
C LYS B 897 41.32 3.47 28.67
N ILE B 898 40.25 3.49 27.87
CA ILE B 898 40.35 3.07 26.47
C ILE B 898 41.06 4.14 25.64
N ALA B 899 40.76 5.41 25.91
CA ALA B 899 41.35 6.49 25.10
C ALA B 899 42.86 6.50 25.20
N LYS B 900 43.40 6.29 26.40
CA LYS B 900 44.84 6.18 26.55
C LYS B 900 45.40 4.99 25.80
N ILE B 901 44.62 3.91 25.68
CA ILE B 901 45.09 2.72 24.97
C ILE B 901 45.14 2.97 23.47
N MET B 902 44.17 3.72 22.94
CA MET B 902 44.20 4.05 21.51
C MET B 902 45.38 4.96 21.18
N LYS B 903 45.66 5.94 22.02
CA LYS B 903 46.82 6.81 21.79
C LYS B 903 48.12 6.03 21.92
N ASP B 904 48.24 5.17 22.93
CA ASP B 904 49.46 4.40 23.11
C ASP B 904 49.65 3.36 22.01
N SER B 905 48.56 2.79 21.48
CA SER B 905 48.62 1.82 20.40
C SER B 905 48.85 2.45 19.03
N LYS B 906 49.13 3.75 18.99
CA LYS B 906 49.44 4.48 17.76
C LYS B 906 48.21 4.68 16.88
N ILE B 907 47.03 4.80 17.50
CA ILE B 907 45.81 5.14 16.80
C ILE B 907 45.54 6.64 17.02
N GLU B 908 45.21 7.34 15.94
CA GLU B 908 44.94 8.77 16.02
C GLU B 908 43.67 9.00 16.85
N VAL B 909 43.85 9.47 18.08
CA VAL B 909 42.74 9.60 19.01
C VAL B 909 43.02 10.77 19.95
N VAL B 910 41.99 11.59 20.17
CA VAL B 910 42.02 12.64 21.18
C VAL B 910 41.38 12.09 22.44
N GLU B 911 42.15 12.02 23.52
CA GLU B 911 41.68 11.36 24.75
C GLU B 911 40.42 12.02 25.27
N LYS B 912 40.40 13.35 25.34
CA LYS B 912 39.21 14.05 25.84
C LYS B 912 38.02 13.85 24.92
N ASP B 913 38.25 13.85 23.60
CA ASP B 913 37.16 13.75 22.64
C ASP B 913 36.43 12.41 22.75
N TYR B 914 37.16 11.33 22.99
CA TYR B 914 36.53 10.00 23.01
C TYR B 914 35.56 9.84 24.17
N VAL B 915 35.94 10.31 25.35
CA VAL B 915 35.08 10.16 26.52
C VAL B 915 33.80 10.97 26.35
N GLU B 916 33.89 12.13 25.70
CA GLU B 916 32.73 13.00 25.51
C GLU B 916 31.89 12.64 24.30
N SER B 917 32.36 11.70 23.45
CA SER B 917 31.62 11.34 22.25
C SER B 917 30.27 10.68 22.54
N PHE B 918 30.03 10.28 23.79
CA PHE B 918 28.78 9.66 24.20
C PHE B 918 27.92 10.77 24.82
N ARG B 919 27.05 11.35 23.99
CA ARG B 919 26.26 12.50 24.43
C ARG B 919 25.33 12.09 25.56
N HIS B 920 25.48 12.75 26.70
CA HIS B 920 24.69 12.47 27.90
C HIS B 920 23.59 13.50 28.12
N GLU B 921 23.37 14.42 27.18
CA GLU B 921 22.41 15.49 27.38
C GLU B 921 20.98 14.97 27.51
N LEU B 922 20.69 13.79 26.97
CA LEU B 922 19.37 13.19 27.05
C LEU B 922 19.30 12.08 28.10
N MET B 923 20.35 11.92 28.92
CA MET B 923 20.33 10.88 29.94
C MET B 923 19.20 11.09 30.93
N GLU B 924 19.00 12.34 31.38
CA GLU B 924 17.91 12.63 32.31
C GLU B 924 16.54 12.40 31.68
N VAL B 925 16.43 12.60 30.36
CA VAL B 925 15.16 12.34 29.67
C VAL B 925 14.80 10.86 29.77
N VAL B 926 15.76 9.99 29.49
CA VAL B 926 15.51 8.55 29.56
C VAL B 926 15.27 8.12 31.00
N TYR B 927 15.98 8.74 31.95
CA TYR B 927 15.84 8.38 33.36
C TYR B 927 14.42 8.66 33.85
N GLU B 928 13.92 9.88 33.61
CA GLU B 928 12.58 10.24 34.09
C GLU B 928 11.49 9.45 33.40
N TRP B 929 11.68 9.13 32.11
CA TRP B 929 10.70 8.33 31.39
C TRP B 929 10.53 6.94 32.00
N CYS B 930 11.62 6.36 32.49
CA CYS B 930 11.55 5.04 33.10
C CYS B 930 10.85 5.03 34.45
N ARG B 931 10.61 6.18 35.05
CA ARG B 931 9.88 6.26 36.30
C ARG B 931 8.38 6.38 36.09
N GLY B 932 7.92 6.46 34.85
CA GLY B 932 6.51 6.55 34.53
C GLY B 932 6.06 7.89 34.01
N ALA B 933 6.96 8.87 33.93
CA ALA B 933 6.59 10.21 33.48
C ALA B 933 6.01 10.17 32.07
N THR B 934 5.05 11.05 31.83
CA THR B 934 4.40 11.12 30.52
C THR B 934 5.27 11.90 29.54
N PHE B 935 4.97 11.73 28.25
CA PHE B 935 5.74 12.39 27.22
C PHE B 935 5.53 13.91 27.24
N THR B 936 4.31 14.35 27.55
CA THR B 936 4.05 15.79 27.63
C THR B 936 4.87 16.46 28.74
N GLN B 937 5.17 15.72 29.81
CA GLN B 937 5.97 16.29 30.89
C GLN B 937 7.44 16.34 30.54
N ILE B 938 7.95 15.29 29.89
CA ILE B 938 9.39 15.23 29.57
C ILE B 938 9.77 16.10 28.38
N CYS B 939 8.83 16.41 27.49
CA CYS B 939 9.15 17.23 26.33
C CYS B 939 9.52 18.66 26.71
N LYS B 940 9.13 19.11 27.90
CA LYS B 940 9.49 20.44 28.38
C LYS B 940 10.85 20.48 29.07
N MET B 941 11.60 19.37 29.04
CA MET B 941 12.88 19.29 29.74
C MET B 941 14.09 19.48 28.83
N THR B 942 13.93 19.31 27.52
CA THR B 942 15.06 19.41 26.60
C THR B 942 14.69 20.26 25.40
N ASP B 943 15.71 20.68 24.67
CA ASP B 943 15.54 21.44 23.43
C ASP B 943 15.53 20.55 22.20
N VAL B 944 15.51 19.23 22.39
CA VAL B 944 15.49 18.29 21.26
C VAL B 944 14.08 18.21 20.70
N TYR B 945 13.96 18.19 19.37
CA TYR B 945 12.67 18.08 18.73
C TYR B 945 12.03 16.73 19.06
N GLU B 946 10.69 16.69 18.96
CA GLU B 946 9.93 15.52 19.38
C GLU B 946 10.29 14.29 18.55
N GLY B 947 10.30 14.44 17.22
CA GLY B 947 10.62 13.32 16.36
C GLY B 947 12.00 12.74 16.63
N SER B 948 12.98 13.61 16.90
CA SER B 948 14.33 13.15 17.22
C SER B 948 14.33 12.30 18.49
N LEU B 949 13.56 12.71 19.50
CA LEU B 949 13.45 11.91 20.72
C LEU B 949 12.92 10.51 20.42
N ILE B 950 11.88 10.42 19.58
CA ILE B 950 11.31 9.13 19.24
C ILE B 950 12.33 8.26 18.51
N ARG B 951 13.10 8.86 17.59
CA ARG B 951 14.08 8.10 16.83
C ARG B 951 15.14 7.49 17.74
N MET B 952 15.59 8.24 18.75
CA MET B 952 16.63 7.73 19.64
C MET B 952 16.08 6.65 20.57
N PHE B 953 14.85 6.82 21.05
CA PHE B 953 14.21 5.77 21.83
C PHE B 953 14.08 4.49 21.02
N LYS B 954 13.61 4.61 19.77
CA LYS B 954 13.55 3.45 18.89
C LYS B 954 14.95 2.91 18.61
N ARG B 955 15.93 3.81 18.44
CA ARG B 955 17.31 3.37 18.29
C ARG B 955 17.83 2.73 19.57
N LEU B 956 17.35 3.19 20.73
CA LEU B 956 17.72 2.56 21.99
C LEU B 956 17.10 1.16 22.10
N GLU B 957 15.89 1.00 21.57
CA GLU B 957 15.27 -0.32 21.52
C GLU B 957 16.14 -1.31 20.78
N GLU B 958 16.66 -0.91 19.61
CA GLU B 958 17.50 -1.79 18.80
C GLU B 958 18.73 -2.24 19.57
N LEU B 959 19.35 -1.33 20.33
CA LEU B 959 20.56 -1.66 21.07
C LEU B 959 20.27 -2.68 22.18
N VAL B 960 19.18 -2.48 22.93
CA VAL B 960 18.87 -3.37 24.05
C VAL B 960 18.60 -4.78 23.56
N LYS B 961 17.97 -4.92 22.38
CA LYS B 961 17.73 -6.24 21.82
C LYS B 961 19.02 -6.98 21.54
N GLU B 962 20.08 -6.26 21.16
CA GLU B 962 21.37 -6.92 20.94
C GLU B 962 21.96 -7.41 22.25
N LEU B 963 21.85 -6.62 23.32
CA LEU B 963 22.34 -7.06 24.62
C LEU B 963 21.50 -8.19 25.19
N VAL B 964 20.24 -8.31 24.79
CA VAL B 964 19.45 -9.46 25.18
C VAL B 964 20.00 -10.73 24.55
N ASP B 965 20.23 -10.70 23.23
CA ASP B 965 20.78 -11.86 22.54
C ASP B 965 22.21 -12.17 22.98
N VAL B 966 22.98 -11.15 23.37
CA VAL B 966 24.36 -11.42 23.78
C VAL B 966 24.39 -12.11 25.14
N ALA B 967 23.48 -11.73 26.04
CA ALA B 967 23.40 -12.41 27.33
C ALA B 967 23.01 -13.87 27.17
N ASN B 968 22.32 -14.20 26.08
CA ASN B 968 22.03 -15.59 25.76
C ASN B 968 23.31 -16.32 25.37
N THR B 969 24.14 -15.70 24.55
CA THR B 969 25.39 -16.33 24.13
C THR B 969 26.39 -16.38 25.29
N ILE B 970 26.47 -15.31 26.08
CA ILE B 970 27.37 -15.29 27.22
C ILE B 970 26.87 -16.19 28.34
N GLY B 971 25.58 -16.54 28.33
CA GLY B 971 25.04 -17.41 29.37
C GLY B 971 24.89 -16.75 30.72
N ASN B 972 24.66 -15.44 30.75
CA ASN B 972 24.48 -14.69 31.99
C ASN B 972 22.99 -14.48 32.21
N SER B 973 22.41 -15.27 33.12
CA SER B 973 20.97 -15.16 33.37
C SER B 973 20.65 -13.90 34.17
N SER B 974 21.56 -13.48 35.06
CA SER B 974 21.34 -12.24 35.81
C SER B 974 21.33 -11.02 34.90
N LEU B 975 22.16 -11.04 33.84
CA LEU B 975 22.19 -9.92 32.92
C LEU B 975 20.96 -9.91 32.00
N LYS B 976 20.46 -11.09 31.64
CA LYS B 976 19.31 -11.16 30.74
C LYS B 976 18.06 -10.55 31.37
N GLU B 977 17.79 -10.89 32.64
CA GLU B 977 16.59 -10.39 33.31
C GLU B 977 16.57 -8.88 33.41
N LYS B 978 17.74 -8.24 33.50
CA LYS B 978 17.77 -6.79 33.65
C LYS B 978 17.36 -6.08 32.36
N MET B 979 18.03 -6.41 31.24
CA MET B 979 17.74 -5.74 29.98
C MET B 979 16.33 -6.04 29.49
N GLU B 980 15.85 -7.27 29.73
CA GLU B 980 14.48 -7.61 29.35
C GLU B 980 13.48 -6.74 30.10
N ALA B 981 13.70 -6.52 31.40
CA ALA B 981 12.85 -5.60 32.16
C ALA B 981 12.98 -4.17 31.66
N VAL B 982 14.17 -3.79 31.19
CA VAL B 982 14.37 -2.46 30.63
C VAL B 982 13.59 -2.31 29.33
N LEU B 983 13.59 -3.34 28.49
CA LEU B 983 12.93 -3.26 27.19
C LEU B 983 11.43 -3.11 27.35
N LYS B 984 10.81 -3.93 28.20
CA LYS B 984 9.38 -3.79 28.46
C LYS B 984 9.03 -2.44 29.07
N LEU B 985 9.99 -1.82 29.77
CA LEU B 985 9.72 -0.53 30.43
C LEU B 985 9.78 0.64 29.45
N ILE B 986 10.63 0.56 28.43
CA ILE B 986 10.75 1.66 27.46
C ILE B 986 9.56 1.69 26.52
N HIS B 987 9.14 0.54 26.00
CA HIS B 987 8.09 0.46 25.00
C HIS B 987 6.76 0.83 25.64
N ARG B 988 6.34 2.09 25.47
CA ARG B 988 5.15 2.60 26.13
C ARG B 988 4.61 3.81 25.37
N ASP B 989 3.28 3.85 25.22
CA ASP B 989 2.55 5.04 24.75
C ASP B 989 2.98 5.36 23.32
N ILE B 990 3.53 6.54 23.04
CA ILE B 990 3.80 6.94 21.67
C ILE B 990 4.92 6.10 21.06
N VAL B 991 5.91 5.74 21.88
CA VAL B 991 7.02 4.94 21.38
C VAL B 991 6.55 3.56 20.97
N SER B 992 5.47 3.06 21.58
CA SER B 992 4.94 1.75 21.22
C SER B 992 4.15 1.79 19.93
N ALA B 993 3.72 2.98 19.49
CA ALA B 993 3.02 3.10 18.22
C ALA B 993 3.98 2.78 17.07
N GLY B 994 3.43 2.28 15.99
CA GLY B 994 4.24 1.89 14.84
C GLY B 994 3.41 1.19 13.80
N SER B 995 4.10 0.76 12.74
CA SER B 995 3.50 0.08 11.60
C SER B 995 2.37 0.87 10.96
N LEU B 996 2.40 2.21 11.10
CA LEU B 996 1.36 3.05 10.52
C LEU B 996 1.50 3.20 9.01
N TYR B 997 2.45 2.50 8.39
CA TYR B 997 2.67 2.61 6.95
C TYR B 997 1.52 1.96 6.19
N LEU B 998 1.67 1.89 4.87
CA LEU B 998 0.65 1.36 3.99
C LEU B 998 0.32 -0.10 4.31
N ALA C 6 -51.73 -61.97 10.08
CA ALA C 6 -50.42 -62.48 9.70
C ALA C 6 -49.31 -61.53 10.16
N LEU C 7 -48.93 -60.61 9.29
CA LEU C 7 -47.95 -59.59 9.60
C LEU C 7 -48.57 -58.28 10.04
N PHE C 8 -49.90 -58.19 10.06
CA PHE C 8 -50.59 -56.94 10.37
C PHE C 8 -52.00 -57.29 10.83
N HIS C 9 -52.83 -56.26 10.94
CA HIS C 9 -54.26 -56.45 11.16
C HIS C 9 -55.00 -55.34 10.43
N VAL C 10 -56.28 -55.57 10.16
CA VAL C 10 -57.14 -54.54 9.62
C VAL C 10 -57.62 -53.65 10.75
N ASP C 11 -57.38 -52.34 10.63
CA ASP C 11 -57.77 -51.38 11.66
C ASP C 11 -58.56 -50.25 11.00
N VAL C 12 -59.73 -49.97 11.54
CA VAL C 12 -60.63 -48.99 10.95
C VAL C 12 -61.10 -48.02 12.02
N GLU C 13 -60.86 -48.36 13.28
CA GLU C 13 -61.21 -47.48 14.39
C GLU C 13 -60.09 -46.48 14.62
N GLY C 14 -60.50 -45.24 14.96
CA GLY C 14 -59.58 -44.17 15.18
C GLY C 14 -59.44 -43.86 16.67
N ASP C 15 -58.21 -43.93 17.16
CA ASP C 15 -57.95 -43.70 18.56
C ASP C 15 -58.20 -42.25 18.94
N GLU C 16 -58.31 -42.01 20.25
CA GLU C 16 -58.53 -40.71 20.87
C GLU C 16 -59.85 -40.06 20.47
N ILE C 17 -60.77 -40.83 19.89
CA ILE C 17 -62.09 -40.33 19.49
C ILE C 17 -62.02 -39.10 18.60
N ALA D 6 46.42 65.98 13.81
CA ALA D 6 45.55 66.38 12.70
C ALA D 6 44.20 65.69 12.75
N LEU D 7 44.13 64.50 12.14
CA LEU D 7 42.91 63.71 12.10
C LEU D 7 42.93 62.56 13.08
N PHE D 8 44.01 62.43 13.86
CA PHE D 8 44.17 61.31 14.78
C PHE D 8 45.18 61.72 15.84
N HIS D 9 45.31 60.86 16.86
CA HIS D 9 46.25 61.08 17.94
C HIS D 9 47.02 59.80 18.22
N VAL D 10 48.16 59.95 18.87
CA VAL D 10 49.12 58.88 19.09
C VAL D 10 49.15 58.50 20.56
N ASP D 11 49.25 57.20 20.84
CA ASP D 11 49.32 56.71 22.21
C ASP D 11 50.32 55.56 22.30
N VAL D 12 50.90 55.41 23.48
CA VAL D 12 51.82 54.30 23.77
C VAL D 12 51.56 53.82 25.19
N GLU D 13 50.48 54.32 25.81
CA GLU D 13 50.08 53.95 27.16
C GLU D 13 48.76 53.18 27.11
N GLY D 14 48.62 52.19 27.99
CA GLY D 14 47.45 51.34 28.04
C GLY D 14 46.66 51.58 29.31
N ASP D 15 45.33 51.60 29.17
CA ASP D 15 44.45 51.83 30.29
C ASP D 15 44.08 50.51 30.97
N GLU D 16 43.61 50.62 32.22
CA GLU D 16 43.20 49.48 33.02
C GLU D 16 44.33 48.49 33.23
N ILE D 17 45.57 48.97 33.22
CA ILE D 17 46.75 48.14 33.44
C ILE D 17 47.61 48.82 34.51
N LEU D 18 48.04 48.05 35.50
CA LEU D 18 48.84 48.56 36.61
C LEU D 18 50.24 47.95 36.56
N LYS D 19 51.24 48.79 36.76
CA LYS D 19 52.64 48.34 36.75
C LYS D 19 52.99 47.64 38.05
#